data_8D7K
#
_entry.id   8D7K
#
_cell.length_a   97.594
_cell.length_b   107.438
_cell.length_c   105.415
_cell.angle_alpha   90.000
_cell.angle_beta   91.520
_cell.angle_gamma   90.000
#
_symmetry.space_group_name_H-M   'P 1 21 1'
#
loop_
_entity.id
_entity.type
_entity.pdbx_description
1 polymer 'Cathepsin G, C-terminal truncated form'
2 polymer 'Extracellular Adherence Protein'
3 polymer 'Neutrophil elastase'
#
loop_
_entity_poly.entity_id
_entity_poly.type
_entity_poly.pdbx_seq_one_letter_code
_entity_poly.pdbx_strand_id
1 'polypeptide(L)'
;IIGGRESRPHSRPYMAYLQIQSPAGQSRCGGFLVREDFVLTAAHCWGSNINVTLGAHNIQRRENTQQHITARRAIRHPQY
NQRTIQNDIMLLQLSRRVRRNRNVNPVALPRAQEGLRPGTLCTVAGWGRVSMRRGTDTLREVQLRVQRDRQCLRIFGSYD
PRRQICVGDRRERKAAFKGDSGGPLLCNNVAHGIVSYGKSSGVPPEVFTRVSSFLPWIRTTMR
;
C,F,I,L
2 'polypeptide(L)'
;GSTVQVPYTITVNGTSQNILSNLTFNKNQNISYKDLEGKVKSVLESNRGITDVDLRLSKQAKYTVNFKNGTKKVIDLKSG
IYTANLINSSDIKSININVD
;
B,E,H,K
3 'polypeptide(L)'
;IVGGRRARPHAWPFMVSLQLRGGHFCGATLIAPNFVMSAAHCVANVNVRAVRVVLGAHNLSRREPTRQVFAVQRIFENGY
DPVNLLNDIVILQLNGSATINANVQVAQLPAQGRRLGNGVQCLAMGWGLLGRNRGIASVLQELNVTVVTSLCRRSNVCTL
VRGRQAGVCFGDSGSPLVCNGLIHGIASFVRGGCASGLYPDAFAPVAQFVNWIDSIIQ
;
A,D,G,J
#
# COMPACT_ATOMS: atom_id res chain seq x y z
N ILE A 1 -9.21 27.56 30.51
CA ILE A 1 -10.31 28.34 29.97
C ILE A 1 -10.71 27.71 28.67
N ILE A 2 -11.99 27.42 28.51
CA ILE A 2 -12.53 26.83 27.30
C ILE A 2 -13.17 27.92 26.48
N GLY A 3 -12.81 28.01 25.22
CA GLY A 3 -13.41 28.98 24.35
C GLY A 3 -12.86 30.39 24.44
N GLY A 4 -11.64 30.56 24.98
CA GLY A 4 -11.09 31.88 25.23
C GLY A 4 -9.84 32.15 24.42
N ARG A 5 -9.31 33.35 24.64
CA ARG A 5 -8.09 33.79 23.97
C ARG A 5 -7.09 34.25 25.00
N GLU A 6 -5.80 34.20 24.64
CA GLU A 6 -4.73 34.53 25.59
C GLU A 6 -4.84 35.97 26.12
N SER A 7 -4.80 36.10 27.44
CA SER A 7 -4.87 37.40 28.09
C SER A 7 -3.62 38.23 27.82
N ARG A 8 -3.81 39.54 27.64
CA ARG A 8 -2.68 40.46 27.54
C ARG A 8 -1.82 40.37 28.80
N PRO A 9 -0.49 40.21 28.67
CA PRO A 9 0.36 40.04 29.86
C PRO A 9 0.13 41.12 30.90
N HIS A 10 -0.14 40.69 32.12
CA HIS A 10 -0.34 41.49 33.33
C HIS A 10 -1.53 42.44 33.25
N SER A 11 -2.34 42.35 32.19
CA SER A 11 -3.57 43.13 32.14
C SER A 11 -4.52 42.83 33.32
N ARG A 12 -4.26 41.77 34.08
CA ARG A 12 -5.10 41.41 35.22
C ARG A 12 -4.21 41.14 36.42
N PRO A 13 -3.71 42.19 37.09
CA PRO A 13 -2.66 42.00 38.11
C PRO A 13 -3.12 41.40 39.43
N TYR A 14 -4.39 41.07 39.56
CA TYR A 14 -4.90 40.49 40.80
C TYR A 14 -4.80 38.97 40.81
N MET A 15 -4.59 38.33 39.66
CA MET A 15 -4.57 36.88 39.57
C MET A 15 -3.49 36.25 40.43
N ALA A 16 -3.90 35.24 41.18
CA ALA A 16 -3.01 34.36 41.92
C ALA A 16 -3.03 32.99 41.26
N TYR A 17 -1.97 32.24 41.50
CA TYR A 17 -1.81 30.88 41.01
C TYR A 17 -1.40 30.06 42.21
N LEU A 18 -2.26 29.13 42.61
CA LEU A 18 -2.04 28.36 43.82
C LEU A 18 -1.51 26.97 43.49
N GLN A 19 -0.54 26.53 44.27
CA GLN A 19 -0.08 25.15 44.22
C GLN A 19 -0.42 24.52 45.57
N ILE A 20 -1.08 23.36 45.52
CA ILE A 20 -1.69 22.77 46.70
C ILE A 20 -1.18 21.34 46.88
N GLN A 21 -0.86 20.98 48.12
CA GLN A 21 -0.38 19.65 48.49
C GLN A 21 -1.50 18.87 49.17
N SER A 22 -1.91 17.80 48.54
CA SER A 22 -2.95 16.92 49.06
C SER A 22 -2.33 15.68 49.68
N PRO A 23 -3.10 14.93 50.46
CA PRO A 23 -2.55 13.66 50.97
C PRO A 23 -2.03 12.74 49.88
N ALA A 24 -2.54 12.84 48.64
CA ALA A 24 -2.26 11.86 47.61
C ALA A 24 -1.63 12.45 46.36
N GLY A 25 -1.31 13.74 46.36
CA GLY A 25 -0.81 14.37 45.16
C GLY A 25 -0.99 15.88 45.21
N GLN A 26 -0.96 16.49 44.04
CA GLN A 26 -1.00 17.94 43.96
C GLN A 26 -2.25 18.40 43.23
N SER A 27 -2.70 19.58 43.62
CA SER A 27 -3.80 20.27 42.95
C SER A 27 -3.36 21.71 42.66
N ARG A 28 -4.02 22.32 41.68
CA ARG A 28 -3.64 23.63 41.21
C ARG A 28 -4.91 24.43 41.00
N CYS A 29 -4.89 25.68 41.49
CA CYS A 29 -6.06 26.54 41.46
C CYS A 29 -5.63 27.94 41.14
N GLY A 30 -6.63 28.80 40.93
CA GLY A 30 -6.44 30.23 40.86
C GLY A 30 -7.09 30.90 42.06
N GLY A 31 -6.81 32.18 42.17
CA GLY A 31 -7.32 32.97 43.27
C GLY A 31 -7.09 34.39 42.84
N PHE A 32 -7.51 35.32 43.69
CA PHE A 32 -7.27 36.73 43.39
C PHE A 32 -6.99 37.47 44.68
N LEU A 33 -6.09 38.45 44.57
CA LEU A 33 -5.67 39.28 45.69
C LEU A 33 -6.73 40.33 45.99
N VAL A 34 -7.21 40.35 47.22
CA VAL A 34 -8.24 41.28 47.65
C VAL A 34 -7.74 42.29 48.67
N ARG A 35 -6.55 42.07 49.21
CA ARG A 35 -5.79 43.06 49.97
C ARG A 35 -4.34 42.67 49.83
N GLU A 36 -3.46 43.61 50.17
CA GLU A 36 -2.06 43.47 49.85
C GLU A 36 -1.41 42.25 50.50
N ASP A 37 -2.09 41.58 51.44
CA ASP A 37 -1.59 40.36 52.07
C ASP A 37 -2.59 39.21 52.00
N PHE A 38 -3.73 39.40 51.33
CA PHE A 38 -4.83 38.45 51.36
C PHE A 38 -5.28 38.03 49.96
N VAL A 39 -5.41 36.72 49.77
CA VAL A 39 -5.88 36.13 48.51
C VAL A 39 -7.27 35.56 48.75
N LEU A 40 -8.16 35.77 47.78
CA LEU A 40 -9.49 35.18 47.84
C LEU A 40 -9.53 34.04 46.85
N THR A 41 -10.05 32.90 47.27
CA THR A 41 -10.07 31.76 46.38
C THR A 41 -11.26 30.89 46.71
N ALA A 42 -11.28 29.68 46.17
CA ALA A 42 -12.30 28.70 46.52
C ALA A 42 -11.85 27.88 47.72
N ALA A 43 -12.82 27.24 48.37
CA ALA A 43 -12.53 26.48 49.57
C ALA A 43 -12.15 25.04 49.26
N HIS A 44 -12.55 24.52 48.11
CA HIS A 44 -12.07 23.20 47.73
C HIS A 44 -10.69 23.24 47.09
N CYS A 45 -10.04 24.42 47.10
CA CYS A 45 -8.64 24.57 46.76
C CYS A 45 -7.77 24.56 47.98
N TRP A 46 -8.36 24.25 49.13
CA TRP A 46 -7.62 24.07 50.36
C TRP A 46 -6.74 22.83 50.28
N GLY A 47 -5.56 22.94 50.89
CA GLY A 47 -4.64 21.84 51.10
C GLY A 47 -3.90 22.11 52.38
N SER A 48 -3.14 21.10 52.83
CA SER A 48 -2.35 21.28 54.04
C SER A 48 -1.37 22.43 53.90
N ASN A 49 -0.88 22.69 52.68
CA ASN A 49 0.21 23.61 52.48
C ASN A 49 0.14 24.12 51.05
N ILE A 50 0.17 25.46 50.89
CA ILE A 50 -0.26 26.16 49.66
C ILE A 50 0.77 27.24 49.31
N ASN A 51 1.52 27.03 48.21
CA ASN A 51 2.42 28.04 47.64
C ASN A 51 1.66 28.92 46.64
N VAL A 52 1.50 30.21 46.95
CA VAL A 52 0.83 31.20 46.10
C VAL A 52 1.86 31.80 45.16
N THR A 53 1.43 32.19 43.96
CA THR A 53 2.29 32.90 43.01
C THR A 53 1.52 34.09 42.41
N LEU A 54 2.02 35.29 42.65
CA LEU A 54 1.42 36.51 42.14
C LEU A 54 2.17 36.99 40.89
N GLY A 55 1.56 37.95 40.21
CA GLY A 55 2.21 38.74 39.17
C GLY A 55 2.79 37.95 38.01
N ALA A 56 2.27 36.77 37.73
CA ALA A 56 2.82 35.94 36.67
C ALA A 56 2.01 36.06 35.39
N HIS A 57 2.57 35.54 34.30
CA HIS A 57 1.80 35.39 33.09
C HIS A 57 2.11 34.04 32.44
N ASN A 58 3.35 33.85 32.02
CA ASN A 58 3.84 32.51 31.68
C ASN A 58 4.28 31.86 32.99
N ILE A 59 3.41 31.04 33.58
CA ILE A 59 3.62 30.44 34.90
C ILE A 59 4.65 29.32 34.89
N GLN A 60 5.05 28.85 33.71
CA GLN A 60 6.10 27.85 33.61
C GLN A 60 7.50 28.44 33.38
N ARG A 61 7.65 29.78 33.44
CA ARG A 61 8.94 30.45 33.36
C ARG A 61 9.24 31.09 34.71
N ARG A 62 10.53 31.17 35.06
CA ARG A 62 10.95 31.62 36.39
C ARG A 62 11.03 33.13 36.46
N GLU A 63 9.90 33.81 36.23
CA GLU A 63 9.93 35.18 35.74
C GLU A 63 10.44 36.18 36.77
N ASN A 64 10.94 37.31 36.23
CA ASN A 64 11.45 38.38 37.08
C ASN A 64 10.31 39.06 37.82
N THR A 65 9.10 38.99 37.26
CA THR A 65 7.94 39.70 37.79
C THR A 65 7.28 38.97 38.94
N GLN A 66 7.38 37.65 38.99
CA GLN A 66 6.58 36.88 39.92
C GLN A 66 7.08 37.05 41.34
N GLN A 67 6.16 36.95 42.28
CA GLN A 67 6.48 36.88 43.69
C GLN A 67 5.95 35.55 44.20
N HIS A 68 6.83 34.77 44.81
CA HIS A 68 6.48 33.44 45.28
C HIS A 68 6.36 33.48 46.80
N ILE A 69 5.13 33.31 47.28
CA ILE A 69 4.78 33.46 48.69
C ILE A 69 3.95 32.24 49.07
N THR A 70 4.22 31.71 50.25
CA THR A 70 3.40 30.63 50.80
C THR A 70 2.27 31.25 51.59
N ALA A 71 1.27 30.41 51.88
CA ALA A 71 0.09 30.84 52.59
C ALA A 71 0.30 30.66 54.09
N ARG A 72 0.30 31.77 54.82
CA ARG A 72 0.39 31.70 56.28
C ARG A 72 -0.78 30.89 56.82
N ARG A 73 -1.98 31.28 56.43
CA ARG A 73 -3.23 30.63 56.79
C ARG A 73 -3.93 30.14 55.53
N ALA A 74 -4.79 29.15 55.70
CA ALA A 74 -5.80 28.82 54.70
C ALA A 74 -7.14 28.74 55.44
N ILE A 75 -7.91 29.81 55.36
CA ILE A 75 -9.16 29.95 56.11
C ILE A 75 -10.31 29.56 55.20
N ARG A 76 -10.77 28.32 55.35
CA ARG A 76 -11.98 27.87 54.70
C ARG A 76 -13.19 28.47 55.40
N HIS A 77 -14.25 28.71 54.64
CA HIS A 77 -15.48 29.16 55.28
C HIS A 77 -15.98 28.12 56.27
N PRO A 78 -16.46 28.54 57.46
CA PRO A 78 -16.85 27.56 58.50
C PRO A 78 -17.96 26.60 58.07
N GLN A 79 -18.87 27.06 57.21
CA GLN A 79 -20.01 26.27 56.74
C GLN A 79 -19.77 25.64 55.37
N TYR A 80 -18.53 25.58 54.92
CA TYR A 80 -18.20 24.98 53.63
C TYR A 80 -18.57 23.49 53.63
N ASN A 81 -19.54 23.11 52.80
CA ASN A 81 -19.95 21.72 52.60
C ASN A 81 -19.22 21.12 51.39
N GLN A 82 -18.24 20.25 51.69
CA GLN A 82 -17.48 19.50 50.69
C GLN A 82 -18.34 18.72 49.71
N ARG A 83 -19.40 18.06 50.21
CA ARG A 83 -20.19 17.15 49.38
C ARG A 83 -20.99 17.90 48.33
N THR A 84 -21.64 19.00 48.71
CA THR A 84 -22.47 19.81 47.82
C THR A 84 -21.78 21.05 47.27
N ILE A 85 -20.54 21.33 47.66
CA ILE A 85 -19.77 22.49 47.24
C ILE A 85 -20.54 23.76 47.61
N GLN A 86 -21.12 23.77 48.80
CA GLN A 86 -21.86 24.91 49.32
C GLN A 86 -20.97 25.77 50.21
N ASN A 87 -21.07 27.09 50.08
CA ASN A 87 -20.21 27.99 50.84
C ASN A 87 -18.73 27.76 50.46
N ASP A 88 -18.46 27.84 49.17
CA ASP A 88 -17.16 27.48 48.60
C ASP A 88 -16.27 28.72 48.48
N ILE A 89 -15.80 29.20 49.62
CA ILE A 89 -15.04 30.45 49.67
C ILE A 89 -13.99 30.30 50.77
N MET A 90 -12.73 30.54 50.42
CA MET A 90 -11.61 30.44 51.33
C MET A 90 -10.72 31.66 51.19
N LEU A 91 -10.23 32.16 52.31
CA LEU A 91 -9.23 33.23 52.32
C LEU A 91 -7.84 32.65 52.60
N LEU A 92 -6.85 33.11 51.85
CA LEU A 92 -5.46 32.78 52.10
C LEU A 92 -4.78 34.03 52.60
N GLN A 93 -4.08 33.94 53.74
CA GLN A 93 -3.31 35.04 54.29
C GLN A 93 -1.85 34.75 54.06
N LEU A 94 -1.13 35.68 53.44
CA LEU A 94 0.20 35.37 52.98
C LEU A 94 1.20 35.45 54.13
N SER A 95 2.32 34.74 53.97
CA SER A 95 3.33 34.65 55.04
C SER A 95 4.25 35.85 55.05
N ARG A 96 4.14 36.70 54.03
CA ARG A 96 4.73 38.02 54.02
C ARG A 96 3.93 38.85 53.02
N ARG A 97 4.00 40.17 53.18
CA ARG A 97 3.20 41.06 52.35
C ARG A 97 3.79 41.23 50.97
N VAL A 98 2.92 41.44 49.98
CA VAL A 98 3.39 41.62 48.62
C VAL A 98 3.96 43.01 48.45
N ARG A 99 4.78 43.18 47.42
CA ARG A 99 5.15 44.50 46.96
C ARG A 99 4.11 44.94 45.93
N ARG A 100 3.32 45.96 46.26
CA ARG A 100 2.39 46.52 45.29
C ARG A 100 3.16 47.14 44.14
N ASN A 101 2.70 46.89 42.91
CA ASN A 101 3.33 47.51 41.74
C ASN A 101 2.58 47.31 40.42
N ARG A 102 3.34 47.27 39.32
CA ARG A 102 2.73 47.22 38.00
C ARG A 102 1.92 45.94 37.81
N ASN A 103 2.43 44.82 38.33
CA ASN A 103 1.85 43.51 38.05
C ASN A 103 1.17 42.87 39.25
N VAL A 104 1.21 43.49 40.42
CA VAL A 104 0.65 42.93 41.65
C VAL A 104 -0.06 44.04 42.42
N ASN A 105 -1.39 44.04 42.37
CA ASN A 105 -2.20 44.84 43.26
C ASN A 105 -3.63 44.33 43.19
N PRO A 106 -4.43 44.55 44.24
CA PRO A 106 -5.69 43.80 44.38
C PRO A 106 -6.82 44.32 43.50
N VAL A 107 -7.85 43.49 43.41
CA VAL A 107 -9.09 43.80 42.74
C VAL A 107 -10.10 44.14 43.82
N ALA A 108 -11.14 44.88 43.44
CA ALA A 108 -12.16 45.25 44.40
C ALA A 108 -13.22 44.16 44.51
N LEU A 109 -13.72 43.99 45.67
CA LEU A 109 -14.92 43.23 45.91
C LEU A 109 -16.13 44.15 45.83
N PRO A 110 -17.34 43.62 45.71
CA PRO A 110 -18.51 44.48 45.68
C PRO A 110 -18.75 45.18 47.00
N ARG A 111 -19.31 46.39 46.89
CA ARG A 111 -20.04 46.99 48.00
C ARG A 111 -21.07 46.00 48.52
N ALA A 112 -21.48 46.19 49.76
CA ALA A 112 -22.32 45.23 50.47
C ALA A 112 -23.47 44.65 49.62
N GLN A 113 -23.48 43.32 49.54
CA GLN A 113 -24.69 42.53 49.27
C GLN A 113 -25.31 42.85 47.91
N GLU A 114 -24.50 42.96 46.85
CA GLU A 114 -25.05 42.88 45.50
C GLU A 114 -24.33 41.82 44.66
N GLY A 115 -24.99 40.68 44.47
CA GLY A 115 -24.57 39.72 43.48
C GLY A 115 -24.53 40.31 42.07
N LEU A 116 -25.61 40.16 41.28
CA LEU A 116 -25.56 40.31 39.83
C LEU A 116 -26.97 40.37 39.22
N ARG A 117 -27.01 40.54 37.89
CA ARG A 117 -28.26 40.70 37.14
C ARG A 117 -28.14 39.89 35.85
N PRO A 118 -29.17 39.11 35.48
CA PRO A 118 -29.04 38.25 34.29
C PRO A 118 -28.80 39.04 33.02
N GLY A 119 -28.22 38.37 32.03
CA GLY A 119 -27.83 38.99 30.77
C GLY A 119 -26.44 39.59 30.77
N THR A 120 -25.95 40.01 31.95
CA THR A 120 -24.68 40.73 32.07
C THR A 120 -23.52 39.91 31.52
N LEU A 121 -22.63 40.56 30.77
CA LEU A 121 -21.38 39.94 30.33
C LEU A 121 -20.28 40.24 31.35
N CYS A 122 -19.58 39.17 31.76
CA CYS A 122 -18.50 39.23 32.72
C CYS A 122 -17.30 38.45 32.17
N THR A 123 -16.13 38.64 32.80
CA THR A 123 -14.90 37.98 32.39
C THR A 123 -14.32 37.14 33.53
N VAL A 124 -14.05 35.87 33.24
CA VAL A 124 -13.30 34.98 34.13
C VAL A 124 -11.96 34.67 33.48
N ALA A 125 -10.95 34.39 34.30
CA ALA A 125 -9.57 34.21 33.85
C ALA A 125 -8.80 33.23 34.72
N GLY A 126 -7.95 32.44 34.09
CA GLY A 126 -7.02 31.62 34.85
C GLY A 126 -6.12 30.78 33.98
N TRP A 127 -5.17 30.12 34.63
CA TRP A 127 -4.28 29.18 33.95
C TRP A 127 -4.85 27.78 33.90
N GLY A 128 -6.15 27.62 34.03
CA GLY A 128 -6.73 26.31 34.00
C GLY A 128 -6.55 25.65 32.65
N ARG A 129 -6.77 24.33 32.64
CA ARG A 129 -6.74 23.55 31.40
C ARG A 129 -7.72 24.14 30.37
N VAL A 130 -7.30 24.08 29.09
CA VAL A 130 -8.11 24.58 27.99
C VAL A 130 -8.93 23.49 27.32
N SER A 131 -8.57 22.21 27.52
CA SER A 131 -9.33 21.10 26.93
C SER A 131 -9.14 19.87 27.81
N MET A 132 -9.67 18.75 27.33
CA MET A 132 -9.49 17.50 28.06
C MET A 132 -8.05 16.97 27.98
N ARG A 133 -7.17 17.59 27.23
CA ARG A 133 -5.84 17.00 27.22
C ARG A 133 -4.72 18.00 27.43
N ARG A 134 -4.95 19.26 27.12
CA ARG A 134 -3.93 20.29 27.18
C ARG A 134 -4.22 21.32 28.27
N GLY A 135 -3.15 21.94 28.76
CA GLY A 135 -3.27 23.03 29.70
C GLY A 135 -2.58 24.27 29.16
N THR A 136 -2.40 25.32 29.95
CA THR A 136 -1.74 26.51 29.45
C THR A 136 -0.57 26.90 30.37
N ASP A 137 0.48 27.42 29.75
CA ASP A 137 1.48 28.11 30.53
C ASP A 137 1.02 29.51 30.91
N THR A 138 0.05 30.07 30.20
CA THR A 138 -0.24 31.49 30.25
C THR A 138 -1.67 31.77 30.69
N LEU A 139 -1.84 32.94 31.29
CA LEU A 139 -3.16 33.41 31.72
C LEU A 139 -4.08 33.62 30.53
N ARG A 140 -5.23 32.97 30.54
CA ARG A 140 -6.19 33.09 29.46
C ARG A 140 -7.55 33.51 30.01
N GLU A 141 -8.40 34.06 29.15
CA GLU A 141 -9.63 34.68 29.64
C GLU A 141 -10.70 34.54 28.58
N VAL A 142 -11.95 34.54 29.06
CA VAL A 142 -13.13 34.32 28.24
C VAL A 142 -14.27 35.09 28.89
N GLN A 143 -15.21 35.52 28.05
CA GLN A 143 -16.28 36.43 28.45
C GLN A 143 -17.59 35.65 28.46
N LEU A 144 -18.18 35.48 29.64
CA LEU A 144 -19.39 34.66 29.83
C LEU A 144 -20.59 35.54 30.11
N ARG A 145 -21.78 34.94 29.97
CA ARG A 145 -23.04 35.64 30.19
C ARG A 145 -23.72 35.10 31.44
N VAL A 146 -24.23 36.01 32.26
CA VAL A 146 -24.94 35.60 33.46
C VAL A 146 -26.31 35.06 33.07
N GLN A 147 -26.65 33.90 33.62
CA GLN A 147 -27.89 33.20 33.27
C GLN A 147 -28.99 33.43 34.30
N ARG A 148 -30.21 33.13 33.87
CA ARG A 148 -31.34 33.15 34.79
C ARG A 148 -31.21 31.98 35.76
N ASP A 149 -31.51 32.22 37.04
CA ASP A 149 -31.34 31.17 38.03
C ASP A 149 -32.18 29.94 37.74
N ARG A 150 -33.19 30.02 36.85
CA ARG A 150 -33.91 28.81 36.48
C ARG A 150 -32.94 27.75 35.94
N GLN A 151 -32.04 28.15 35.03
CA GLN A 151 -31.15 27.20 34.36
C GLN A 151 -30.50 26.24 35.35
N CYS A 152 -29.78 26.81 36.31
CA CYS A 152 -29.03 25.98 37.24
C CYS A 152 -29.93 25.18 38.18
N LEU A 153 -31.07 25.72 38.57
CA LEU A 153 -31.89 24.96 39.51
C LEU A 153 -32.35 23.65 38.87
N ARG A 154 -32.46 23.62 37.54
CA ARG A 154 -32.86 22.39 36.87
C ARG A 154 -31.71 21.40 36.71
N ILE A 155 -30.48 21.88 36.59
CA ILE A 155 -29.35 21.04 36.20
C ILE A 155 -28.52 20.58 37.39
N PHE A 156 -28.31 21.45 38.38
CA PHE A 156 -27.49 21.13 39.55
C PHE A 156 -28.38 20.92 40.76
N GLY A 157 -28.16 19.82 41.46
CA GLY A 157 -29.05 19.47 42.55
C GLY A 157 -29.00 20.43 43.71
N SER A 158 -27.86 21.10 43.91
CA SER A 158 -27.63 21.82 45.16
C SER A 158 -27.33 23.30 44.93
N TYR A 159 -27.74 23.82 43.78
CA TYR A 159 -27.55 25.22 43.48
C TYR A 159 -28.39 26.12 44.40
N ASP A 160 -27.75 27.15 44.95
CA ASP A 160 -28.42 28.15 45.81
C ASP A 160 -28.17 29.56 45.28
N PRO A 161 -29.18 30.22 44.71
CA PRO A 161 -28.95 31.56 44.17
C PRO A 161 -28.70 32.61 45.24
N ARG A 162 -29.10 32.35 46.49
CA ARG A 162 -28.71 33.26 47.55
C ARG A 162 -27.19 33.41 47.60
N ARG A 163 -26.45 32.30 47.52
CA ARG A 163 -25.02 32.34 47.67
C ARG A 163 -24.24 31.99 46.41
N GLN A 164 -24.90 31.82 45.25
CA GLN A 164 -24.23 31.40 44.02
C GLN A 164 -24.79 32.10 42.78
N ILE A 165 -23.94 32.20 41.76
CA ILE A 165 -24.26 32.81 40.48
C ILE A 165 -24.28 31.73 39.40
N CYS A 166 -25.18 31.86 38.43
CA CYS A 166 -25.37 30.90 37.35
C CYS A 166 -24.89 31.55 36.05
N VAL A 167 -23.89 30.94 35.40
CA VAL A 167 -23.07 31.63 34.40
C VAL A 167 -22.86 30.72 33.21
N GLY A 168 -22.94 31.28 32.00
CA GLY A 168 -22.52 30.59 30.78
C GLY A 168 -23.63 30.22 29.84
N ASP A 169 -23.62 30.75 28.60
CA ASP A 169 -24.62 30.35 27.61
C ASP A 169 -24.44 28.88 27.26
N ARG A 170 -25.53 28.12 27.34
CA ARG A 170 -25.46 26.69 27.01
C ARG A 170 -25.07 26.48 25.55
N ARG A 171 -25.29 27.48 24.68
CA ARG A 171 -25.06 27.28 23.25
C ARG A 171 -23.59 27.51 22.86
N GLU A 172 -22.88 28.37 23.57
CA GLU A 172 -21.47 28.61 23.25
C GLU A 172 -20.56 27.65 24.02
N ARG A 173 -19.37 27.40 23.46
CA ARG A 173 -18.33 26.64 24.16
C ARG A 173 -17.46 27.61 24.94
N LYS A 174 -18.08 28.25 25.92
CA LYS A 174 -17.36 29.20 26.77
C LYS A 174 -17.60 28.85 28.23
N ALA A 175 -16.51 28.53 28.93
CA ALA A 175 -16.59 28.29 30.36
C ALA A 175 -15.20 28.40 30.96
N ALA A 176 -15.16 28.51 32.28
CA ALA A 176 -13.95 28.13 33.02
C ALA A 176 -13.99 26.62 33.27
N PHE A 177 -12.82 26.00 33.25
CA PHE A 177 -12.70 24.55 33.29
C PHE A 177 -11.66 24.16 34.34
N LYS A 178 -11.01 23.00 34.17
CA LYS A 178 -10.20 22.43 35.24
C LYS A 178 -8.94 23.25 35.45
N GLY A 179 -8.69 23.62 36.70
CA GLY A 179 -7.58 24.51 37.03
C GLY A 179 -7.98 25.96 37.20
N ASP A 180 -9.22 26.30 36.88
CA ASP A 180 -9.74 27.64 37.04
C ASP A 180 -10.42 27.87 38.38
N SER A 181 -10.65 26.81 39.16
CA SER A 181 -11.28 26.98 40.47
C SER A 181 -10.57 28.06 41.26
N GLY A 182 -11.36 28.95 41.87
CA GLY A 182 -10.86 30.02 42.69
C GLY A 182 -10.54 31.28 41.94
N GLY A 183 -10.66 31.27 40.61
CA GLY A 183 -10.49 32.49 39.84
C GLY A 183 -11.66 33.44 40.00
N PRO A 184 -11.44 34.71 39.70
CA PRO A 184 -12.51 35.70 39.86
C PRO A 184 -13.38 35.84 38.63
N LEU A 185 -14.63 36.21 38.87
CA LEU A 185 -15.56 36.59 37.81
C LEU A 185 -15.73 38.09 37.93
N LEU A 186 -15.23 38.83 36.95
CA LEU A 186 -15.20 40.27 37.02
C LEU A 186 -16.34 40.85 36.18
N CYS A 187 -17.13 41.75 36.77
CA CYS A 187 -18.00 42.65 36.03
C CYS A 187 -17.79 44.05 36.59
N ASN A 188 -17.43 45.01 35.72
CA ASN A 188 -17.03 46.37 36.09
C ASN A 188 -15.75 46.37 36.92
N ASN A 189 -14.82 45.48 36.64
CA ASN A 189 -13.57 45.40 37.40
C ASN A 189 -13.84 45.17 38.89
N VAL A 190 -14.92 44.46 39.17
CA VAL A 190 -15.24 44.04 40.53
C VAL A 190 -15.45 42.53 40.51
N ALA A 191 -14.81 41.82 41.44
CA ALA A 191 -14.89 40.37 41.47
C ALA A 191 -16.22 39.96 42.08
N HIS A 192 -17.20 39.66 41.24
CA HIS A 192 -18.51 39.27 41.74
C HIS A 192 -18.63 37.79 42.05
N GLY A 193 -17.79 36.93 41.48
CA GLY A 193 -17.89 35.51 41.70
C GLY A 193 -16.54 34.87 41.85
N ILE A 194 -16.54 33.68 42.46
CA ILE A 194 -15.37 32.83 42.55
C ILE A 194 -15.70 31.55 41.77
N VAL A 195 -14.79 31.12 40.90
CA VAL A 195 -14.99 29.94 40.06
C VAL A 195 -15.13 28.72 40.96
N SER A 196 -16.20 27.95 40.76
CA SER A 196 -16.51 26.84 41.68
C SER A 196 -16.73 25.51 40.98
N TYR A 197 -17.88 25.26 40.36
CA TYR A 197 -18.04 23.95 39.71
C TYR A 197 -18.88 24.06 38.46
N GLY A 198 -19.13 22.91 37.86
CA GLY A 198 -20.02 22.78 36.74
C GLY A 198 -20.10 21.33 36.34
N LYS A 199 -20.52 21.11 35.11
CA LYS A 199 -20.44 19.75 34.60
C LYS A 199 -19.00 19.41 34.28
N SER A 200 -18.73 18.11 34.28
CA SER A 200 -17.39 17.64 33.97
C SER A 200 -17.07 17.86 32.50
N SER A 201 -18.10 17.91 31.67
CA SER A 201 -17.97 18.11 30.23
C SER A 201 -17.65 19.53 29.83
N GLY A 202 -17.54 20.45 30.78
CA GLY A 202 -17.41 21.85 30.41
C GLY A 202 -18.67 22.47 29.85
N VAL A 203 -19.77 21.72 29.75
CA VAL A 203 -20.96 22.20 29.08
C VAL A 203 -21.68 23.21 29.96
N PRO A 204 -21.79 24.47 29.54
CA PRO A 204 -22.43 25.49 30.39
C PRO A 204 -23.90 25.19 30.60
N PRO A 205 -24.55 25.79 31.62
CA PRO A 205 -23.98 26.74 32.57
C PRO A 205 -23.19 26.10 33.72
N GLU A 206 -22.45 26.93 34.44
CA GLU A 206 -21.64 26.51 35.58
C GLU A 206 -21.87 27.48 36.72
N VAL A 207 -21.40 27.11 37.91
CA VAL A 207 -21.78 27.76 39.16
C VAL A 207 -20.59 28.51 39.75
N PHE A 208 -20.78 29.78 40.04
CA PHE A 208 -19.78 30.58 40.72
C PHE A 208 -20.29 30.89 42.12
N THR A 209 -19.35 31.05 43.07
CA THR A 209 -19.72 31.51 44.40
C THR A 209 -20.02 33.01 44.33
N ARG A 210 -21.15 33.41 44.90
CA ARG A 210 -21.52 34.82 44.90
C ARG A 210 -20.72 35.52 46.00
N VAL A 211 -19.70 36.28 45.58
CA VAL A 211 -18.77 36.86 46.55
C VAL A 211 -19.49 37.75 47.54
N SER A 212 -20.46 38.55 47.06
CA SER A 212 -21.10 39.55 47.91
C SER A 212 -21.96 38.93 48.99
N SER A 213 -22.32 37.66 48.87
CA SER A 213 -23.02 36.94 49.94
C SER A 213 -22.13 36.58 51.12
N PHE A 214 -20.86 36.94 51.11
CA PHE A 214 -19.96 36.60 52.20
C PHE A 214 -19.13 37.82 52.59
N LEU A 215 -19.60 39.02 52.20
CA LEU A 215 -18.90 40.24 52.56
C LEU A 215 -18.73 40.40 54.07
N PRO A 216 -19.74 40.12 54.91
CA PRO A 216 -19.48 40.18 56.36
C PRO A 216 -18.34 39.27 56.79
N TRP A 217 -18.31 38.04 56.30
CA TRP A 217 -17.31 37.07 56.76
C TRP A 217 -15.92 37.36 56.22
N ILE A 218 -15.81 38.00 55.06
CA ILE A 218 -14.49 38.32 54.50
C ILE A 218 -13.81 39.43 55.31
N ARG A 219 -14.55 40.52 55.62
CA ARG A 219 -13.98 41.62 56.40
C ARG A 219 -13.58 41.13 57.78
N THR A 220 -14.56 40.61 58.53
CA THR A 220 -14.31 39.88 59.77
C THR A 220 -13.02 39.06 59.73
N THR A 221 -12.87 38.23 58.69
CA THR A 221 -11.74 37.31 58.67
C THR A 221 -10.42 38.06 58.54
N MET A 222 -10.35 39.04 57.63
CA MET A 222 -9.15 39.84 57.45
C MET A 222 -8.91 40.78 58.63
N ARG A 223 -9.84 40.86 59.57
CA ARG A 223 -9.67 41.68 60.75
C ARG A 223 -9.25 40.85 61.98
N THR B 3 6.85 10.91 41.52
CA THR B 3 7.67 11.54 40.51
C THR B 3 6.99 11.56 39.12
N VAL B 4 5.74 11.08 39.03
CA VAL B 4 4.83 11.42 37.94
C VAL B 4 3.50 11.89 38.53
N GLN B 5 2.77 12.67 37.73
CA GLN B 5 1.49 13.24 38.10
C GLN B 5 0.42 12.62 37.23
N VAL B 6 -0.61 12.04 37.83
CA VAL B 6 -1.72 11.53 37.03
C VAL B 6 -2.95 12.38 37.34
N PRO B 7 -3.53 13.05 36.35
CA PRO B 7 -4.69 13.90 36.61
C PRO B 7 -5.97 13.12 36.78
N TYR B 8 -6.80 13.53 37.74
CA TYR B 8 -8.08 12.86 37.96
C TYR B 8 -9.17 13.89 38.07
N THR B 9 -10.40 13.49 37.73
CA THR B 9 -11.60 14.28 37.94
C THR B 9 -12.65 13.48 38.75
N ILE B 10 -13.40 14.18 39.60
CA ILE B 10 -14.43 13.57 40.46
C ILE B 10 -15.80 14.18 40.13
N THR B 11 -16.79 13.35 39.85
CA THR B 11 -18.17 13.81 39.69
C THR B 11 -19.03 13.17 40.76
N VAL B 12 -19.63 13.98 41.63
CA VAL B 12 -20.52 13.47 42.67
C VAL B 12 -21.86 14.17 42.55
N ASN B 13 -22.92 13.39 42.36
CA ASN B 13 -24.28 13.91 42.16
C ASN B 13 -24.34 15.00 41.09
N GLY B 14 -23.68 14.73 39.96
CA GLY B 14 -23.82 15.54 38.77
C GLY B 14 -22.84 16.68 38.66
N THR B 15 -22.32 17.18 39.77
CA THR B 15 -21.46 18.34 39.81
C THR B 15 -20.01 17.88 39.97
N SER B 16 -19.09 18.68 39.44
CA SER B 16 -17.66 18.38 39.46
C SER B 16 -16.84 19.65 39.68
N GLN B 17 -16.02 19.70 40.75
CA GLN B 17 -15.20 20.89 41.03
C GLN B 17 -14.28 21.21 39.85
N ASN B 18 -14.06 22.52 39.61
CA ASN B 18 -13.29 22.95 38.46
C ASN B 18 -11.79 22.93 38.74
N ILE B 19 -11.36 22.09 39.67
CA ILE B 19 -9.96 21.99 40.11
C ILE B 19 -9.19 21.00 39.25
N LEU B 20 -7.91 21.28 39.06
CA LEU B 20 -6.98 20.36 38.41
C LEU B 20 -6.34 19.51 39.49
N SER B 21 -6.75 18.26 39.59
CA SER B 21 -6.32 17.38 40.66
C SER B 21 -5.39 16.30 40.13
N ASN B 22 -4.33 16.00 40.89
CA ASN B 22 -3.36 15.02 40.47
C ASN B 22 -3.09 13.99 41.56
N LEU B 23 -3.01 12.73 41.16
CA LEU B 23 -2.42 11.67 41.98
C LEU B 23 -0.95 11.50 41.61
N THR B 24 -0.07 11.60 42.60
CA THR B 24 1.36 11.41 42.40
C THR B 24 1.67 9.93 42.47
N PHE B 25 2.44 9.46 41.49
CA PHE B 25 2.95 8.09 41.45
C PHE B 25 4.45 8.14 41.22
N ASN B 26 5.14 7.12 41.73
CA ASN B 26 6.53 6.91 41.36
C ASN B 26 6.56 6.49 39.90
N LYS B 27 7.36 7.19 39.10
CA LYS B 27 7.44 6.92 37.67
C LYS B 27 7.68 5.44 37.37
N ASN B 28 6.95 4.93 36.39
CA ASN B 28 7.28 3.66 35.79
C ASN B 28 7.19 2.53 36.81
N GLN B 29 6.13 2.56 37.60
CA GLN B 29 5.94 1.64 38.73
C GLN B 29 4.69 0.78 38.52
N ASN B 30 4.87 -0.54 38.53
CA ASN B 30 3.76 -1.47 38.37
C ASN B 30 2.96 -1.58 39.67
N ILE B 31 1.67 -1.26 39.58
CA ILE B 31 0.73 -1.31 40.69
C ILE B 31 -0.42 -2.20 40.29
N SER B 32 -1.37 -2.38 41.20
CA SER B 32 -2.56 -3.17 40.95
C SER B 32 -3.79 -2.27 41.06
N TYR B 33 -4.96 -2.87 40.86
CA TYR B 33 -6.20 -2.11 40.86
C TYR B 33 -6.83 -2.00 42.24
N LYS B 34 -6.37 -2.79 43.20
CA LYS B 34 -6.60 -2.45 44.60
C LYS B 34 -5.93 -1.13 44.95
N ASP B 35 -4.64 -1.01 44.64
CA ASP B 35 -3.92 0.23 44.90
C ASP B 35 -4.61 1.40 44.22
N LEU B 36 -4.94 1.25 42.94
CA LEU B 36 -5.68 2.31 42.27
C LEU B 36 -7.01 2.58 42.93
N GLU B 37 -7.71 1.54 43.40
CA GLU B 37 -9.01 1.79 44.02
C GLU B 37 -8.86 2.55 45.33
N GLY B 38 -7.78 2.28 46.07
CA GLY B 38 -7.59 2.94 47.34
C GLY B 38 -7.26 4.42 47.20
N LYS B 39 -6.54 4.79 46.13
CA LYS B 39 -6.34 6.21 45.87
C LYS B 39 -7.63 6.86 45.40
N VAL B 40 -8.41 6.14 44.59
CA VAL B 40 -9.70 6.65 44.15
C VAL B 40 -10.60 6.88 45.34
N LYS B 41 -10.66 5.90 46.25
CA LYS B 41 -11.40 6.12 47.47
C LYS B 41 -10.81 7.25 48.31
N SER B 42 -9.50 7.48 48.20
CA SER B 42 -8.87 8.51 49.00
C SER B 42 -9.33 9.90 48.57
N VAL B 43 -9.10 10.25 47.31
CA VAL B 43 -9.47 11.55 46.79
C VAL B 43 -10.98 11.77 46.84
N LEU B 44 -11.76 10.70 46.74
CA LEU B 44 -13.21 10.83 46.88
C LEU B 44 -13.58 11.36 48.26
N GLU B 45 -12.81 10.98 49.28
CA GLU B 45 -13.05 11.43 50.64
C GLU B 45 -12.50 12.83 50.87
N SER B 46 -11.33 13.13 50.34
CA SER B 46 -10.72 14.42 50.63
C SER B 46 -11.33 15.54 49.80
N ASN B 47 -11.65 15.26 48.54
CA ASN B 47 -12.11 16.34 47.69
C ASN B 47 -13.59 16.60 47.86
N ARG B 48 -14.37 15.56 48.12
CA ARG B 48 -15.83 15.65 48.09
C ARG B 48 -16.53 15.13 49.32
N GLY B 49 -15.79 14.74 50.36
CA GLY B 49 -16.38 14.15 51.56
C GLY B 49 -17.15 12.87 51.32
N ILE B 50 -16.64 11.97 50.49
CA ILE B 50 -17.35 10.78 50.06
C ILE B 50 -16.67 9.57 50.68
N THR B 51 -17.39 8.90 51.56
CA THR B 51 -16.88 7.86 52.43
C THR B 51 -17.45 6.49 52.04
N ASP B 52 -16.88 5.43 52.62
CA ASP B 52 -17.23 4.09 52.15
C ASP B 52 -18.73 3.85 52.28
N VAL B 53 -19.33 4.29 53.37
CA VAL B 53 -20.76 4.10 53.55
C VAL B 53 -21.54 4.93 52.54
N ASP B 54 -20.98 6.08 52.12
CA ASP B 54 -21.57 6.85 51.02
C ASP B 54 -21.48 6.13 49.69
N LEU B 55 -20.31 5.53 49.40
CA LEU B 55 -20.15 4.77 48.18
C LEU B 55 -21.09 3.59 48.14
N ARG B 56 -21.29 2.94 49.29
CA ARG B 56 -22.18 1.80 49.37
C ARG B 56 -23.64 2.20 49.15
N LEU B 57 -24.02 3.37 49.65
CA LEU B 57 -25.41 3.78 49.61
C LEU B 57 -25.80 4.36 48.27
N SER B 58 -24.82 4.68 47.43
CA SER B 58 -25.09 5.33 46.15
C SER B 58 -25.56 4.33 45.11
N LYS B 59 -26.30 4.82 44.10
CA LYS B 59 -26.90 3.91 43.14
C LYS B 59 -25.86 3.25 42.26
N GLN B 60 -24.95 4.03 41.68
CA GLN B 60 -23.79 3.44 41.03
C GLN B 60 -22.60 4.36 41.18
N ALA B 61 -21.44 3.76 41.40
CA ALA B 61 -20.20 4.48 41.68
C ALA B 61 -19.06 3.76 41.00
N LYS B 62 -18.33 4.48 40.13
CA LYS B 62 -17.32 3.87 39.27
C LYS B 62 -16.22 4.89 38.94
N TYR B 63 -15.07 4.37 38.49
CA TYR B 63 -14.04 5.19 37.86
C TYR B 63 -13.63 4.55 36.55
N THR B 64 -13.10 5.40 35.67
CA THR B 64 -12.63 5.02 34.34
C THR B 64 -11.17 5.45 34.21
N VAL B 65 -10.30 4.50 33.89
CA VAL B 65 -8.88 4.78 33.68
C VAL B 65 -8.64 4.89 32.19
N ASN B 66 -8.24 6.08 31.75
CA ASN B 66 -7.86 6.33 30.37
C ASN B 66 -6.36 6.12 30.24
N PHE B 67 -5.95 5.16 29.41
CA PHE B 67 -4.54 4.86 29.15
C PHE B 67 -4.05 5.68 27.96
N LYS B 68 -2.72 5.80 27.86
CA LYS B 68 -2.14 6.64 26.81
C LYS B 68 -2.28 6.02 25.42
N ASN B 69 -2.38 4.71 25.31
CA ASN B 69 -2.73 4.06 24.05
C ASN B 69 -4.22 4.17 23.70
N GLY B 70 -4.91 5.23 24.13
CA GLY B 70 -6.28 5.51 23.73
C GLY B 70 -7.32 4.52 24.21
N THR B 71 -6.92 3.44 24.89
CA THR B 71 -7.89 2.54 25.47
C THR B 71 -8.39 3.12 26.79
N LYS B 72 -9.46 2.53 27.31
CA LYS B 72 -9.99 2.87 28.62
C LYS B 72 -10.43 1.59 29.32
N LYS B 73 -10.46 1.64 30.66
CA LYS B 73 -11.02 0.57 31.47
C LYS B 73 -11.99 1.22 32.46
N VAL B 74 -13.20 0.69 32.52
CA VAL B 74 -14.23 1.19 33.41
C VAL B 74 -14.42 0.20 34.56
N ILE B 75 -14.43 0.71 35.79
CA ILE B 75 -14.38 -0.16 36.97
C ILE B 75 -15.45 0.25 37.94
N ASP B 76 -16.28 -0.71 38.35
CA ASP B 76 -17.38 -0.46 39.27
C ASP B 76 -16.86 -0.63 40.70
N LEU B 77 -17.10 0.37 41.54
CA LEU B 77 -16.59 0.34 42.91
C LEU B 77 -17.42 -0.57 43.81
N LYS B 78 -18.66 -0.82 43.45
CA LYS B 78 -19.50 -1.71 44.25
C LYS B 78 -19.41 -3.16 43.80
N SER B 79 -18.90 -3.41 42.60
CA SER B 79 -18.59 -4.79 42.25
C SER B 79 -17.43 -5.25 43.10
N GLY B 80 -17.50 -6.50 43.58
CA GLY B 80 -16.33 -6.99 44.27
C GLY B 80 -15.15 -7.32 43.37
N ILE B 81 -15.37 -7.36 42.05
CA ILE B 81 -14.43 -8.00 41.12
C ILE B 81 -13.22 -7.11 40.86
N TYR B 82 -12.01 -7.69 40.91
CA TYR B 82 -10.92 -7.04 40.18
C TYR B 82 -9.77 -7.96 39.76
N THR B 83 -9.06 -7.45 38.75
CA THR B 83 -8.26 -8.23 37.84
C THR B 83 -6.90 -8.47 38.46
N ALA B 84 -6.34 -9.66 38.23
CA ALA B 84 -5.08 -9.98 38.89
C ALA B 84 -3.88 -9.46 38.08
N ASN B 85 -4.05 -8.28 37.52
CA ASN B 85 -3.01 -7.71 36.69
C ASN B 85 -2.27 -6.54 37.27
N LEU B 86 -0.97 -6.48 37.01
CA LEU B 86 -0.23 -5.30 37.40
C LEU B 86 -0.33 -4.33 36.24
N ILE B 87 -0.41 -3.05 36.55
CA ILE B 87 -0.61 -2.00 35.57
C ILE B 87 0.46 -0.94 35.82
N ASN B 88 0.98 -0.36 34.75
CA ASN B 88 2.10 0.57 34.87
C ASN B 88 1.61 1.99 35.17
N SER B 89 2.24 2.63 36.17
CA SER B 89 1.85 3.99 36.55
C SER B 89 1.96 4.96 35.39
N SER B 90 3.04 4.85 34.62
CA SER B 90 3.34 5.80 33.55
C SER B 90 2.57 5.54 32.27
N ASP B 91 1.74 4.49 32.21
CA ASP B 91 0.86 4.26 31.08
C ASP B 91 -0.50 4.94 31.23
N ILE B 92 -0.78 5.51 32.40
CA ILE B 92 -2.08 6.12 32.70
C ILE B 92 -2.08 7.56 32.24
N LYS B 93 -3.05 7.92 31.40
CA LYS B 93 -3.17 9.29 30.93
C LYS B 93 -3.96 10.15 31.90
N SER B 94 -5.08 9.63 32.40
CA SER B 94 -5.97 10.36 33.30
C SER B 94 -6.99 9.39 33.90
N ILE B 95 -7.64 9.83 34.98
CA ILE B 95 -8.63 9.01 35.68
C ILE B 95 -9.90 9.82 35.87
N ASN B 96 -11.05 9.29 35.43
CA ASN B 96 -12.35 9.94 35.62
C ASN B 96 -13.15 9.19 36.67
N ILE B 97 -13.33 9.79 37.84
CA ILE B 97 -14.16 9.22 38.90
C ILE B 97 -15.57 9.76 38.76
N ASN B 98 -16.57 8.88 38.87
CA ASN B 98 -17.96 9.30 38.73
C ASN B 98 -18.83 8.57 39.75
N VAL B 99 -19.41 9.32 40.68
CA VAL B 99 -20.25 8.76 41.76
C VAL B 99 -21.63 9.40 41.78
N ILE C 1 1.48 -15.13 44.26
CA ILE C 1 0.81 -16.25 44.88
C ILE C 1 0.81 -15.98 46.38
N VAL C 2 -0.33 -16.16 47.03
CA VAL C 2 -0.47 -15.97 48.48
C VAL C 2 -0.61 -17.34 49.14
N GLY C 3 0.26 -17.60 50.11
CA GLY C 3 0.24 -18.84 50.87
C GLY C 3 1.01 -19.98 50.24
N GLY C 4 1.93 -19.68 49.32
CA GLY C 4 2.61 -20.70 48.55
C GLY C 4 4.08 -20.87 48.93
N ARG C 5 4.74 -21.72 48.15
CA ARG C 5 6.12 -22.07 48.36
C ARG C 5 6.92 -21.68 47.13
N ARG C 6 8.23 -21.71 47.28
CA ARG C 6 9.09 -21.51 46.11
C ARG C 6 9.18 -22.80 45.33
N ALA C 7 9.05 -22.71 44.01
CA ALA C 7 9.13 -23.88 43.15
C ALA C 7 10.57 -24.30 42.93
N ARG C 8 10.76 -25.59 42.66
CA ARG C 8 12.08 -26.08 42.30
C ARG C 8 12.56 -25.35 41.04
N PRO C 9 13.83 -24.97 40.96
CA PRO C 9 14.31 -24.19 39.81
C PRO C 9 14.02 -24.87 38.48
N HIS C 10 13.28 -24.14 37.62
CA HIS C 10 12.90 -24.59 36.27
C HIS C 10 12.07 -25.88 36.28
N ALA C 11 11.26 -26.10 37.32
CA ALA C 11 10.35 -27.24 37.37
C ALA C 11 9.23 -27.13 36.33
N TRP C 12 8.88 -25.92 35.90
CA TRP C 12 7.76 -25.70 35.01
C TRP C 12 8.23 -25.00 33.75
N PRO C 13 8.99 -25.70 32.90
CA PRO C 13 9.66 -24.99 31.79
C PRO C 13 8.73 -24.19 30.87
N PHE C 14 7.41 -24.27 31.03
CA PHE C 14 6.50 -23.51 30.19
C PHE C 14 6.10 -22.17 30.79
N MET C 15 6.55 -21.89 32.02
CA MET C 15 6.17 -20.65 32.67
C MET C 15 6.84 -19.47 31.98
N VAL C 16 6.06 -18.39 31.82
CA VAL C 16 6.49 -17.18 31.13
C VAL C 16 6.20 -15.96 32.00
N SER C 17 7.03 -14.93 31.85
CA SER C 17 6.85 -13.65 32.49
C SER C 17 6.76 -12.59 31.40
N LEU C 18 5.64 -11.86 31.37
CA LEU C 18 5.50 -10.71 30.48
C LEU C 18 6.00 -9.49 31.23
N GLN C 19 6.75 -8.63 30.54
CA GLN C 19 7.39 -7.52 31.23
C GLN C 19 7.30 -6.24 30.40
N LEU C 20 7.22 -5.13 31.11
CA LEU C 20 7.52 -3.79 30.61
C LEU C 20 8.66 -3.25 31.45
N ARG C 21 9.08 -2.01 31.16
CA ARG C 21 10.29 -1.43 31.75
C ARG C 21 10.41 -1.78 33.24
N GLY C 22 9.37 -1.46 34.02
CA GLY C 22 9.16 -1.78 35.43
C GLY C 22 9.03 -3.25 35.75
N GLY C 23 9.19 -4.12 34.76
CA GLY C 23 9.29 -5.54 35.01
C GLY C 23 7.97 -6.25 34.83
N HIS C 24 7.84 -7.36 35.54
CA HIS C 24 6.76 -8.30 35.34
C HIS C 24 5.40 -7.68 35.65
N PHE C 25 4.43 -7.89 34.76
CA PHE C 25 3.06 -7.47 35.01
C PHE C 25 2.01 -8.55 34.80
N CYS C 26 2.33 -9.64 34.11
CA CYS C 26 1.41 -10.76 33.93
C CYS C 26 2.21 -12.03 33.74
N GLY C 27 1.53 -13.15 33.96
CA GLY C 27 2.08 -14.43 33.59
C GLY C 27 1.63 -14.83 32.21
N ALA C 28 2.12 -16.00 31.77
CA ALA C 28 1.80 -16.55 30.46
C ALA C 28 2.39 -17.96 30.42
N THR C 29 2.00 -18.70 29.38
CA THR C 29 2.39 -20.08 29.14
C THR C 29 2.88 -20.18 27.71
N LEU C 30 3.97 -20.92 27.49
CA LEU C 30 4.42 -21.29 26.14
C LEU C 30 3.60 -22.48 25.67
N ILE C 31 2.95 -22.35 24.51
CA ILE C 31 2.16 -23.42 23.93
C ILE C 31 2.70 -23.86 22.56
N ALA C 32 3.78 -23.26 22.11
CA ALA C 32 4.44 -23.53 20.84
C ALA C 32 5.69 -22.66 20.79
N PRO C 33 6.68 -23.03 19.99
CA PRO C 33 7.94 -22.28 20.03
C PRO C 33 7.82 -20.81 19.60
N ASN C 34 6.75 -20.41 18.89
CA ASN C 34 6.56 -19.00 18.54
C ASN C 34 5.17 -18.51 18.92
N PHE C 35 4.60 -19.08 19.98
CA PHE C 35 3.26 -18.71 20.42
C PHE C 35 3.14 -18.89 21.93
N VAL C 36 2.84 -17.81 22.66
CA VAL C 36 2.55 -17.87 24.08
C VAL C 36 1.10 -17.48 24.32
N MET C 37 0.58 -17.92 25.46
CA MET C 37 -0.83 -17.78 25.83
C MET C 37 -0.94 -17.07 27.16
N SER C 38 -1.74 -16.02 27.20
CA SER C 38 -1.93 -15.22 28.41
C SER C 38 -3.40 -14.78 28.47
N ALA C 39 -3.76 -13.96 29.45
CA ALA C 39 -5.14 -13.47 29.54
C ALA C 39 -5.32 -12.17 28.74
N ALA C 40 -6.56 -11.95 28.29
CA ALA C 40 -6.83 -10.84 27.37
C ALA C 40 -6.60 -9.50 28.03
N HIS C 41 -7.17 -9.28 29.22
CA HIS C 41 -7.04 -8.00 29.89
C HIS C 41 -5.59 -7.64 30.18
N CYS C 42 -4.70 -8.64 30.21
CA CYS C 42 -3.29 -8.38 30.46
C CYS C 42 -2.71 -7.42 29.44
N VAL C 43 -3.11 -7.56 28.17
CA VAL C 43 -2.56 -6.75 27.10
C VAL C 43 -3.50 -5.65 26.61
N ALA C 44 -4.78 -5.65 27.00
CA ALA C 44 -5.75 -4.77 26.34
C ALA C 44 -5.41 -3.29 26.53
N ASN C 45 -4.74 -2.95 27.63
CA ASN C 45 -4.43 -1.56 27.95
C ASN C 45 -2.94 -1.29 27.98
N VAL C 46 -2.13 -2.19 27.43
CA VAL C 46 -0.70 -1.95 27.26
C VAL C 46 -0.40 -1.83 25.78
N ASN C 47 0.73 -1.22 25.49
CA ASN C 47 1.25 -1.19 24.12
C ASN C 47 2.08 -2.44 23.90
N VAL C 48 1.62 -3.31 23.00
CA VAL C 48 2.30 -4.55 22.72
C VAL C 48 3.73 -4.34 22.19
N ARG C 49 4.05 -3.15 21.65
CA ARG C 49 5.41 -2.87 21.18
C ARG C 49 6.45 -3.20 22.24
N ALA C 50 6.14 -2.92 23.50
CA ALA C 50 7.13 -2.99 24.57
C ALA C 50 7.07 -4.26 25.40
N VAL C 51 5.97 -5.01 25.31
CA VAL C 51 5.88 -6.28 26.01
C VAL C 51 7.08 -7.12 25.63
N ARG C 52 7.86 -7.52 26.62
CA ARG C 52 8.93 -8.50 26.45
C ARG C 52 8.49 -9.82 27.06
N VAL C 53 8.77 -10.92 26.35
CA VAL C 53 8.32 -12.26 26.72
C VAL C 53 9.52 -13.04 27.23
N VAL C 54 9.51 -13.35 28.52
CA VAL C 54 10.67 -13.92 29.20
C VAL C 54 10.41 -15.41 29.43
N LEU C 55 11.03 -16.23 28.59
CA LEU C 55 10.98 -17.67 28.72
C LEU C 55 12.13 -18.15 29.59
N GLY C 56 11.85 -19.14 30.43
CA GLY C 56 12.92 -19.78 31.17
C GLY C 56 13.47 -18.97 32.32
N ALA C 57 12.60 -18.28 33.05
CA ALA C 57 13.01 -17.53 34.22
C ALA C 57 12.69 -18.30 35.48
N HIS C 58 13.37 -17.93 36.57
CA HIS C 58 13.06 -18.49 37.87
C HIS C 58 13.09 -17.42 38.96
N ASN C 59 14.15 -16.62 39.02
CA ASN C 59 14.24 -15.50 39.95
C ASN C 59 14.29 -14.21 39.13
N LEU C 60 13.22 -13.41 39.20
CA LEU C 60 13.07 -12.26 38.32
C LEU C 60 14.02 -11.12 38.66
N SER C 61 14.69 -11.17 39.81
CA SER C 61 15.62 -10.12 40.20
C SER C 61 17.00 -10.30 39.61
N ARG C 62 17.32 -11.49 39.09
CA ARG C 62 18.67 -11.79 38.70
C ARG C 62 18.80 -11.82 37.18
N ARG C 63 20.03 -11.63 36.75
CA ARG C 63 20.47 -12.05 35.42
C ARG C 63 20.37 -13.57 35.32
N GLU C 64 19.57 -14.07 34.37
CA GLU C 64 19.61 -15.52 34.27
C GLU C 64 20.12 -15.93 32.89
N PRO C 65 20.96 -16.99 32.84
CA PRO C 65 21.42 -17.48 31.53
C PRO C 65 20.34 -18.31 30.83
N THR C 66 19.49 -18.97 31.63
CA THR C 66 18.45 -19.81 31.07
C THR C 66 17.38 -19.03 30.32
N ARG C 67 17.42 -17.70 30.37
CA ARG C 67 16.33 -16.88 29.87
C ARG C 67 16.39 -16.74 28.36
N GLN C 68 15.23 -16.44 27.77
CA GLN C 68 15.09 -16.12 26.36
C GLN C 68 13.96 -15.12 26.20
N VAL C 69 14.20 -14.07 25.42
CA VAL C 69 13.33 -12.92 25.38
C VAL C 69 12.88 -12.69 23.95
N PHE C 70 11.58 -12.47 23.77
CA PHE C 70 10.99 -12.13 22.50
C PHE C 70 10.02 -10.96 22.68
N ALA C 71 9.77 -10.25 21.59
CA ALA C 71 8.70 -9.29 21.52
C ALA C 71 7.46 -9.96 20.94
N VAL C 72 6.33 -9.29 21.07
CA VAL C 72 5.09 -9.75 20.47
C VAL C 72 4.92 -9.07 19.13
N GLN C 73 4.70 -9.88 18.11
CA GLN C 73 4.56 -9.47 16.72
C GLN C 73 3.11 -9.36 16.29
N ARG C 74 2.21 -10.02 16.99
CA ARG C 74 0.81 -10.12 16.61
C ARG C 74 0.05 -10.73 17.78
N ILE C 75 -1.15 -10.23 18.04
CA ILE C 75 -2.01 -10.81 19.07
C ILE C 75 -3.30 -11.32 18.44
N PHE C 76 -3.87 -12.34 19.08
CA PHE C 76 -5.10 -12.99 18.65
C PHE C 76 -6.02 -13.09 19.84
N GLU C 77 -7.23 -12.55 19.74
CA GLU C 77 -8.20 -12.70 20.81
C GLU C 77 -9.41 -13.46 20.27
N ASN C 78 -10.24 -13.97 21.17
CA ASN C 78 -11.32 -14.89 20.79
C ASN C 78 -12.66 -14.42 21.37
N GLY C 79 -13.06 -13.20 21.00
CA GLY C 79 -14.25 -12.61 21.56
C GLY C 79 -14.09 -12.13 22.99
N TYR C 80 -13.06 -11.32 23.25
CA TYR C 80 -12.84 -10.82 24.59
C TYR C 80 -13.92 -9.80 24.94
N ASP C 81 -14.53 -9.97 26.12
CA ASP C 81 -15.51 -9.05 26.68
C ASP C 81 -14.96 -8.43 27.97
N PRO C 82 -14.43 -7.21 27.92
CA PRO C 82 -13.71 -6.69 29.10
C PRO C 82 -14.59 -6.33 30.30
N VAL C 83 -15.89 -6.20 30.15
CA VAL C 83 -16.75 -5.87 31.29
C VAL C 83 -17.10 -7.10 32.09
N ASN C 84 -17.64 -8.12 31.41
CA ASN C 84 -18.07 -9.38 32.00
C ASN C 84 -16.92 -10.33 32.31
N LEU C 85 -15.71 -10.02 31.86
CA LEU C 85 -14.57 -10.90 31.98
C LEU C 85 -14.94 -12.29 31.45
N LEU C 86 -15.21 -12.33 30.15
CA LEU C 86 -15.54 -13.55 29.41
C LEU C 86 -14.57 -13.73 28.25
N ASN C 87 -14.26 -15.01 27.93
CA ASN C 87 -13.25 -15.37 26.92
C ASN C 87 -11.95 -14.61 27.15
N ASP C 88 -11.58 -14.55 28.44
CA ASP C 88 -10.42 -13.80 28.91
C ASP C 88 -9.14 -14.55 28.56
N ILE C 89 -8.87 -14.64 27.25
CA ILE C 89 -7.74 -15.39 26.73
C ILE C 89 -7.21 -14.71 25.48
N VAL C 90 -5.88 -14.66 25.37
CA VAL C 90 -5.19 -14.04 24.25
C VAL C 90 -3.95 -14.89 23.95
N ILE C 91 -3.56 -14.92 22.67
CA ILE C 91 -2.40 -15.65 22.18
C ILE C 91 -1.45 -14.64 21.56
N LEU C 92 -0.19 -14.68 21.94
CA LEU C 92 0.81 -13.75 21.42
C LEU C 92 1.80 -14.51 20.58
N GLN C 93 2.05 -14.02 19.37
CA GLN C 93 3.01 -14.62 18.46
C GLN C 93 4.34 -13.91 18.65
N LEU C 94 5.37 -14.65 19.06
CA LEU C 94 6.66 -14.04 19.29
C LEU C 94 7.35 -13.72 17.96
N ASN C 95 8.38 -12.86 18.02
CA ASN C 95 9.19 -12.51 16.86
C ASN C 95 10.29 -13.55 16.58
N GLY C 96 10.05 -14.81 16.95
CA GLY C 96 11.02 -15.86 16.78
C GLY C 96 10.52 -17.12 17.46
N SER C 97 11.33 -18.17 17.37
CA SER C 97 10.99 -19.42 18.01
C SER C 97 11.96 -19.72 19.14
N ALA C 98 11.47 -20.48 20.11
CA ALA C 98 12.26 -20.76 21.30
C ALA C 98 13.20 -21.92 21.04
N THR C 99 14.40 -21.83 21.63
CA THR C 99 15.31 -22.96 21.67
C THR C 99 14.87 -23.83 22.85
N ILE C 100 14.18 -24.93 22.54
CA ILE C 100 13.60 -25.80 23.57
C ILE C 100 14.73 -26.55 24.27
N ASN C 101 14.67 -26.58 25.60
CA ASN C 101 15.69 -27.27 26.36
C ASN C 101 15.09 -27.70 27.70
N ALA C 102 15.93 -27.79 28.74
CA ALA C 102 15.45 -28.22 30.04
C ALA C 102 14.74 -27.10 30.77
N ASN C 103 14.99 -25.87 30.34
CA ASN C 103 14.46 -24.70 31.02
C ASN C 103 13.36 -23.99 30.24
N VAL C 104 13.18 -24.34 28.97
CA VAL C 104 12.17 -23.73 28.11
C VAL C 104 11.49 -24.87 27.36
N GLN C 105 10.20 -25.09 27.66
CA GLN C 105 9.43 -26.17 27.05
C GLN C 105 7.99 -25.75 26.84
N VAL C 106 7.31 -26.50 26.02
CA VAL C 106 5.92 -26.22 25.67
C VAL C 106 5.00 -27.05 26.56
N ALA C 107 3.94 -26.43 27.05
CA ALA C 107 2.96 -27.11 27.88
C ALA C 107 1.92 -27.84 27.03
N GLN C 108 1.19 -28.73 27.67
CA GLN C 108 0.23 -29.60 27.01
C GLN C 108 -1.19 -29.25 27.46
N LEU C 109 -2.10 -29.07 26.48
CA LEU C 109 -3.45 -28.57 26.65
C LEU C 109 -4.44 -29.72 26.75
N PRO C 110 -5.60 -29.49 27.33
CA PRO C 110 -6.61 -30.56 27.36
C PRO C 110 -7.27 -30.80 26.02
N ALA C 111 -8.39 -31.49 26.06
CA ALA C 111 -9.22 -31.73 24.89
C ALA C 111 -10.39 -30.75 24.89
N GLN C 112 -10.83 -30.38 23.70
CA GLN C 112 -11.97 -29.47 23.58
C GLN C 112 -13.16 -30.01 24.35
N GLY C 113 -13.75 -29.15 25.19
CA GLY C 113 -14.96 -29.49 25.90
C GLY C 113 -14.76 -30.20 27.21
N ARG C 114 -13.53 -30.50 27.61
CA ARG C 114 -13.31 -31.24 28.85
C ARG C 114 -13.47 -30.29 30.03
N ARG C 115 -14.53 -30.50 30.81
CA ARG C 115 -14.79 -29.65 31.96
C ARG C 115 -14.38 -30.35 33.26
N LEU C 116 -13.64 -29.63 34.10
CA LEU C 116 -13.12 -30.16 35.36
C LEU C 116 -14.18 -30.16 36.46
N GLY C 117 -14.16 -31.17 37.26
CA GLY C 117 -15.19 -31.36 38.25
C GLY C 117 -14.78 -30.89 39.61
N ASN C 118 -15.78 -30.72 40.48
CA ASN C 118 -15.55 -30.17 41.81
C ASN C 118 -14.68 -31.09 42.64
N GLY C 119 -13.51 -30.62 43.05
CA GLY C 119 -12.60 -31.39 43.88
C GLY C 119 -11.26 -31.70 43.24
N VAL C 120 -11.13 -31.57 41.91
CA VAL C 120 -9.89 -31.92 41.23
C VAL C 120 -8.72 -31.19 41.90
N GLN C 121 -7.57 -31.87 41.95
CA GLN C 121 -6.35 -31.33 42.53
C GLN C 121 -5.50 -30.67 41.45
N CYS C 122 -5.11 -29.42 41.67
CA CYS C 122 -4.41 -28.63 40.67
C CYS C 122 -3.25 -27.89 41.30
N LEU C 123 -2.48 -27.21 40.44
CA LEU C 123 -1.35 -26.42 40.91
C LEU C 123 -1.38 -25.06 40.23
N ALA C 124 -1.33 -23.99 41.03
CA ALA C 124 -1.35 -22.62 40.57
C ALA C 124 0.01 -21.99 40.79
N MET C 125 0.36 -21.01 39.98
CA MET C 125 1.72 -20.51 40.02
C MET C 125 1.80 -19.12 39.41
N GLY C 126 2.91 -18.44 39.69
CA GLY C 126 3.12 -17.11 39.19
C GLY C 126 4.14 -16.38 40.05
N TRP C 127 4.53 -15.20 39.57
CA TRP C 127 5.40 -14.28 40.31
C TRP C 127 4.58 -13.15 40.90
N GLY C 128 3.33 -13.41 41.24
CA GLY C 128 2.46 -12.38 41.77
C GLY C 128 2.85 -11.94 43.18
N LEU C 129 2.12 -10.97 43.69
CA LEU C 129 2.34 -10.48 45.04
C LEU C 129 2.24 -11.64 46.02
N LEU C 130 3.10 -11.62 47.05
CA LEU C 130 3.21 -12.76 47.95
C LEU C 130 2.12 -12.80 49.02
N GLY C 131 1.42 -11.68 49.22
CA GLY C 131 0.28 -11.54 50.11
C GLY C 131 -0.41 -10.26 49.69
N ARG C 132 -1.40 -9.83 50.49
CA ARG C 132 -2.18 -8.67 50.07
C ARG C 132 -1.34 -7.41 50.05
N ASN C 133 -0.25 -7.39 50.83
CA ASN C 133 0.79 -6.38 50.76
C ASN C 133 2.02 -7.05 50.13
N ARG C 134 3.23 -6.69 50.57
CA ARG C 134 4.45 -7.24 49.98
C ARG C 134 4.46 -7.10 48.45
N GLY C 135 5.51 -7.56 47.80
CA GLY C 135 5.68 -7.19 46.40
C GLY C 135 5.72 -8.39 45.49
N ILE C 136 6.16 -8.23 44.25
CA ILE C 136 6.24 -9.37 43.36
C ILE C 136 7.27 -10.35 43.93
N ALA C 137 7.00 -11.63 43.73
CA ALA C 137 7.99 -12.63 44.07
C ALA C 137 9.27 -12.40 43.27
N SER C 138 10.38 -12.93 43.81
CA SER C 138 11.62 -13.14 43.06
C SER C 138 11.59 -14.52 42.43
N VAL C 139 11.52 -15.56 43.25
CA VAL C 139 11.46 -16.95 42.82
C VAL C 139 10.01 -17.33 42.53
N LEU C 140 9.80 -18.09 41.47
CA LEU C 140 8.47 -18.54 41.11
C LEU C 140 7.83 -19.37 42.23
N GLN C 141 6.63 -18.96 42.63
CA GLN C 141 5.86 -19.60 43.69
C GLN C 141 4.81 -20.52 43.09
N GLU C 142 4.42 -21.53 43.88
CA GLU C 142 3.38 -22.49 43.50
C GLU C 142 2.49 -22.77 44.69
N LEU C 143 1.30 -23.33 44.44
CA LEU C 143 0.30 -23.51 45.48
C LEU C 143 -0.69 -24.59 45.09
N ASN C 144 -0.86 -25.61 45.94
CA ASN C 144 -1.82 -26.68 45.69
C ASN C 144 -3.24 -26.16 45.95
N VAL C 145 -4.14 -26.27 44.96
CA VAL C 145 -5.50 -25.72 45.03
C VAL C 145 -6.52 -26.71 44.49
N THR C 146 -7.78 -26.46 44.83
CA THR C 146 -8.88 -27.38 44.56
C THR C 146 -9.94 -26.70 43.69
N VAL C 147 -10.19 -27.26 42.51
CA VAL C 147 -11.26 -26.79 41.64
C VAL C 147 -12.60 -26.92 42.34
N VAL C 148 -13.45 -25.89 42.23
CA VAL C 148 -14.74 -25.84 42.90
C VAL C 148 -15.82 -25.44 41.90
N THR C 149 -17.08 -25.64 42.30
CA THR C 149 -18.23 -25.28 41.47
C THR C 149 -19.20 -24.30 42.10
N SER C 150 -19.29 -24.21 43.43
CA SER C 150 -20.20 -23.24 44.02
C SER C 150 -19.55 -21.87 44.05
N LEU C 151 -20.36 -20.83 43.86
CA LEU C 151 -19.86 -19.45 43.76
C LEU C 151 -18.93 -19.27 42.57
N CYS C 152 -19.41 -19.63 41.38
CA CYS C 152 -18.58 -19.55 40.17
C CYS C 152 -19.48 -19.37 38.96
N ARG C 153 -18.94 -19.61 37.77
CA ARG C 153 -19.68 -19.52 36.52
C ARG C 153 -19.39 -20.75 35.69
N ARG C 154 -20.37 -21.17 34.87
CA ARG C 154 -20.03 -22.21 33.90
C ARG C 154 -18.98 -21.74 32.89
N SER C 155 -18.80 -20.44 32.70
CA SER C 155 -17.78 -19.92 31.79
C SER C 155 -16.46 -19.61 32.48
N ASN C 156 -16.27 -20.07 33.72
CA ASN C 156 -15.02 -19.89 34.43
C ASN C 156 -14.64 -21.19 35.12
N VAL C 157 -13.38 -21.24 35.54
CA VAL C 157 -12.82 -22.36 36.29
C VAL C 157 -12.30 -21.80 37.60
N CYS C 158 -12.96 -22.14 38.69
CA CYS C 158 -12.61 -21.55 39.96
C CYS C 158 -11.76 -22.50 40.79
N THR C 159 -10.96 -21.93 41.69
CA THR C 159 -10.20 -22.69 42.66
C THR C 159 -10.34 -22.06 44.03
N LEU C 160 -9.93 -22.82 45.04
CA LEU C 160 -10.07 -22.50 46.44
C LEU C 160 -8.97 -23.20 47.21
N VAL C 161 -8.52 -22.60 48.30
CA VAL C 161 -7.61 -23.27 49.22
C VAL C 161 -8.37 -23.38 50.53
N ARG C 162 -8.95 -24.56 50.80
CA ARG C 162 -9.85 -24.72 51.94
C ARG C 162 -9.14 -24.34 53.24
N GLY C 163 -9.92 -23.83 54.19
CA GLY C 163 -9.43 -23.48 55.52
C GLY C 163 -8.15 -22.69 55.63
N ARG C 164 -7.67 -22.18 54.50
CA ARG C 164 -6.56 -21.24 54.48
C ARG C 164 -6.95 -20.02 53.66
N GLN C 165 -6.30 -18.90 53.94
CA GLN C 165 -6.39 -17.71 53.10
C GLN C 165 -5.21 -17.74 52.12
N ALA C 166 -5.40 -18.48 51.04
CA ALA C 166 -4.40 -18.57 50.00
C ALA C 166 -5.10 -18.47 48.65
N GLY C 167 -4.32 -18.16 47.62
CA GLY C 167 -4.86 -17.99 46.29
C GLY C 167 -3.94 -17.13 45.44
N VAL C 168 -4.43 -16.79 44.26
CA VAL C 168 -3.67 -15.92 43.36
C VAL C 168 -3.77 -14.48 43.83
N CYS C 169 -2.90 -13.64 43.29
CA CYS C 169 -2.88 -12.24 43.64
C CYS C 169 -2.35 -11.47 42.44
N PHE C 170 -2.13 -10.18 42.61
CA PHE C 170 -1.90 -9.31 41.47
C PHE C 170 -0.54 -9.57 40.86
N GLY C 171 -0.53 -9.68 39.53
CA GLY C 171 0.63 -10.20 38.83
C GLY C 171 0.48 -11.64 38.44
N ASP C 172 -0.59 -12.31 38.83
CA ASP C 172 -0.77 -13.70 38.42
C ASP C 172 -1.67 -13.85 37.21
N SER C 173 -2.39 -12.80 36.81
CA SER C 173 -3.16 -12.82 35.58
C SER C 173 -2.38 -13.49 34.46
N GLY C 174 -3.04 -14.38 33.74
CA GLY C 174 -2.42 -15.09 32.64
C GLY C 174 -1.51 -16.23 33.03
N SER C 175 -1.29 -16.47 34.32
CA SER C 175 -0.45 -17.58 34.70
C SER C 175 -1.24 -18.88 34.58
N PRO C 176 -0.58 -20.00 34.31
CA PRO C 176 -1.33 -21.22 34.05
C PRO C 176 -1.90 -21.80 35.33
N LEU C 177 -2.97 -22.55 35.17
CA LEU C 177 -3.45 -23.48 36.18
C LEU C 177 -3.20 -24.86 35.64
N VAL C 178 -2.52 -25.70 36.42
CA VAL C 178 -2.08 -27.02 35.99
C VAL C 178 -2.93 -28.07 36.69
N CYS C 179 -3.51 -28.99 35.92
CA CYS C 179 -4.33 -30.07 36.45
C CYS C 179 -4.06 -31.30 35.60
N ASN C 180 -3.60 -32.37 36.26
CA ASN C 180 -3.19 -33.62 35.59
C ASN C 180 -2.14 -33.36 34.52
N GLY C 181 -1.18 -32.51 34.82
CA GLY C 181 -0.14 -32.20 33.86
C GLY C 181 -0.56 -31.36 32.68
N LEU C 182 -1.84 -31.03 32.57
CA LEU C 182 -2.34 -30.17 31.52
C LEU C 182 -2.68 -28.79 32.07
N ILE C 183 -2.66 -27.80 31.18
CA ILE C 183 -2.96 -26.41 31.48
C ILE C 183 -4.46 -26.22 31.32
N HIS C 184 -5.20 -26.15 32.43
CA HIS C 184 -6.64 -26.06 32.28
C HIS C 184 -7.22 -24.68 32.53
N GLY C 185 -6.41 -23.74 33.04
CA GLY C 185 -6.88 -22.43 33.41
C GLY C 185 -5.85 -21.35 33.13
N ILE C 186 -6.35 -20.12 33.09
CA ILE C 186 -5.56 -18.91 32.90
C ILE C 186 -6.04 -17.92 33.94
N ALA C 187 -5.15 -17.48 34.83
CA ALA C 187 -5.56 -16.69 35.99
C ALA C 187 -6.15 -15.36 35.54
N SER C 188 -7.36 -15.05 36.03
CA SER C 188 -8.16 -13.99 35.40
C SER C 188 -8.56 -12.92 36.41
N PHE C 189 -9.32 -13.27 37.44
CA PHE C 189 -9.73 -12.24 38.39
C PHE C 189 -9.98 -12.87 39.74
N VAL C 190 -9.89 -12.02 40.76
CA VAL C 190 -10.22 -12.38 42.13
C VAL C 190 -11.44 -11.58 42.56
N ARG C 191 -11.91 -11.84 43.77
CA ARG C 191 -13.13 -11.22 44.28
C ARG C 191 -12.90 -10.79 45.72
N GLY C 192 -13.50 -9.67 46.12
CA GLY C 192 -13.30 -9.16 47.47
C GLY C 192 -11.87 -9.14 47.94
N GLY C 193 -10.92 -9.11 47.02
CA GLY C 193 -9.53 -9.01 47.40
C GLY C 193 -8.77 -10.32 47.25
N CYS C 194 -7.44 -10.18 47.11
CA CYS C 194 -6.54 -11.33 47.11
C CYS C 194 -6.74 -12.19 48.35
N ALA C 195 -6.67 -13.52 48.16
CA ALA C 195 -6.63 -14.50 49.24
C ALA C 195 -7.72 -14.24 50.27
N SER C 196 -8.97 -14.28 49.82
CA SER C 196 -10.07 -13.96 50.72
C SER C 196 -10.40 -15.15 51.62
N GLY C 197 -10.13 -16.35 51.14
CA GLY C 197 -10.60 -17.53 51.82
C GLY C 197 -12.09 -17.74 51.70
N LEU C 198 -12.84 -16.72 51.26
CA LEU C 198 -14.26 -16.88 51.00
C LEU C 198 -14.57 -17.04 49.52
N TYR C 199 -13.97 -16.21 48.65
CA TYR C 199 -14.42 -16.34 47.26
C TYR C 199 -13.37 -17.06 46.41
N PRO C 200 -13.77 -18.00 45.57
CA PRO C 200 -12.79 -18.69 44.74
C PRO C 200 -12.12 -17.74 43.76
N ASP C 201 -10.89 -18.09 43.38
CA ASP C 201 -10.26 -17.39 42.26
C ASP C 201 -10.84 -17.89 40.94
N ALA C 202 -10.64 -17.12 39.88
CA ALA C 202 -11.33 -17.38 38.62
C ALA C 202 -10.31 -17.48 37.48
N PHE C 203 -10.35 -18.60 36.76
CA PHE C 203 -9.43 -18.87 35.68
C PHE C 203 -10.25 -18.99 34.41
N ALA C 204 -9.74 -18.42 33.32
CA ALA C 204 -10.37 -18.63 32.03
C ALA C 204 -10.28 -20.11 31.68
N PRO C 205 -11.40 -20.79 31.36
CA PRO C 205 -11.33 -22.24 31.07
C PRO C 205 -10.69 -22.54 29.74
N VAL C 206 -9.45 -23.03 29.75
CA VAL C 206 -8.70 -23.23 28.50
C VAL C 206 -9.36 -24.26 27.59
N ALA C 207 -10.08 -25.23 28.16
CA ALA C 207 -10.64 -26.33 27.36
C ALA C 207 -11.87 -25.93 26.55
N GLN C 208 -12.59 -24.88 26.94
CA GLN C 208 -13.62 -24.37 26.06
C GLN C 208 -13.04 -23.71 24.81
N PHE C 209 -11.75 -23.41 24.77
CA PHE C 209 -11.14 -22.66 23.67
C PHE C 209 -10.12 -23.48 22.87
N VAL C 210 -10.08 -24.79 23.06
CA VAL C 210 -8.97 -25.59 22.54
C VAL C 210 -8.94 -25.53 21.02
N ASN C 211 -10.09 -25.71 20.38
CA ASN C 211 -10.13 -25.65 18.92
C ASN C 211 -9.57 -24.33 18.40
N TRP C 212 -9.94 -23.23 19.04
CA TRP C 212 -9.46 -21.93 18.64
C TRP C 212 -7.95 -21.81 18.81
N ILE C 213 -7.40 -22.36 19.91
CA ILE C 213 -5.96 -22.28 20.16
C ILE C 213 -5.20 -23.14 19.14
N ASP C 214 -5.64 -24.37 18.94
CA ASP C 214 -4.96 -25.25 17.98
C ASP C 214 -4.83 -24.58 16.61
N SER C 215 -5.97 -24.17 16.03
CA SER C 215 -5.94 -23.61 14.68
C SER C 215 -4.91 -22.49 14.51
N ILE C 216 -4.64 -21.70 15.55
CA ILE C 216 -3.69 -20.60 15.42
C ILE C 216 -2.23 -21.06 15.48
N ILE C 217 -1.92 -22.08 16.29
CA ILE C 217 -0.55 -22.54 16.47
C ILE C 217 -0.22 -23.73 15.57
N GLN C 218 -1.21 -24.23 14.82
CA GLN C 218 -1.19 -25.46 14.00
C GLN C 218 -1.17 -26.71 14.86
N ILE D 1 -26.09 9.88 19.01
CA ILE D 1 -27.18 10.32 19.87
C ILE D 1 -26.66 10.97 21.17
N ILE D 2 -27.20 12.14 21.53
CA ILE D 2 -26.80 12.86 22.74
C ILE D 2 -27.87 12.68 23.81
N GLY D 3 -27.43 12.28 25.01
CA GLY D 3 -28.34 12.12 26.13
C GLY D 3 -29.25 10.92 26.02
N GLY D 4 -28.81 9.88 25.33
CA GLY D 4 -29.64 8.72 25.09
C GLY D 4 -29.09 7.48 25.78
N ARG D 5 -29.82 6.39 25.60
CA ARG D 5 -29.47 5.10 26.16
C ARG D 5 -29.23 4.10 25.04
N GLU D 6 -28.41 3.08 25.31
CA GLU D 6 -28.23 2.06 24.31
C GLU D 6 -29.54 1.30 24.10
N SER D 7 -29.88 1.00 22.85
CA SER D 7 -31.14 0.32 22.55
C SER D 7 -31.06 -1.16 22.88
N ARG D 8 -32.22 -1.73 23.21
CA ARG D 8 -32.32 -3.17 23.32
C ARG D 8 -31.91 -3.78 21.98
N PRO D 9 -30.85 -4.57 21.93
CA PRO D 9 -30.30 -4.96 20.63
C PRO D 9 -31.34 -5.57 19.72
N HIS D 10 -31.38 -5.07 18.48
CA HIS D 10 -32.28 -5.45 17.41
C HIS D 10 -33.75 -5.18 17.73
N SER D 11 -34.03 -4.35 18.74
CA SER D 11 -35.39 -3.87 18.98
C SER D 11 -35.86 -2.93 17.90
N ARG D 12 -34.96 -2.44 17.07
CA ARG D 12 -35.28 -1.52 16.00
C ARG D 12 -34.71 -2.16 14.75
N PRO D 13 -35.38 -3.18 14.22
CA PRO D 13 -34.81 -3.94 13.11
C PRO D 13 -34.79 -3.17 11.81
N TYR D 14 -35.49 -2.05 11.75
CA TYR D 14 -35.61 -1.26 10.53
C TYR D 14 -34.41 -0.35 10.31
N MET D 15 -33.49 -0.28 11.26
CA MET D 15 -32.35 0.63 11.18
C MET D 15 -31.37 0.21 10.10
N ALA D 16 -30.88 1.19 9.36
CA ALA D 16 -29.81 0.98 8.39
C ALA D 16 -28.60 1.83 8.79
N TYR D 17 -27.44 1.43 8.29
CA TYR D 17 -26.18 2.10 8.60
C TYR D 17 -25.47 2.35 7.27
N LEU D 18 -25.47 3.59 6.83
CA LEU D 18 -24.93 3.92 5.52
C LEU D 18 -23.47 4.33 5.66
N GLN D 19 -22.68 3.94 4.68
CA GLN D 19 -21.28 4.28 4.57
C GLN D 19 -21.09 4.88 3.18
N ILE D 20 -20.68 6.14 3.11
CA ILE D 20 -20.84 6.94 1.91
C ILE D 20 -19.48 7.40 1.40
N GLN D 21 -19.35 7.41 0.07
CA GLN D 21 -18.09 7.73 -0.61
C GLN D 21 -18.19 9.10 -1.27
N SER D 22 -17.49 10.05 -0.71
CA SER D 22 -17.42 11.40 -1.23
C SER D 22 -16.12 11.61 -2.01
N PRO D 23 -16.07 12.63 -2.88
CA PRO D 23 -14.82 12.91 -3.57
C PRO D 23 -13.64 13.12 -2.64
N ALA D 24 -13.85 13.70 -1.45
CA ALA D 24 -12.75 14.15 -0.60
C ALA D 24 -12.57 13.28 0.64
N GLY D 25 -13.31 12.18 0.75
CA GLY D 25 -13.28 11.34 1.93
C GLY D 25 -14.51 10.46 2.00
N GLN D 26 -14.83 10.03 3.24
CA GLN D 26 -15.98 9.22 3.57
C GLN D 26 -16.89 9.95 4.56
N SER D 27 -18.16 9.56 4.56
CA SER D 27 -19.17 10.06 5.50
C SER D 27 -20.05 8.91 5.99
N ARG D 28 -20.81 9.20 7.04
CA ARG D 28 -21.61 8.19 7.71
C ARG D 28 -22.95 8.77 8.14
N CYS D 29 -24.01 8.04 7.81
CA CYS D 29 -25.39 8.39 8.12
C CYS D 29 -26.07 7.17 8.68
N GLY D 30 -27.31 7.39 9.12
CA GLY D 30 -28.25 6.32 9.35
C GLY D 30 -29.31 6.31 8.25
N GLY D 31 -30.32 5.47 8.49
CA GLY D 31 -31.39 5.27 7.53
C GLY D 31 -32.32 4.23 8.09
N PHE D 32 -33.50 4.13 7.48
CA PHE D 32 -34.47 3.13 7.90
C PHE D 32 -35.08 2.44 6.70
N LEU D 33 -35.19 1.12 6.80
CA LEU D 33 -35.79 0.30 5.76
C LEU D 33 -37.30 0.55 5.68
N VAL D 34 -37.81 0.80 4.47
CA VAL D 34 -39.24 1.00 4.27
C VAL D 34 -39.88 -0.14 3.46
N ARG D 35 -39.09 -0.95 2.78
CA ARG D 35 -39.56 -1.98 1.87
C ARG D 35 -38.36 -2.88 1.60
N GLU D 36 -38.62 -4.16 1.28
CA GLU D 36 -37.53 -5.13 1.27
C GLU D 36 -36.33 -4.69 0.44
N ASP D 37 -36.48 -3.68 -0.44
CA ASP D 37 -35.33 -3.13 -1.19
C ASP D 37 -35.18 -1.62 -1.02
N PHE D 38 -35.93 -0.98 -0.12
CA PHE D 38 -35.94 0.47 -0.03
C PHE D 38 -35.59 1.00 1.35
N VAL D 39 -34.50 1.75 1.42
CA VAL D 39 -34.05 2.44 2.61
C VAL D 39 -34.25 3.93 2.37
N LEU D 40 -35.02 4.58 3.25
CA LEU D 40 -35.23 6.02 3.19
C LEU D 40 -34.24 6.72 4.11
N THR D 41 -33.72 7.86 3.66
CA THR D 41 -32.70 8.58 4.43
C THR D 41 -32.70 10.03 4.01
N ALA D 42 -31.81 10.81 4.60
CA ALA D 42 -31.69 12.23 4.27
C ALA D 42 -30.95 12.39 2.95
N ALA D 43 -31.24 13.51 2.27
CA ALA D 43 -30.71 13.69 0.92
C ALA D 43 -29.27 14.15 0.95
N HIS D 44 -28.84 14.83 2.02
CA HIS D 44 -27.43 15.22 2.14
C HIS D 44 -26.51 14.05 2.51
N CYS D 45 -27.03 12.83 2.56
CA CYS D 45 -26.23 11.63 2.70
C CYS D 45 -25.97 10.93 1.38
N TRP D 46 -26.14 11.63 0.26
CA TRP D 46 -25.87 11.05 -1.05
C TRP D 46 -24.37 10.87 -1.29
N GLY D 47 -24.04 9.89 -2.12
CA GLY D 47 -22.69 9.79 -2.63
C GLY D 47 -22.72 8.97 -3.89
N SER D 48 -21.60 9.02 -4.62
CA SER D 48 -21.42 8.19 -5.81
C SER D 48 -21.53 6.71 -5.49
N ASN D 49 -21.44 6.36 -4.21
CA ASN D 49 -21.16 4.99 -3.83
C ASN D 49 -21.52 4.86 -2.35
N ILE D 50 -22.38 3.88 -2.02
CA ILE D 50 -23.08 3.87 -0.74
C ILE D 50 -23.33 2.42 -0.31
N ASN D 51 -22.67 2.00 0.77
CA ASN D 51 -22.85 0.68 1.37
C ASN D 51 -23.80 0.77 2.57
N VAL D 52 -24.90 0.00 2.55
CA VAL D 52 -25.91 -0.04 3.61
C VAL D 52 -25.71 -1.29 4.46
N THR D 53 -26.00 -1.20 5.76
CA THR D 53 -25.89 -2.37 6.64
C THR D 53 -27.15 -2.51 7.47
N LEU D 54 -27.81 -3.65 7.36
CA LEU D 54 -29.06 -3.88 8.06
C LEU D 54 -28.85 -4.86 9.21
N GLY D 55 -29.76 -4.81 10.18
CA GLY D 55 -29.72 -5.80 11.24
C GLY D 55 -28.50 -5.76 12.12
N ALA D 56 -27.92 -4.59 12.32
CA ALA D 56 -26.74 -4.47 13.15
C ALA D 56 -27.09 -3.97 14.56
N HIS D 57 -26.20 -4.27 15.50
CA HIS D 57 -26.20 -3.54 16.75
C HIS D 57 -24.84 -2.91 17.02
N ASN D 58 -23.83 -3.74 17.32
CA ASN D 58 -22.47 -3.25 17.46
C ASN D 58 -21.87 -3.15 16.06
N ILE D 59 -21.81 -1.93 15.53
CA ILE D 59 -21.47 -1.76 14.12
C ILE D 59 -19.99 -1.97 13.84
N GLN D 60 -19.19 -2.27 14.86
CA GLN D 60 -17.77 -2.55 14.66
C GLN D 60 -17.46 -4.03 14.55
N ARG D 61 -18.42 -4.90 14.79
CA ARG D 61 -18.20 -6.35 14.65
C ARG D 61 -19.11 -6.87 13.56
N ARG D 62 -18.61 -7.83 12.77
CA ARG D 62 -19.37 -8.29 11.60
C ARG D 62 -20.29 -9.43 12.02
N GLU D 63 -21.30 -9.03 12.80
CA GLU D 63 -22.24 -9.94 13.43
C GLU D 63 -22.90 -10.86 12.40
N ASN D 64 -23.26 -12.05 12.88
CA ASN D 64 -24.02 -13.00 12.09
C ASN D 64 -25.30 -12.37 11.54
N THR D 65 -25.92 -11.45 12.31
CA THR D 65 -27.21 -10.86 11.94
C THR D 65 -27.11 -9.80 10.86
N GLN D 66 -25.94 -9.23 10.63
CA GLN D 66 -25.82 -8.14 9.65
C GLN D 66 -25.93 -8.65 8.23
N GLN D 67 -26.54 -7.84 7.38
CA GLN D 67 -26.54 -8.07 5.94
C GLN D 67 -26.01 -6.83 5.25
N HIS D 68 -24.95 -7.00 4.48
CA HIS D 68 -24.28 -5.90 3.81
C HIS D 68 -24.74 -5.87 2.36
N ILE D 69 -25.47 -4.83 2.00
CA ILE D 69 -26.01 -4.64 0.65
C ILE D 69 -25.63 -3.24 0.21
N THR D 70 -25.21 -3.12 -1.05
CA THR D 70 -24.97 -1.79 -1.63
C THR D 70 -26.25 -1.28 -2.26
N ALA D 71 -26.26 0.03 -2.50
CA ALA D 71 -27.42 0.71 -3.08
C ALA D 71 -27.31 0.77 -4.61
N ARG D 72 -28.24 0.10 -5.29
CA ARG D 72 -28.29 0.18 -6.75
C ARG D 72 -28.63 1.59 -7.20
N ARG D 73 -29.33 2.35 -6.35
CA ARG D 73 -29.73 3.71 -6.65
C ARG D 73 -29.77 4.55 -5.38
N ALA D 74 -29.46 5.83 -5.54
CA ALA D 74 -29.57 6.85 -4.50
C ALA D 74 -30.35 8.00 -5.12
N ILE D 75 -31.66 7.98 -4.94
CA ILE D 75 -32.58 8.87 -5.63
C ILE D 75 -32.85 10.05 -4.70
N ARG D 76 -32.19 11.17 -4.96
CA ARG D 76 -32.44 12.38 -4.19
C ARG D 76 -33.72 13.04 -4.63
N HIS D 77 -34.41 13.65 -3.69
CA HIS D 77 -35.62 14.39 -4.01
C HIS D 77 -35.29 15.51 -5.00
N PRO D 78 -36.10 15.70 -6.05
CA PRO D 78 -35.66 16.61 -7.13
C PRO D 78 -35.61 18.06 -6.72
N GLN D 79 -36.28 18.46 -5.64
CA GLN D 79 -36.30 19.84 -5.18
C GLN D 79 -35.36 20.07 -4.00
N TYR D 80 -34.39 19.18 -3.81
CA TYR D 80 -33.47 19.25 -2.66
C TYR D 80 -32.55 20.47 -2.78
N ASN D 81 -32.63 21.35 -1.80
CA ASN D 81 -31.84 22.58 -1.77
C ASN D 81 -30.67 22.34 -0.82
N GLN D 82 -29.49 22.15 -1.42
CA GLN D 82 -28.29 21.84 -0.66
C GLN D 82 -27.92 22.96 0.30
N ARG D 83 -28.17 24.21 -0.10
CA ARG D 83 -27.69 25.36 0.68
C ARG D 83 -28.57 25.60 1.90
N THR D 84 -29.87 25.36 1.78
CA THR D 84 -30.80 25.59 2.87
C THR D 84 -31.27 24.30 3.52
N ILE D 85 -30.65 23.17 3.16
CA ILE D 85 -30.99 21.84 3.64
C ILE D 85 -32.50 21.65 3.55
N GLN D 86 -33.05 21.92 2.37
CA GLN D 86 -34.49 21.86 2.16
C GLN D 86 -34.86 20.68 1.24
N ASN D 87 -36.00 20.04 1.51
CA ASN D 87 -36.41 18.84 0.81
C ASN D 87 -35.37 17.76 1.02
N ASP D 88 -34.96 17.57 2.27
CA ASP D 88 -33.82 16.71 2.59
C ASP D 88 -34.27 15.24 2.72
N ILE D 89 -34.58 14.63 1.58
CA ILE D 89 -35.10 13.27 1.56
C ILE D 89 -34.52 12.51 0.37
N MET D 90 -34.04 11.29 0.63
CA MET D 90 -33.44 10.42 -0.37
C MET D 90 -33.98 9.02 -0.20
N LEU D 91 -34.32 8.37 -1.31
CA LEU D 91 -34.58 6.94 -1.32
C LEU D 91 -33.38 6.17 -1.90
N LEU D 92 -33.00 5.08 -1.24
CA LEU D 92 -32.04 4.13 -1.77
C LEU D 92 -32.76 2.90 -2.27
N GLN D 93 -32.53 2.54 -3.53
CA GLN D 93 -32.99 1.24 -4.01
C GLN D 93 -31.84 0.27 -3.80
N LEU D 94 -32.10 -0.81 -3.06
CA LEU D 94 -31.02 -1.72 -2.73
C LEU D 94 -30.77 -2.67 -3.89
N SER D 95 -29.50 -3.06 -4.06
CA SER D 95 -29.08 -3.83 -5.22
C SER D 95 -29.59 -5.26 -5.21
N ARG D 96 -30.04 -5.75 -4.06
CA ARG D 96 -30.63 -7.09 -3.94
C ARG D 96 -31.62 -7.06 -2.78
N ARG D 97 -32.54 -8.02 -2.78
CA ARG D 97 -33.59 -8.04 -1.76
C ARG D 97 -32.99 -8.43 -0.42
N VAL D 98 -33.46 -7.78 0.65
CA VAL D 98 -33.04 -8.14 1.99
C VAL D 98 -33.77 -9.38 2.44
N ARG D 99 -33.17 -10.07 3.41
CA ARG D 99 -33.78 -11.23 4.03
C ARG D 99 -34.51 -10.79 5.29
N ARG D 100 -35.84 -10.72 5.21
CA ARG D 100 -36.63 -10.44 6.39
C ARG D 100 -36.36 -11.49 7.44
N ASN D 101 -36.30 -11.06 8.69
CA ASN D 101 -36.15 -11.97 9.84
C ASN D 101 -36.35 -11.14 11.10
N ARG D 102 -36.10 -11.75 12.27
CA ARG D 102 -36.30 -11.05 13.55
C ARG D 102 -35.62 -9.69 13.55
N ASN D 103 -34.45 -9.59 12.90
CA ASN D 103 -33.57 -8.43 13.01
C ASN D 103 -33.62 -7.46 11.85
N VAL D 104 -34.26 -7.83 10.75
CA VAL D 104 -34.28 -7.04 9.53
C VAL D 104 -35.69 -7.08 8.99
N ASN D 105 -36.44 -6.00 9.15
CA ASN D 105 -37.73 -5.86 8.48
C ASN D 105 -38.14 -4.39 8.53
N PRO D 106 -39.07 -3.97 7.68
CA PRO D 106 -39.34 -2.54 7.51
C PRO D 106 -40.17 -1.93 8.65
N VAL D 107 -40.16 -0.60 8.65
CA VAL D 107 -40.98 0.23 9.54
C VAL D 107 -42.02 0.90 8.68
N ALA D 108 -43.12 1.32 9.29
CA ALA D 108 -44.18 2.00 8.56
C ALA D 108 -43.93 3.49 8.48
N LEU D 109 -44.19 4.07 7.28
CA LEU D 109 -44.37 5.48 7.00
C LEU D 109 -45.78 5.87 7.41
N PRO D 110 -46.02 7.14 7.70
CA PRO D 110 -47.38 7.53 8.12
C PRO D 110 -48.39 7.36 7.01
N ARG D 111 -49.63 7.10 7.41
CA ARG D 111 -50.74 7.33 6.51
C ARG D 111 -50.70 8.78 6.02
N ALA D 112 -51.55 9.09 5.05
CA ALA D 112 -51.48 10.37 4.36
C ALA D 112 -51.49 11.58 5.29
N GLN D 113 -50.55 12.50 5.02
CA GLN D 113 -50.63 13.92 5.39
C GLN D 113 -50.78 14.14 6.89
N GLU D 114 -49.97 13.46 7.69
CA GLU D 114 -49.89 13.80 9.12
C GLU D 114 -48.48 14.23 9.52
N GLY D 115 -48.32 15.52 9.79
CA GLY D 115 -47.24 15.97 10.61
C GLY D 115 -47.42 15.36 11.99
N LEU D 116 -47.75 16.18 13.00
CA LEU D 116 -47.72 15.71 14.39
C LEU D 116 -48.57 16.57 15.33
N ARG D 117 -47.96 16.97 16.47
CA ARG D 117 -48.64 17.64 17.59
C ARG D 117 -47.62 18.00 18.67
N PRO D 118 -47.46 19.28 19.02
CA PRO D 118 -46.42 19.65 19.98
C PRO D 118 -46.56 18.89 21.28
N GLY D 119 -45.47 18.78 22.02
CA GLY D 119 -45.44 18.01 23.24
C GLY D 119 -45.20 16.53 23.06
N THR D 120 -45.58 15.97 21.91
CA THR D 120 -45.48 14.53 21.67
C THR D 120 -44.07 14.01 21.92
N LEU D 121 -43.98 12.89 22.61
CA LEU D 121 -42.70 12.20 22.73
C LEU D 121 -42.45 11.35 21.48
N CYS D 122 -41.29 11.53 20.87
CA CYS D 122 -40.84 10.65 19.82
C CYS D 122 -39.44 10.14 20.17
N THR D 123 -39.10 8.97 19.61
CA THR D 123 -37.80 8.35 19.84
C THR D 123 -37.03 8.26 18.53
N VAL D 124 -35.78 8.72 18.57
CA VAL D 124 -34.86 8.71 17.43
C VAL D 124 -33.67 7.82 17.79
N ALA D 125 -33.00 7.28 16.77
CA ALA D 125 -31.92 6.34 17.02
C ALA D 125 -30.85 6.50 15.94
N GLY D 126 -29.64 6.04 16.26
CA GLY D 126 -28.54 6.06 15.32
C GLY D 126 -27.22 5.78 16.01
N TRP D 127 -26.18 5.71 15.18
CA TRP D 127 -24.83 5.47 15.67
C TRP D 127 -23.95 6.71 15.61
N GLY D 128 -24.55 7.89 15.70
CA GLY D 128 -23.77 9.11 15.67
C GLY D 128 -22.94 9.28 16.92
N ARG D 129 -22.19 10.39 16.96
CA ARG D 129 -21.41 10.71 18.14
C ARG D 129 -22.35 10.96 19.31
N VAL D 130 -21.79 10.96 20.53
CA VAL D 130 -22.58 11.23 21.73
C VAL D 130 -22.21 12.55 22.38
N SER D 131 -21.25 13.30 21.82
CA SER D 131 -20.82 14.60 22.30
C SER D 131 -19.82 15.18 21.31
N MET D 132 -19.27 16.35 21.66
CA MET D 132 -18.10 16.85 20.95
C MET D 132 -16.87 15.96 21.14
N ARG D 133 -16.90 15.00 22.08
CA ARG D 133 -15.71 14.25 22.48
C ARG D 133 -15.72 12.82 21.96
N ARG D 134 -16.72 12.04 22.33
CA ARG D 134 -16.79 10.60 22.11
C ARG D 134 -18.03 10.23 21.31
N GLY D 135 -18.01 9.00 20.78
CA GLY D 135 -19.10 8.51 19.98
C GLY D 135 -19.43 7.08 20.38
N THR D 136 -19.97 6.26 19.46
CA THR D 136 -20.51 4.97 19.85
C THR D 136 -20.33 3.92 18.77
N ASP D 137 -20.12 2.69 19.24
CA ASP D 137 -20.03 1.53 18.38
C ASP D 137 -21.38 0.81 18.22
N THR D 138 -22.32 1.03 19.14
CA THR D 138 -23.58 0.32 19.11
C THR D 138 -24.72 1.32 18.98
N LEU D 139 -25.83 0.83 18.43
CA LEU D 139 -27.04 1.63 18.31
C LEU D 139 -27.47 2.22 19.65
N ARG D 140 -27.79 3.49 19.66
CA ARG D 140 -28.37 4.15 20.83
C ARG D 140 -29.66 4.85 20.41
N GLU D 141 -30.50 5.18 21.40
CA GLU D 141 -31.76 5.87 21.11
C GLU D 141 -32.05 6.93 22.17
N VAL D 142 -32.80 7.96 21.78
CA VAL D 142 -33.23 8.99 22.70
C VAL D 142 -34.67 9.42 22.39
N GLN D 143 -35.34 9.89 23.44
CA GLN D 143 -36.73 10.34 23.35
C GLN D 143 -36.75 11.86 23.30
N LEU D 144 -37.30 12.41 22.22
CA LEU D 144 -37.37 13.84 22.05
C LEU D 144 -38.83 14.32 22.03
N ARG D 145 -39.01 15.62 22.22
CA ARG D 145 -40.31 16.23 22.39
C ARG D 145 -40.60 17.22 21.26
N VAL D 146 -41.68 16.98 20.52
CA VAL D 146 -42.05 17.86 19.42
C VAL D 146 -42.24 19.28 19.92
N GLN D 147 -41.66 20.23 19.21
CA GLN D 147 -41.73 21.66 19.49
C GLN D 147 -42.76 22.33 18.58
N ARG D 148 -43.33 23.42 19.09
CA ARG D 148 -44.10 24.30 18.23
C ARG D 148 -43.16 25.01 17.26
N ASP D 149 -43.67 25.36 16.07
CA ASP D 149 -42.82 25.89 15.02
C ASP D 149 -42.07 27.15 15.41
N ARG D 150 -42.56 27.91 16.39
CA ARG D 150 -41.93 29.20 16.65
C ARG D 150 -40.48 29.05 17.07
N GLN D 151 -40.17 28.03 17.89
CA GLN D 151 -38.80 27.79 18.33
C GLN D 151 -37.83 27.79 17.16
N CYS D 152 -38.10 26.93 16.17
CA CYS D 152 -37.20 26.78 15.04
C CYS D 152 -37.20 27.98 14.10
N LEU D 153 -38.36 28.64 13.91
CA LEU D 153 -38.35 29.83 13.05
C LEU D 153 -37.55 30.97 13.68
N ARG D 154 -37.33 30.95 15.00
CA ARG D 154 -36.41 31.89 15.65
C ARG D 154 -34.95 31.65 15.25
N ILE D 155 -34.53 30.38 15.23
CA ILE D 155 -33.12 30.03 15.21
C ILE D 155 -32.60 29.83 13.79
N PHE D 156 -33.41 29.21 12.92
CA PHE D 156 -32.93 28.63 11.66
C PHE D 156 -33.50 29.39 10.47
N GLY D 157 -32.61 29.77 9.54
CA GLY D 157 -32.97 30.76 8.53
C GLY D 157 -33.94 30.26 7.47
N SER D 158 -34.02 28.93 7.27
CA SER D 158 -34.80 28.34 6.18
C SER D 158 -35.78 27.29 6.69
N TYR D 159 -36.27 27.42 7.91
CA TYR D 159 -37.21 26.46 8.42
C TYR D 159 -38.55 26.64 7.74
N ASP D 160 -39.15 25.53 7.31
CA ASP D 160 -40.43 25.53 6.58
C ASP D 160 -41.33 24.52 7.27
N PRO D 161 -42.32 24.97 8.05
CA PRO D 161 -43.10 24.01 8.85
C PRO D 161 -43.98 23.10 8.03
N ARG D 162 -44.23 23.41 6.75
CA ARG D 162 -44.96 22.49 5.88
C ARG D 162 -44.15 21.23 5.58
N ARG D 163 -42.83 21.30 5.65
CA ARG D 163 -42.01 20.18 5.21
C ARG D 163 -40.97 19.73 6.24
N GLN D 164 -41.01 20.28 7.46
CA GLN D 164 -40.06 19.95 8.51
C GLN D 164 -40.72 19.98 9.88
N ILE D 165 -40.33 19.05 10.73
CA ILE D 165 -40.74 18.98 12.12
C ILE D 165 -39.67 19.63 12.96
N CYS D 166 -40.07 20.40 13.97
CA CYS D 166 -39.13 21.05 14.88
C CYS D 166 -39.15 20.31 16.22
N VAL D 167 -37.98 19.85 16.68
CA VAL D 167 -37.95 18.80 17.69
C VAL D 167 -36.85 19.07 18.71
N GLY D 168 -37.16 18.83 20.00
CA GLY D 168 -36.21 18.90 21.10
C GLY D 168 -36.47 20.05 22.07
N ASP D 169 -36.77 19.76 23.34
CA ASP D 169 -36.84 20.81 24.36
C ASP D 169 -35.49 21.50 24.51
N ARG D 170 -35.51 22.83 24.45
CA ARG D 170 -34.32 23.60 24.82
C ARG D 170 -33.77 23.20 26.19
N ARG D 171 -34.65 22.96 27.16
CA ARG D 171 -34.22 22.73 28.53
C ARG D 171 -33.67 21.32 28.74
N GLU D 172 -34.14 20.34 27.97
CA GLU D 172 -33.61 18.99 28.04
C GLU D 172 -32.34 18.91 27.18
N ARG D 173 -31.35 18.14 27.65
CA ARG D 173 -30.07 18.02 26.94
C ARG D 173 -30.04 16.79 26.05
N LYS D 174 -30.97 16.72 25.11
CA LYS D 174 -31.18 15.51 24.33
C LYS D 174 -31.39 15.91 22.89
N ALA D 175 -30.74 15.19 21.96
CA ALA D 175 -30.90 15.42 20.52
C ALA D 175 -30.12 14.36 19.74
N ALA D 176 -30.38 14.33 18.42
CA ALA D 176 -29.55 13.61 17.48
C ALA D 176 -28.38 14.48 17.02
N PHE D 177 -27.22 13.86 16.84
CA PHE D 177 -25.98 14.61 16.62
C PHE D 177 -25.26 14.08 15.38
N LYS D 178 -23.98 14.43 15.26
CA LYS D 178 -23.18 14.13 14.08
C LYS D 178 -23.13 12.62 13.83
N GLY D 179 -23.74 12.18 12.73
CA GLY D 179 -23.81 10.78 12.40
C GLY D 179 -25.21 10.23 12.39
N ASP D 180 -26.18 10.91 12.99
CA ASP D 180 -27.53 10.36 13.04
C ASP D 180 -28.42 10.78 11.89
N SER D 181 -27.89 11.56 10.93
CA SER D 181 -28.64 12.00 9.77
C SER D 181 -29.35 10.83 9.09
N GLY D 182 -30.51 11.09 8.53
CA GLY D 182 -31.23 10.04 7.83
C GLY D 182 -31.81 8.96 8.70
N GLY D 183 -31.62 9.01 10.03
CA GLY D 183 -32.32 8.11 10.91
C GLY D 183 -33.79 8.49 11.06
N PRO D 184 -34.58 7.57 11.59
CA PRO D 184 -36.03 7.82 11.71
C PRO D 184 -36.44 8.49 13.00
N LEU D 185 -37.43 9.37 12.89
CA LEU D 185 -38.16 9.92 14.06
C LEU D 185 -39.44 9.11 14.22
N LEU D 186 -39.56 8.38 15.32
CA LEU D 186 -40.63 7.40 15.51
C LEU D 186 -41.66 7.88 16.53
N CYS D 187 -42.93 7.90 16.12
CA CYS D 187 -44.03 8.22 17.03
C CYS D 187 -45.20 7.30 16.71
N ASN D 188 -45.54 6.42 17.66
CA ASN D 188 -46.46 5.29 17.46
C ASN D 188 -45.81 4.17 16.66
N ASN D 189 -44.50 3.99 16.82
CA ASN D 189 -43.76 2.98 16.04
C ASN D 189 -44.00 3.21 14.54
N VAL D 190 -44.04 4.47 14.17
CA VAL D 190 -44.28 4.93 12.80
C VAL D 190 -43.31 6.06 12.53
N ALA D 191 -42.61 6.01 11.40
CA ALA D 191 -41.53 6.97 11.14
C ALA D 191 -42.11 8.25 10.55
N HIS D 192 -42.26 9.29 11.37
CA HIS D 192 -42.84 10.54 10.90
C HIS D 192 -41.84 11.54 10.36
N GLY D 193 -40.56 11.38 10.70
CA GLY D 193 -39.56 12.37 10.39
C GLY D 193 -38.18 11.75 10.24
N ILE D 194 -37.36 12.42 9.43
CA ILE D 194 -35.98 12.02 9.17
C ILE D 194 -35.03 12.98 9.87
N VAL D 195 -33.88 12.51 10.33
CA VAL D 195 -32.92 13.37 11.02
C VAL D 195 -32.18 14.23 10.00
N SER D 196 -32.45 15.55 9.98
CA SER D 196 -31.85 16.46 9.00
C SER D 196 -30.69 17.31 9.55
N TYR D 197 -30.99 18.33 10.35
CA TYR D 197 -29.94 19.27 10.73
C TYR D 197 -30.31 20.03 12.00
N GLY D 198 -29.31 20.67 12.59
CA GLY D 198 -29.54 21.53 13.72
C GLY D 198 -28.46 22.56 13.83
N LYS D 199 -28.19 22.98 15.07
CA LYS D 199 -26.98 23.73 15.37
C LYS D 199 -25.82 22.77 15.59
N SER D 200 -24.62 23.24 15.27
CA SER D 200 -23.47 22.33 15.30
C SER D 200 -23.06 21.96 16.72
N SER D 201 -23.63 22.63 17.73
CA SER D 201 -23.32 22.37 19.14
C SER D 201 -24.15 21.23 19.73
N GLY D 202 -25.17 20.77 19.03
CA GLY D 202 -26.07 19.77 19.57
C GLY D 202 -27.14 20.32 20.50
N VAL D 203 -27.12 21.60 20.82
CA VAL D 203 -28.16 22.19 21.66
C VAL D 203 -29.51 22.16 20.94
N PRO D 204 -30.57 21.65 21.56
CA PRO D 204 -31.86 21.59 20.89
C PRO D 204 -32.48 22.98 20.81
N PRO D 205 -33.49 23.18 19.96
CA PRO D 205 -34.19 22.27 19.07
C PRO D 205 -33.44 22.04 17.77
N GLU D 206 -33.88 21.06 16.98
CA GLU D 206 -33.30 20.69 15.70
C GLU D 206 -34.44 20.48 14.70
N VAL D 207 -34.09 20.12 13.49
CA VAL D 207 -35.03 20.02 12.38
C VAL D 207 -35.03 18.60 11.84
N PHE D 208 -36.22 18.09 11.54
CA PHE D 208 -36.39 16.82 10.88
C PHE D 208 -37.13 17.06 9.57
N THR D 209 -36.94 16.16 8.60
CA THR D 209 -37.76 16.20 7.40
C THR D 209 -39.08 15.51 7.70
N ARG D 210 -40.20 16.21 7.51
CA ARG D 210 -41.54 15.64 7.74
C ARG D 210 -41.91 14.61 6.66
N VAL D 211 -41.93 13.32 7.02
CA VAL D 211 -42.04 12.26 6.02
C VAL D 211 -43.38 12.31 5.32
N SER D 212 -44.43 12.70 6.03
CA SER D 212 -45.76 12.71 5.43
C SER D 212 -45.90 13.73 4.30
N SER D 213 -45.08 14.78 4.30
CA SER D 213 -45.05 15.80 3.26
C SER D 213 -44.46 15.31 1.94
N PHE D 214 -43.88 14.11 1.93
CA PHE D 214 -43.27 13.57 0.73
C PHE D 214 -43.85 12.20 0.39
N LEU D 215 -44.96 11.83 1.05
CA LEU D 215 -45.66 10.58 0.76
C LEU D 215 -45.98 10.34 -0.70
N PRO D 216 -46.43 11.33 -1.50
CA PRO D 216 -46.62 11.04 -2.92
C PRO D 216 -45.33 10.69 -3.61
N TRP D 217 -44.32 11.56 -3.53
CA TRP D 217 -43.05 11.33 -4.22
C TRP D 217 -42.37 10.02 -3.78
N ILE D 218 -42.66 9.53 -2.57
CA ILE D 218 -42.07 8.28 -2.11
C ILE D 218 -42.66 7.09 -2.85
N ARG D 219 -43.99 7.06 -3.00
CA ARG D 219 -44.63 5.91 -3.65
C ARG D 219 -44.34 5.90 -5.15
N THR D 220 -44.37 7.09 -5.80
CA THR D 220 -43.94 7.21 -7.18
C THR D 220 -42.53 6.64 -7.38
N THR D 221 -41.69 6.72 -6.36
CA THR D 221 -40.30 6.34 -6.57
C THR D 221 -40.08 4.84 -6.36
N MET D 222 -40.84 4.22 -5.46
CA MET D 222 -40.73 2.79 -5.19
C MET D 222 -41.56 1.94 -6.15
N ARG D 223 -42.45 2.55 -6.92
CA ARG D 223 -43.19 1.82 -7.93
C ARG D 223 -42.75 2.21 -9.36
N THR E 3 -5.86 6.77 4.14
CA THR E 3 -5.44 5.87 5.19
C THR E 3 -5.43 6.57 6.58
N VAL E 4 -5.76 7.87 6.63
CA VAL E 4 -6.37 8.43 7.85
C VAL E 4 -7.60 9.23 7.46
N GLN E 5 -8.56 9.28 8.37
CA GLN E 5 -9.80 10.03 8.20
C GLN E 5 -9.88 11.13 9.26
N VAL E 6 -9.91 12.37 8.80
CA VAL E 6 -10.01 13.55 9.65
C VAL E 6 -11.48 13.98 9.61
N PRO E 7 -12.17 14.07 10.73
CA PRO E 7 -13.57 14.50 10.68
C PRO E 7 -13.69 16.00 10.51
N TYR E 8 -14.79 16.42 9.88
CA TYR E 8 -15.07 17.84 9.69
C TYR E 8 -16.55 18.11 9.88
N THR E 9 -16.86 19.36 10.26
CA THR E 9 -18.23 19.84 10.38
C THR E 9 -18.32 21.14 9.61
N ILE E 10 -19.52 21.45 9.10
CA ILE E 10 -19.79 22.68 8.35
C ILE E 10 -20.99 23.37 8.97
N THR E 11 -20.84 24.66 9.22
CA THR E 11 -21.96 25.53 9.53
C THR E 11 -22.08 26.57 8.43
N VAL E 12 -23.19 26.55 7.71
CA VAL E 12 -23.49 27.56 6.70
C VAL E 12 -24.78 28.24 7.14
N ASN E 13 -24.68 29.51 7.50
CA ASN E 13 -25.85 30.31 7.84
C ASN E 13 -26.57 29.75 9.05
N GLY E 14 -25.79 29.49 10.11
CA GLY E 14 -26.28 28.95 11.36
C GLY E 14 -26.87 27.55 11.35
N THR E 15 -26.75 26.78 10.27
CA THR E 15 -27.24 25.41 10.27
C THR E 15 -26.10 24.44 10.00
N SER E 16 -26.26 23.21 10.44
CA SER E 16 -25.22 22.20 10.29
C SER E 16 -25.88 20.84 10.16
N GLN E 17 -25.53 20.13 9.08
CA GLN E 17 -26.06 18.79 8.86
C GLN E 17 -25.62 17.85 9.96
N ASN E 18 -26.48 16.88 10.26
CA ASN E 18 -26.25 15.85 11.27
C ASN E 18 -25.51 14.66 10.73
N ILE E 19 -24.58 14.91 9.82
CA ILE E 19 -23.78 13.88 9.18
C ILE E 19 -22.41 13.79 9.85
N LEU E 20 -21.81 12.61 9.78
CA LEU E 20 -20.47 12.38 10.30
C LEU E 20 -19.54 12.32 9.09
N SER E 21 -18.87 13.42 8.82
CA SER E 21 -18.08 13.61 7.60
C SER E 21 -16.59 13.50 7.86
N ASN E 22 -15.87 12.80 6.98
CA ASN E 22 -14.43 12.69 7.10
C ASN E 22 -13.78 13.18 5.82
N LEU E 23 -12.68 13.91 5.96
CA LEU E 23 -11.71 14.09 4.90
C LEU E 23 -10.68 12.96 4.97
N THR E 24 -10.32 12.39 3.83
CA THR E 24 -9.28 11.37 3.83
C THR E 24 -7.92 12.00 3.58
N PHE E 25 -6.93 11.61 4.39
CA PHE E 25 -5.53 11.92 4.19
C PHE E 25 -4.69 10.64 4.23
N ASN E 26 -3.61 10.65 3.46
CA ASN E 26 -2.60 9.61 3.62
C ASN E 26 -1.90 9.79 4.96
N LYS E 27 -1.90 8.74 5.78
CA LYS E 27 -1.29 8.82 7.10
C LYS E 27 0.09 9.45 7.02
N ASN E 28 0.35 10.36 7.95
CA ASN E 28 1.69 10.87 8.19
C ASN E 28 2.26 11.52 6.93
N GLN E 29 1.56 12.54 6.44
CA GLN E 29 1.90 13.23 5.20
C GLN E 29 1.83 14.73 5.41
N ASN E 30 2.94 15.42 5.11
CA ASN E 30 3.01 16.85 5.29
C ASN E 30 2.18 17.57 4.23
N ILE E 31 1.28 18.44 4.69
CA ILE E 31 0.44 19.26 3.83
C ILE E 31 0.60 20.72 4.24
N SER E 32 0.12 21.60 3.39
CA SER E 32 0.21 23.04 3.58
C SER E 32 -1.17 23.62 3.84
N TYR E 33 -1.19 24.84 4.30
CA TYR E 33 -2.48 25.47 4.51
C TYR E 33 -3.20 25.85 3.21
N LYS E 34 -2.48 25.83 2.07
CA LYS E 34 -3.14 25.92 0.76
C LYS E 34 -3.90 24.63 0.42
N ASP E 35 -3.21 23.48 0.51
CA ASP E 35 -3.86 22.17 0.42
C ASP E 35 -5.10 22.11 1.28
N LEU E 36 -4.98 22.45 2.58
CA LEU E 36 -6.13 22.35 3.45
C LEU E 36 -7.23 23.33 3.06
N GLU E 37 -6.88 24.44 2.43
CA GLU E 37 -7.92 25.37 1.98
C GLU E 37 -8.72 24.74 0.85
N GLY E 38 -8.05 24.03 -0.03
CA GLY E 38 -8.72 23.50 -1.20
C GLY E 38 -9.72 22.43 -0.83
N LYS E 39 -9.35 21.56 0.12
CA LYS E 39 -10.30 20.61 0.68
C LYS E 39 -11.47 21.31 1.35
N VAL E 40 -11.19 22.20 2.31
CA VAL E 40 -12.25 22.96 2.97
C VAL E 40 -13.16 23.63 1.94
N LYS E 41 -12.59 24.30 0.94
CA LYS E 41 -13.39 24.87 -0.13
C LYS E 41 -14.16 23.79 -0.90
N SER E 42 -13.66 22.56 -0.89
CA SER E 42 -14.29 21.46 -1.63
C SER E 42 -15.54 20.95 -0.91
N VAL E 43 -15.41 20.54 0.35
CA VAL E 43 -16.57 20.00 1.03
C VAL E 43 -17.66 21.05 1.18
N LEU E 44 -17.30 22.33 1.32
CA LEU E 44 -18.34 23.36 1.35
C LEU E 44 -19.19 23.30 0.09
N GLU E 45 -18.55 23.30 -1.08
CA GLU E 45 -19.28 23.17 -2.33
C GLU E 45 -20.06 21.87 -2.40
N SER E 46 -19.48 20.76 -1.92
CA SER E 46 -20.09 19.47 -2.27
C SER E 46 -21.16 19.05 -1.28
N ASN E 47 -21.03 19.44 -0.01
CA ASN E 47 -22.02 19.20 1.05
C ASN E 47 -23.09 20.28 1.13
N ARG E 48 -22.73 21.53 0.86
CA ARG E 48 -23.62 22.65 1.07
C ARG E 48 -23.76 23.59 -0.11
N GLY E 49 -22.99 23.40 -1.19
CA GLY E 49 -23.21 24.21 -2.37
C GLY E 49 -22.66 25.62 -2.24
N ILE E 50 -21.59 25.78 -1.48
CA ILE E 50 -20.96 27.06 -1.24
C ILE E 50 -19.78 27.21 -2.20
N THR E 51 -19.82 28.25 -3.05
CA THR E 51 -18.82 28.45 -4.09
C THR E 51 -17.99 29.70 -3.80
N ASP E 52 -16.97 29.92 -4.64
CA ASP E 52 -15.94 30.93 -4.36
C ASP E 52 -16.56 32.29 -4.10
N VAL E 53 -17.50 32.71 -4.95
CA VAL E 53 -18.12 34.01 -4.75
C VAL E 53 -18.85 34.07 -3.41
N ASP E 54 -19.48 32.97 -3.00
CA ASP E 54 -20.22 32.95 -1.73
C ASP E 54 -19.31 33.23 -0.55
N LEU E 55 -18.14 32.63 -0.52
CA LEU E 55 -17.16 32.97 0.50
C LEU E 55 -16.81 34.44 0.40
N ARG E 56 -16.60 34.94 -0.83
CA ARG E 56 -16.24 36.35 -0.99
C ARG E 56 -17.35 37.30 -0.52
N LEU E 57 -18.62 36.90 -0.66
CA LEU E 57 -19.73 37.72 -0.23
C LEU E 57 -20.18 37.46 1.21
N SER E 58 -19.62 36.47 1.89
CA SER E 58 -20.08 36.18 3.24
C SER E 58 -19.57 37.24 4.21
N LYS E 59 -20.28 37.43 5.33
CA LYS E 59 -19.74 38.34 6.33
C LYS E 59 -18.52 37.74 7.01
N GLN E 60 -18.50 36.42 7.14
CA GLN E 60 -17.37 35.72 7.72
C GLN E 60 -17.22 34.34 7.11
N ALA E 61 -16.01 33.99 6.70
CA ALA E 61 -15.72 32.64 6.23
C ALA E 61 -14.45 32.20 6.91
N LYS E 62 -14.53 31.13 7.70
CA LYS E 62 -13.33 30.68 8.38
C LYS E 62 -13.39 29.18 8.67
N TYR E 63 -12.26 28.66 9.12
CA TYR E 63 -12.18 27.29 9.59
C TYR E 63 -11.12 27.16 10.68
N THR E 64 -11.39 26.27 11.61
CA THR E 64 -10.57 26.02 12.77
C THR E 64 -10.07 24.59 12.71
N VAL E 65 -8.76 24.42 12.66
CA VAL E 65 -8.13 23.10 12.72
C VAL E 65 -7.82 22.79 14.18
N ASN E 66 -8.24 21.62 14.64
CA ASN E 66 -7.94 21.15 15.98
C ASN E 66 -6.90 20.04 15.91
N PHE E 67 -5.73 20.28 16.51
CA PHE E 67 -4.62 19.34 16.51
C PHE E 67 -4.74 18.31 17.65
N LYS E 68 -4.11 17.16 17.42
CA LYS E 68 -4.25 16.04 18.33
C LYS E 68 -3.70 16.35 19.70
N ASN E 69 -2.80 17.32 19.82
CA ASN E 69 -2.20 17.71 21.08
C ASN E 69 -2.94 18.84 21.78
N GLY E 70 -4.20 19.12 21.42
CA GLY E 70 -5.04 20.09 22.11
C GLY E 70 -4.86 21.54 21.69
N THR E 71 -4.09 21.82 20.64
CA THR E 71 -3.94 23.20 20.18
C THR E 71 -4.81 23.43 18.94
N LYS E 72 -4.91 24.69 18.52
CA LYS E 72 -5.81 25.02 17.43
C LYS E 72 -5.26 26.21 16.63
N LYS E 73 -5.60 26.23 15.34
CA LYS E 73 -5.34 27.38 14.50
C LYS E 73 -6.62 27.76 13.76
N VAL E 74 -6.93 29.04 13.78
CA VAL E 74 -8.13 29.59 13.17
C VAL E 74 -7.71 30.31 11.89
N ILE E 75 -8.40 30.00 10.79
CA ILE E 75 -8.00 30.49 9.48
C ILE E 75 -9.15 31.25 8.85
N ASP E 76 -8.93 32.51 8.50
CA ASP E 76 -9.89 33.29 7.73
C ASP E 76 -9.73 32.94 6.25
N LEU E 77 -10.80 32.42 5.63
CA LEU E 77 -10.74 32.06 4.21
C LEU E 77 -10.60 33.28 3.31
N LYS E 78 -11.27 34.37 3.67
CA LYS E 78 -11.23 35.62 2.91
C LYS E 78 -9.88 36.31 2.97
N SER E 79 -9.10 36.04 4.00
CA SER E 79 -7.76 36.58 4.08
C SER E 79 -6.87 35.90 3.03
N GLY E 80 -6.02 36.68 2.36
CA GLY E 80 -5.13 36.04 1.43
C GLY E 80 -3.98 35.30 2.10
N ILE E 81 -3.89 35.38 3.42
CA ILE E 81 -2.69 35.00 4.15
C ILE E 81 -2.69 33.52 4.46
N TYR E 82 -1.61 32.82 4.10
CA TYR E 82 -1.35 31.55 4.76
C TYR E 82 0.14 31.32 5.01
N THR E 83 0.39 30.79 6.20
CA THR E 83 1.73 30.58 6.74
C THR E 83 2.50 29.56 5.93
N ALA E 84 3.81 29.79 5.79
CA ALA E 84 4.72 29.00 4.97
C ALA E 84 5.06 27.65 5.57
N ASN E 85 4.29 27.21 6.57
CA ASN E 85 4.66 25.98 7.27
C ASN E 85 3.90 24.71 6.89
N LEU E 86 4.61 23.59 6.85
CA LEU E 86 3.98 22.31 6.58
C LEU E 86 3.44 21.73 7.88
N ILE E 87 2.23 21.19 7.81
CA ILE E 87 1.52 20.62 8.94
C ILE E 87 1.30 19.15 8.61
N ASN E 88 1.28 18.29 9.63
CA ASN E 88 1.34 16.84 9.43
C ASN E 88 -0.05 16.22 9.53
N SER E 89 -0.49 15.55 8.44
CA SER E 89 -1.86 15.06 8.33
C SER E 89 -2.33 14.35 9.58
N SER E 90 -1.48 13.48 10.13
CA SER E 90 -1.90 12.63 11.23
C SER E 90 -1.99 13.37 12.56
N ASP E 91 -1.67 14.67 12.59
CA ASP E 91 -1.74 15.47 13.82
C ASP E 91 -3.03 16.27 13.96
N ILE E 92 -3.96 16.13 13.01
CA ILE E 92 -5.20 16.90 12.98
C ILE E 92 -6.31 16.06 13.61
N LYS E 93 -6.94 16.59 14.65
CA LYS E 93 -8.04 15.88 15.30
C LYS E 93 -9.36 16.13 14.56
N SER E 94 -9.59 17.37 14.12
CA SER E 94 -10.86 17.73 13.50
C SER E 94 -10.79 19.13 12.91
N ILE E 95 -11.72 19.40 11.99
CA ILE E 95 -11.85 20.68 11.30
C ILE E 95 -13.27 21.17 11.46
N ASN E 96 -13.44 22.44 11.88
CA ASN E 96 -14.77 23.05 12.02
C ASN E 96 -14.88 24.23 11.05
N ILE E 97 -15.62 24.04 9.97
CA ILE E 97 -15.83 25.09 8.97
C ILE E 97 -17.09 25.89 9.32
N ASN E 98 -16.99 27.22 9.24
CA ASN E 98 -18.09 28.10 9.62
C ASN E 98 -18.20 29.25 8.62
N VAL E 99 -19.27 29.25 7.83
CA VAL E 99 -19.52 30.30 6.85
C VAL E 99 -20.84 31.00 7.14
N ILE F 1 11.62 26.38 -1.96
CA ILE F 1 11.78 27.71 -2.57
C ILE F 1 11.39 27.60 -4.06
N VAL F 2 10.42 28.38 -4.50
CA VAL F 2 10.04 28.41 -5.92
C VAL F 2 10.96 29.36 -6.66
N GLY F 3 11.64 28.86 -7.69
CA GLY F 3 12.43 29.73 -8.55
C GLY F 3 13.89 29.83 -8.20
N GLY F 4 14.30 29.33 -7.04
CA GLY F 4 15.67 29.45 -6.59
C GLY F 4 16.61 28.52 -7.34
N ARG F 5 17.77 28.29 -6.73
CA ARG F 5 18.82 27.45 -7.25
C ARG F 5 19.39 26.62 -6.12
N ARG F 6 20.15 25.59 -6.48
CA ARG F 6 20.79 24.78 -5.45
C ARG F 6 21.93 25.56 -4.80
N ALA F 7 22.11 25.35 -3.51
CA ALA F 7 23.25 25.90 -2.80
C ALA F 7 24.46 24.99 -2.97
N ARG F 8 25.64 25.59 -2.99
CA ARG F 8 26.87 24.86 -2.71
C ARG F 8 26.69 24.04 -1.42
N PRO F 9 27.30 22.86 -1.33
CA PRO F 9 27.13 22.05 -0.12
C PRO F 9 27.69 22.76 1.09
N HIS F 10 26.86 22.86 2.14
CA HIS F 10 27.26 23.42 3.43
C HIS F 10 27.76 24.86 3.31
N ALA F 11 27.28 25.56 2.28
CA ALA F 11 27.53 26.99 2.06
C ALA F 11 26.88 27.85 3.11
N TRP F 12 25.89 27.33 3.81
CA TRP F 12 25.19 28.09 4.84
C TRP F 12 25.21 27.28 6.13
N PRO F 13 26.37 27.16 6.77
CA PRO F 13 26.52 26.13 7.82
C PRO F 13 25.55 26.26 8.98
N PHE F 14 24.78 27.35 9.07
CA PHE F 14 23.90 27.64 10.17
C PHE F 14 22.46 27.27 9.89
N MET F 15 22.21 26.68 8.73
CA MET F 15 20.85 26.30 8.36
C MET F 15 20.44 25.02 9.11
N VAL F 16 19.19 24.99 9.55
CA VAL F 16 18.63 23.94 10.39
C VAL F 16 17.37 23.41 9.75
N SER F 17 17.06 22.13 9.98
CA SER F 17 15.85 21.49 9.47
C SER F 17 15.06 20.89 10.63
N LEU F 18 13.91 21.50 10.98
CA LEU F 18 13.04 21.00 12.05
C LEU F 18 12.10 19.93 11.49
N GLN F 19 12.02 18.77 12.18
CA GLN F 19 11.41 17.57 11.58
C GLN F 19 10.50 16.82 12.55
N LEU F 20 9.58 16.05 11.97
CA LEU F 20 8.72 15.14 12.73
C LEU F 20 8.74 13.78 12.03
N ARG F 21 7.96 12.82 12.56
CA ARG F 21 7.89 11.48 11.98
C ARG F 21 7.91 11.52 10.46
N GLY F 22 7.06 12.36 9.86
CA GLY F 22 6.90 12.57 8.44
C GLY F 22 7.89 13.52 7.83
N GLY F 23 8.89 13.99 8.57
CA GLY F 23 10.00 14.73 7.98
C GLY F 23 9.90 16.24 8.08
N HIS F 24 10.59 16.90 7.15
CA HIS F 24 10.86 18.33 7.26
C HIS F 24 9.58 19.14 7.10
N PHE F 25 9.35 20.04 8.06
CA PHE F 25 8.18 20.91 8.03
C PHE F 25 8.51 22.39 8.23
N CYS F 26 9.70 22.73 8.74
CA CYS F 26 10.12 24.12 8.91
C CYS F 26 11.64 24.20 8.85
N GLY F 27 12.14 25.42 8.71
CA GLY F 27 13.57 25.66 8.81
C GLY F 27 13.91 26.33 10.11
N ALA F 28 15.20 26.52 10.34
CA ALA F 28 15.62 27.30 11.50
C ALA F 28 17.05 27.76 11.25
N THR F 29 17.56 28.57 12.17
CA THR F 29 18.93 29.07 12.11
C THR F 29 19.66 28.76 13.41
N LEU F 30 20.93 28.36 13.29
CA LEU F 30 21.79 28.14 14.46
C LEU F 30 22.39 29.46 14.93
N ILE F 31 22.03 29.88 16.14
CA ILE F 31 22.47 31.16 16.69
C ILE F 31 23.35 31.00 17.92
N ALA F 32 23.55 29.77 18.37
CA ALA F 32 24.38 29.42 19.52
C ALA F 32 24.48 27.89 19.54
N PRO F 33 25.56 27.34 20.09
CA PRO F 33 25.70 25.89 20.10
C PRO F 33 24.48 25.11 20.60
N ASN F 34 23.56 25.73 21.34
CA ASN F 34 22.42 24.97 21.85
C ASN F 34 21.10 25.73 21.74
N PHE F 35 21.04 26.72 20.84
CA PHE F 35 19.82 27.50 20.61
C PHE F 35 19.62 27.70 19.13
N VAL F 36 18.50 27.22 18.59
CA VAL F 36 18.12 27.54 17.23
C VAL F 36 16.97 28.53 17.30
N MET F 37 16.77 29.22 16.19
CA MET F 37 15.80 30.30 16.09
C MET F 37 14.91 30.08 14.86
N SER F 38 13.61 29.98 15.08
CA SER F 38 12.66 29.73 14.02
C SER F 38 11.45 30.65 14.18
N ALA F 39 10.38 30.31 13.49
CA ALA F 39 9.14 31.08 13.52
C ALA F 39 8.19 30.42 14.50
N ALA F 40 7.46 31.24 15.25
CA ALA F 40 6.64 30.73 16.34
C ALA F 40 5.53 29.82 15.82
N HIS F 41 4.78 30.26 14.80
CA HIS F 41 3.78 29.40 14.19
C HIS F 41 4.35 28.05 13.75
N CYS F 42 5.67 27.89 13.66
CA CYS F 42 6.22 26.58 13.31
C CYS F 42 6.03 25.57 14.42
N VAL F 43 6.12 25.99 15.68
CA VAL F 43 6.06 25.07 16.81
C VAL F 43 4.83 25.26 17.65
N ALA F 44 3.90 26.12 17.26
CA ALA F 44 2.75 26.44 18.10
C ALA F 44 1.73 25.31 18.13
N ASN F 45 1.71 24.45 17.10
CA ASN F 45 0.71 23.40 16.97
C ASN F 45 1.32 22.00 16.83
N VAL F 46 2.61 21.83 17.10
CA VAL F 46 3.26 20.53 17.08
C VAL F 46 3.64 20.16 18.50
N ASN F 47 3.80 18.86 18.75
CA ASN F 47 4.32 18.44 20.05
C ASN F 47 5.83 18.61 20.01
N VAL F 48 6.34 19.59 20.75
CA VAL F 48 7.75 19.92 20.69
C VAL F 48 8.64 18.73 21.07
N ARG F 49 8.20 17.91 22.03
CA ARG F 49 9.06 16.82 22.51
C ARG F 49 9.26 15.73 21.46
N ALA F 50 8.57 15.79 20.34
CA ALA F 50 8.76 14.85 19.25
C ALA F 50 9.59 15.42 18.11
N VAL F 51 10.00 16.69 18.23
CA VAL F 51 10.62 17.42 17.14
C VAL F 51 12.12 17.15 17.12
N ARG F 52 12.65 16.86 15.95
CA ARG F 52 14.08 16.67 15.73
C ARG F 52 14.69 17.92 15.11
N VAL F 53 15.72 18.45 15.77
CA VAL F 53 16.51 19.58 15.27
C VAL F 53 17.73 18.97 14.59
N VAL F 54 17.88 19.23 13.31
CA VAL F 54 18.89 18.60 12.48
C VAL F 54 19.85 19.67 11.96
N LEU F 55 21.09 19.62 12.40
CA LEU F 55 22.12 20.55 11.97
C LEU F 55 22.97 19.93 10.86
N GLY F 56 23.57 20.80 10.05
CA GLY F 56 24.54 20.34 9.07
C GLY F 56 24.02 19.37 8.03
N ALA F 57 22.80 19.60 7.55
CA ALA F 57 22.23 18.80 6.48
C ALA F 57 22.36 19.56 5.15
N HIS F 58 22.37 18.79 4.06
CA HIS F 58 22.30 19.36 2.73
C HIS F 58 21.18 18.74 1.90
N ASN F 59 21.31 17.45 1.58
CA ASN F 59 20.26 16.71 0.88
C ASN F 59 19.37 16.07 1.94
N LEU F 60 18.19 16.63 2.16
CA LEU F 60 17.27 16.09 3.16
C LEU F 60 16.77 14.70 2.82
N SER F 61 16.88 14.29 1.57
CA SER F 61 16.44 12.97 1.12
C SER F 61 17.40 11.86 1.48
N ARG F 62 18.58 12.20 2.02
CA ARG F 62 19.59 11.24 2.40
C ARG F 62 19.92 11.36 3.89
N ARG F 63 20.16 10.21 4.51
CA ARG F 63 20.87 10.18 5.79
C ARG F 63 22.33 10.53 5.55
N GLU F 64 22.85 11.47 6.34
CA GLU F 64 24.16 12.02 6.05
C GLU F 64 24.99 12.07 7.32
N PRO F 65 26.29 11.74 7.24
CA PRO F 65 27.11 11.75 8.46
C PRO F 65 27.51 13.15 8.92
N THR F 66 27.63 14.12 8.00
CA THR F 66 27.90 15.50 8.37
C THR F 66 26.90 16.08 9.37
N ARG F 67 25.82 15.36 9.65
CA ARG F 67 24.67 15.82 10.40
C ARG F 67 24.89 15.76 11.90
N GLN F 68 24.09 16.56 12.61
CA GLN F 68 23.93 16.40 14.04
C GLN F 68 22.44 16.54 14.32
N VAL F 69 21.92 15.68 15.18
CA VAL F 69 20.50 15.68 15.50
C VAL F 69 20.36 15.97 16.98
N PHE F 70 19.35 16.75 17.34
CA PHE F 70 19.09 17.12 18.71
C PHE F 70 17.60 17.24 18.94
N ALA F 71 17.20 16.98 20.17
CA ALA F 71 15.86 17.23 20.65
C ALA F 71 15.76 18.69 21.11
N VAL F 72 14.51 19.15 21.31
CA VAL F 72 14.22 20.46 21.89
C VAL F 72 13.85 20.26 23.35
N GLN F 73 14.53 20.97 24.25
CA GLN F 73 14.33 20.80 25.68
C GLN F 73 13.50 21.90 26.33
N ARG F 74 13.43 23.07 25.68
CA ARG F 74 12.86 24.32 26.18
C ARG F 74 12.59 25.20 24.97
N ILE F 75 11.50 25.97 25.00
CA ILE F 75 11.24 26.94 23.94
C ILE F 75 10.86 28.28 24.54
N PHE F 76 11.19 29.34 23.80
CA PHE F 76 11.04 30.72 24.25
C PHE F 76 10.40 31.53 23.13
N GLU F 77 9.44 32.38 23.48
CA GLU F 77 8.81 33.28 22.53
C GLU F 77 8.82 34.69 23.10
N ASN F 78 8.56 35.67 22.26
CA ASN F 78 8.62 37.08 22.64
C ASN F 78 7.31 37.78 22.24
N GLY F 79 6.19 37.27 22.73
CA GLY F 79 4.92 37.94 22.49
C GLY F 79 4.27 37.62 21.18
N TYR F 80 4.09 36.32 20.92
CA TYR F 80 3.56 35.84 19.66
C TYR F 80 2.08 36.11 19.62
N ASP F 81 1.61 36.73 18.55
CA ASP F 81 0.19 37.01 18.29
C ASP F 81 -0.17 36.25 17.04
N PRO F 82 -0.97 35.18 17.10
CA PRO F 82 -1.17 34.36 15.89
C PRO F 82 -2.19 34.91 14.93
N VAL F 83 -3.05 35.84 15.34
CA VAL F 83 -4.03 36.31 14.37
C VAL F 83 -3.53 37.54 13.61
N ASN F 84 -2.71 38.35 14.23
CA ASN F 84 -2.04 39.41 13.50
C ASN F 84 -0.69 38.96 12.91
N LEU F 85 -0.19 37.80 13.33
CA LEU F 85 1.09 37.24 12.88
C LEU F 85 2.25 38.16 13.21
N LEU F 86 2.28 38.60 14.47
CA LEU F 86 3.26 39.52 15.00
C LEU F 86 4.19 38.81 15.96
N ASN F 87 5.39 39.37 16.10
CA ASN F 87 6.49 38.74 16.84
C ASN F 87 6.55 37.23 16.59
N ASP F 88 6.61 36.84 15.30
CA ASP F 88 6.48 35.44 14.90
C ASP F 88 7.83 34.74 15.03
N ILE F 89 8.27 34.58 16.26
CA ILE F 89 9.63 34.16 16.55
C ILE F 89 9.62 33.22 17.75
N VAL F 90 10.48 32.21 17.69
CA VAL F 90 10.67 31.26 18.78
C VAL F 90 12.15 30.93 18.80
N ILE F 91 12.67 30.63 19.98
CA ILE F 91 14.02 30.15 20.17
C ILE F 91 13.92 28.77 20.83
N LEU F 92 14.50 27.77 20.20
CA LEU F 92 14.48 26.42 20.75
C LEU F 92 15.80 26.15 21.41
N GLN F 93 15.76 25.70 22.67
CA GLN F 93 16.96 25.29 23.38
C GLN F 93 17.17 23.79 23.14
N LEU F 94 18.32 23.43 22.57
CA LEU F 94 18.54 22.03 22.23
C LEU F 94 18.98 21.24 23.46
N ASN F 95 18.78 19.91 23.39
CA ASN F 95 19.16 18.95 24.42
C ASN F 95 20.65 18.65 24.42
N GLY F 96 21.46 19.52 23.83
CA GLY F 96 22.88 19.29 23.69
C GLY F 96 23.51 20.51 23.07
N SER F 97 24.82 20.51 23.01
CA SER F 97 25.51 21.59 22.34
C SER F 97 26.06 21.05 21.04
N ALA F 98 26.09 21.90 20.03
CA ALA F 98 26.50 21.49 18.71
C ALA F 98 28.02 21.39 18.64
N THR F 99 28.49 20.46 17.82
CA THR F 99 29.92 20.32 17.52
C THR F 99 30.23 21.18 16.30
N ILE F 100 30.85 22.34 16.53
CA ILE F 100 31.01 23.31 15.46
C ILE F 100 32.09 22.85 14.50
N ASN F 101 31.80 22.94 13.20
CA ASN F 101 32.76 22.52 12.19
C ASN F 101 32.45 23.24 10.88
N ALA F 102 32.90 22.65 9.77
CA ALA F 102 32.70 23.27 8.46
C ALA F 102 31.25 23.18 8.00
N ASN F 103 30.49 22.21 8.52
CA ASN F 103 29.10 21.99 8.15
C ASN F 103 28.10 22.56 9.13
N VAL F 104 28.53 22.89 10.35
CA VAL F 104 27.66 23.35 11.43
C VAL F 104 28.29 24.56 12.10
N GLN F 105 27.73 25.73 11.86
CA GLN F 105 28.27 26.96 12.45
C GLN F 105 27.15 27.84 12.98
N VAL F 106 27.52 28.83 13.77
CA VAL F 106 26.55 29.78 14.29
C VAL F 106 26.47 30.98 13.35
N ALA F 107 25.26 31.50 13.18
CA ALA F 107 25.06 32.61 12.27
C ALA F 107 25.19 33.91 13.05
N GLN F 108 25.31 34.99 12.32
CA GLN F 108 25.47 36.31 12.91
C GLN F 108 24.24 37.14 12.62
N LEU F 109 23.75 37.83 13.69
CA LEU F 109 22.56 38.64 13.84
C LEU F 109 22.86 40.12 13.62
N PRO F 110 21.89 40.90 13.24
CA PRO F 110 22.10 42.36 13.19
C PRO F 110 22.13 43.03 14.56
N ALA F 111 22.21 44.35 14.56
CA ALA F 111 22.13 45.12 15.79
C ALA F 111 20.71 45.60 15.98
N GLN F 112 20.34 45.81 17.25
CA GLN F 112 18.95 46.07 17.57
C GLN F 112 18.43 47.31 16.84
N GLY F 113 17.32 47.12 16.11
CA GLY F 113 16.60 48.21 15.51
C GLY F 113 16.88 48.46 14.03
N ARG F 114 17.95 47.89 13.44
CA ARG F 114 18.33 48.23 12.07
C ARG F 114 17.21 47.83 11.12
N ARG F 115 16.61 48.82 10.47
CA ARG F 115 15.57 48.62 9.47
C ARG F 115 16.25 48.58 8.10
N LEU F 116 15.98 47.51 7.35
CA LEU F 116 16.47 47.41 5.98
C LEU F 116 15.61 48.25 5.06
N GLY F 117 16.27 49.02 4.22
CA GLY F 117 15.57 49.97 3.39
C GLY F 117 15.10 49.36 2.10
N ASN F 118 14.11 50.01 1.51
CA ASN F 118 13.55 49.57 0.25
C ASN F 118 14.62 49.43 -0.83
N GLY F 119 15.05 48.19 -1.10
CA GLY F 119 16.02 47.95 -2.15
C GLY F 119 17.05 46.88 -1.83
N VAL F 120 17.28 46.65 -0.53
CA VAL F 120 18.45 45.89 -0.09
C VAL F 120 18.45 44.52 -0.72
N GLN F 121 19.62 44.07 -1.12
CA GLN F 121 19.79 42.75 -1.70
C GLN F 121 20.01 41.74 -0.59
N CYS F 122 19.22 40.67 -0.63
CA CYS F 122 19.23 39.61 0.36
C CYS F 122 19.17 38.26 -0.31
N LEU F 123 19.48 37.22 0.46
CA LEU F 123 19.38 35.84 0.00
C LEU F 123 18.43 35.06 0.91
N ALA F 124 17.34 34.55 0.34
CA ALA F 124 16.45 33.65 1.06
C ALA F 124 16.81 32.21 0.75
N MET F 125 16.57 31.33 1.72
CA MET F 125 16.88 29.93 1.52
C MET F 125 15.84 29.07 2.22
N GLY F 126 15.88 27.78 1.94
CA GLY F 126 15.09 26.79 2.67
C GLY F 126 14.97 25.49 1.90
N TRP F 127 14.25 24.55 2.50
CA TRP F 127 13.99 23.26 1.87
C TRP F 127 12.53 23.09 1.48
N GLY F 128 11.80 24.19 1.33
CA GLY F 128 10.37 24.10 1.06
C GLY F 128 10.08 23.63 -0.35
N LEU F 129 8.78 23.50 -0.63
CA LEU F 129 8.26 23.10 -1.95
C LEU F 129 8.96 23.82 -3.09
N LEU F 130 9.45 23.03 -4.06
CA LEU F 130 10.16 23.55 -5.24
C LEU F 130 9.22 24.21 -6.24
N GLY F 131 7.92 24.02 -6.10
CA GLY F 131 6.94 24.83 -6.79
C GLY F 131 5.62 24.69 -6.07
N ARG F 132 4.71 25.63 -6.36
CA ARG F 132 3.34 25.48 -5.89
C ARG F 132 2.86 24.10 -6.28
N ASN F 133 3.01 23.82 -7.58
CA ASN F 133 3.08 22.54 -8.27
C ASN F 133 3.51 21.34 -7.41
N ARG F 134 4.84 21.13 -7.26
CA ARG F 134 5.47 19.94 -6.69
C ARG F 134 5.60 19.95 -5.16
N GLY F 135 6.53 19.17 -4.60
CA GLY F 135 6.72 19.06 -3.16
C GLY F 135 8.12 19.34 -2.65
N ILE F 136 8.42 19.05 -1.36
CA ILE F 136 9.59 19.66 -0.73
C ILE F 136 10.89 19.24 -1.40
N ALA F 137 11.86 20.13 -1.30
CA ALA F 137 13.17 19.97 -1.88
C ALA F 137 13.91 18.81 -1.24
N SER F 138 14.87 18.30 -2.00
CA SER F 138 15.93 17.47 -1.43
C SER F 138 17.14 18.31 -1.08
N VAL F 139 17.72 19.01 -2.06
CA VAL F 139 18.93 19.79 -1.81
C VAL F 139 18.52 21.22 -1.44
N LEU F 140 19.25 21.80 -0.47
CA LEU F 140 18.97 23.15 0.01
C LEU F 140 18.94 24.17 -1.12
N GLN F 141 17.91 25.00 -1.11
CA GLN F 141 17.60 25.96 -2.15
C GLN F 141 17.88 27.37 -1.68
N GLU F 142 18.13 28.29 -2.64
CA GLU F 142 18.45 29.68 -2.32
C GLU F 142 18.01 30.58 -3.46
N LEU F 143 17.80 31.86 -3.12
CA LEU F 143 17.05 32.80 -3.95
C LEU F 143 17.47 34.24 -3.66
N ASN F 144 17.98 34.95 -4.68
CA ASN F 144 18.25 36.39 -4.55
C ASN F 144 16.92 37.13 -4.54
N VAL F 145 16.57 37.75 -3.42
CA VAL F 145 15.34 38.52 -3.29
C VAL F 145 15.72 39.93 -2.89
N THR F 146 14.74 40.82 -2.93
CA THR F 146 14.91 42.26 -2.70
C THR F 146 14.01 42.71 -1.57
N VAL F 147 14.54 43.48 -0.62
CA VAL F 147 13.70 44.06 0.42
C VAL F 147 12.87 45.18 -0.16
N VAL F 148 11.55 45.05 -0.06
CA VAL F 148 10.61 46.10 -0.47
C VAL F 148 9.92 46.65 0.77
N THR F 149 9.18 47.75 0.58
CA THR F 149 8.43 48.38 1.66
C THR F 149 6.96 48.59 1.36
N SER F 150 6.59 48.87 0.11
CA SER F 150 5.19 49.01 -0.25
C SER F 150 4.48 47.64 -0.21
N LEU F 151 3.27 47.65 0.34
CA LEU F 151 2.53 46.41 0.51
C LEU F 151 3.21 45.57 1.58
N CYS F 152 3.57 46.19 2.70
CA CYS F 152 4.19 45.44 3.78
C CYS F 152 3.73 45.98 5.13
N ARG F 153 4.47 45.66 6.17
CA ARG F 153 4.21 46.13 7.52
C ARG F 153 5.53 46.64 8.07
N ARG F 154 5.46 47.63 8.94
CA ARG F 154 6.68 48.01 9.64
C ARG F 154 7.14 46.90 10.57
N SER F 155 6.23 46.02 10.98
CA SER F 155 6.52 44.93 11.89
C SER F 155 6.94 43.65 11.17
N ASN F 156 7.11 43.70 9.85
CA ASN F 156 7.64 42.59 9.07
C ASN F 156 8.72 43.12 8.16
N VAL F 157 9.40 42.20 7.48
CA VAL F 157 10.38 42.51 6.44
C VAL F 157 9.89 41.82 5.19
N CYS F 158 9.56 42.57 4.17
CA CYS F 158 9.02 41.95 2.98
C CYS F 158 10.07 41.89 1.88
N THR F 159 10.05 40.79 1.13
CA THR F 159 10.91 40.65 -0.03
C THR F 159 10.06 40.32 -1.25
N LEU F 160 10.60 40.67 -2.42
CA LEU F 160 9.99 40.40 -3.71
C LEU F 160 11.09 39.87 -4.63
N VAL F 161 10.67 39.27 -5.74
CA VAL F 161 11.55 39.00 -6.87
C VAL F 161 10.82 39.56 -8.08
N ARG F 162 11.32 40.68 -8.59
CA ARG F 162 10.61 41.43 -9.61
C ARG F 162 10.82 40.79 -10.97
N GLY F 163 9.77 40.80 -11.79
CA GLY F 163 9.89 40.32 -13.15
C GLY F 163 9.81 38.83 -13.31
N ARG F 164 9.65 38.09 -12.22
CA ARG F 164 9.53 36.65 -12.24
C ARG F 164 8.54 36.25 -11.16
N GLN F 165 7.90 35.09 -11.33
CA GLN F 165 7.21 34.43 -10.22
C GLN F 165 8.25 33.60 -9.50
N ALA F 166 8.86 34.17 -8.48
CA ALA F 166 9.74 33.46 -7.58
C ALA F 166 9.40 33.89 -6.16
N GLY F 167 9.77 33.06 -5.20
CA GLY F 167 9.59 33.43 -3.82
C GLY F 167 9.74 32.21 -2.94
N VAL F 168 9.42 32.41 -1.66
CA VAL F 168 9.43 31.32 -0.70
C VAL F 168 8.08 30.59 -0.75
N CYS F 169 8.09 29.36 -0.25
CA CYS F 169 6.93 28.48 -0.33
C CYS F 169 6.87 27.61 0.91
N PHE F 170 6.07 26.55 0.86
CA PHE F 170 5.65 25.88 2.07
C PHE F 170 6.70 24.87 2.51
N GLY F 171 7.05 24.94 3.79
CA GLY F 171 8.27 24.37 4.33
C GLY F 171 9.40 25.37 4.49
N ASP F 172 9.21 26.64 4.11
CA ASP F 172 10.28 27.61 4.24
C ASP F 172 10.12 28.50 5.45
N SER F 173 8.96 28.49 6.09
CA SER F 173 8.82 29.10 7.42
C SER F 173 10.00 28.76 8.31
N GLY F 174 10.38 29.71 9.16
CA GLY F 174 11.50 29.50 10.04
C GLY F 174 12.85 29.66 9.38
N SER F 175 12.91 29.75 8.05
CA SER F 175 14.21 29.80 7.41
C SER F 175 14.77 31.20 7.49
N PRO F 176 16.10 31.34 7.53
CA PRO F 176 16.68 32.69 7.56
C PRO F 176 16.66 33.37 6.19
N LEU F 177 16.46 34.69 6.25
CA LEU F 177 16.76 35.61 5.16
C LEU F 177 18.06 36.29 5.54
N VAL F 178 19.06 36.23 4.66
CA VAL F 178 20.39 36.77 4.95
C VAL F 178 20.62 38.00 4.09
N CYS F 179 20.99 39.12 4.72
CA CYS F 179 21.38 40.34 4.02
C CYS F 179 22.67 40.80 4.66
N ASN F 180 23.71 40.95 3.83
CA ASN F 180 25.06 41.28 4.28
C ASN F 180 25.57 40.31 5.34
N GLY F 181 25.37 39.02 5.09
CA GLY F 181 25.88 38.01 5.99
C GLY F 181 25.23 37.96 7.35
N LEU F 182 24.18 38.75 7.56
CA LEU F 182 23.45 38.83 8.83
C LEU F 182 22.07 38.20 8.68
N ILE F 183 21.53 37.70 9.78
CA ILE F 183 20.20 37.10 9.78
C ILE F 183 19.18 38.22 10.01
N HIS F 184 18.58 38.74 8.93
CA HIS F 184 17.59 39.80 9.12
C HIS F 184 16.14 39.31 9.24
N GLY F 185 15.81 38.12 8.71
CA GLY F 185 14.44 37.64 8.76
C GLY F 185 14.31 36.17 9.08
N ILE F 186 13.12 35.84 9.60
CA ILE F 186 12.64 34.47 9.71
C ILE F 186 11.40 34.36 8.83
N ALA F 187 11.40 33.44 7.87
CA ALA F 187 10.27 33.43 6.94
C ALA F 187 9.02 33.20 7.75
N SER F 188 7.97 33.97 7.46
CA SER F 188 6.76 33.93 8.29
C SER F 188 5.55 33.55 7.45
N PHE F 189 5.15 34.36 6.45
CA PHE F 189 3.94 34.03 5.72
C PHE F 189 3.98 34.52 4.28
N VAL F 190 3.05 34.00 3.48
CA VAL F 190 2.86 34.40 2.09
C VAL F 190 1.42 34.86 1.91
N ARG F 191 1.09 35.24 0.68
CA ARG F 191 -0.11 36.03 0.40
C ARG F 191 -0.55 35.80 -1.04
N GLY F 192 -1.80 35.39 -1.22
CA GLY F 192 -2.25 34.99 -2.54
C GLY F 192 -1.50 33.82 -3.12
N GLY F 193 -1.07 32.90 -2.28
CA GLY F 193 -0.31 31.75 -2.70
C GLY F 193 1.19 32.01 -2.79
N CYS F 194 1.94 30.91 -2.86
CA CYS F 194 3.34 30.96 -3.19
C CYS F 194 3.60 31.71 -4.49
N ALA F 195 4.71 32.43 -4.54
CA ALA F 195 5.28 32.94 -5.80
C ALA F 195 4.26 33.74 -6.60
N SER F 196 3.54 34.60 -5.91
CA SER F 196 2.52 35.42 -6.57
C SER F 196 3.14 36.26 -7.68
N GLY F 197 4.10 37.10 -7.33
CA GLY F 197 4.62 38.08 -8.24
C GLY F 197 4.04 39.45 -8.04
N LEU F 198 2.92 39.57 -7.33
CA LEU F 198 2.46 40.85 -6.81
C LEU F 198 2.76 41.01 -5.33
N TYR F 199 2.42 40.03 -4.48
CA TYR F 199 2.53 40.37 -3.06
C TYR F 199 3.85 39.89 -2.49
N PRO F 200 4.59 40.72 -1.76
CA PRO F 200 5.89 40.28 -1.27
C PRO F 200 5.76 39.36 -0.07
N ASP F 201 6.69 38.41 0.00
CA ASP F 201 6.77 37.55 1.15
C ASP F 201 7.01 38.37 2.39
N ALA F 202 6.58 37.87 3.55
CA ALA F 202 6.79 38.53 4.85
C ALA F 202 7.71 37.69 5.73
N PHE F 203 8.69 38.33 6.36
CA PHE F 203 9.62 37.67 7.26
C PHE F 203 9.52 38.31 8.64
N ALA F 204 9.75 37.53 9.68
CA ALA F 204 9.85 38.10 11.00
C ALA F 204 11.02 39.08 11.02
N PRO F 205 10.89 40.22 11.64
CA PRO F 205 11.98 41.19 11.58
C PRO F 205 13.01 40.96 12.67
N VAL F 206 14.09 40.25 12.33
CA VAL F 206 15.01 39.74 13.34
C VAL F 206 15.71 40.88 14.07
N ALA F 207 16.06 41.95 13.35
CA ALA F 207 16.69 43.08 14.02
C ALA F 207 15.87 43.58 15.19
N GLN F 208 14.53 43.57 15.07
CA GLN F 208 13.67 44.12 16.11
C GLN F 208 13.66 43.29 17.38
N PHE F 209 14.14 42.04 17.35
CA PHE F 209 14.13 41.18 18.54
C PHE F 209 15.54 40.85 19.04
N VAL F 210 16.50 41.76 18.85
CA VAL F 210 17.89 41.42 19.09
C VAL F 210 18.21 41.41 20.59
N ASN F 211 17.81 42.44 21.33
CA ASN F 211 18.04 42.46 22.76
C ASN F 211 17.39 41.23 23.44
N TRP F 212 16.21 40.85 22.95
CA TRP F 212 15.53 39.66 23.49
C TRP F 212 16.30 38.40 23.16
N ILE F 213 16.63 38.21 21.86
CA ILE F 213 17.49 37.09 21.48
C ILE F 213 18.74 37.05 22.35
N ASP F 214 19.34 38.22 22.62
CA ASP F 214 20.57 38.27 23.40
C ASP F 214 20.33 37.75 24.82
N SER F 215 19.23 38.19 25.43
CA SER F 215 18.95 37.84 26.82
C SER F 215 18.64 36.36 27.01
N ILE F 216 18.50 35.59 25.93
CA ILE F 216 18.24 34.16 26.08
C ILE F 216 19.46 33.31 25.72
N ILE F 217 20.36 33.84 24.89
CA ILE F 217 21.56 33.07 24.58
C ILE F 217 22.79 33.73 25.19
N GLN F 218 22.61 34.39 26.34
CA GLN F 218 23.71 35.11 27.03
C GLN F 218 24.61 35.92 26.09
N ILE G 1 12.43 6.19 -29.34
CA ILE G 1 12.70 6.18 -30.77
C ILE G 1 13.20 4.80 -31.24
N ILE G 2 12.76 4.35 -32.41
CA ILE G 2 13.21 3.07 -32.93
C ILE G 2 14.27 3.32 -33.99
N GLY G 3 15.43 2.68 -33.84
CA GLY G 3 16.47 2.70 -34.86
C GLY G 3 17.44 3.86 -34.82
N GLY G 4 17.35 4.75 -33.84
CA GLY G 4 18.14 5.97 -33.83
C GLY G 4 19.31 5.93 -32.86
N ARG G 5 19.81 7.12 -32.57
CA ARG G 5 20.99 7.28 -31.73
C ARG G 5 20.68 8.21 -30.56
N GLU G 6 21.45 8.04 -29.49
CA GLU G 6 21.33 8.93 -28.34
C GLU G 6 21.78 10.34 -28.73
N SER G 7 20.95 11.32 -28.39
CA SER G 7 21.29 12.72 -28.68
C SER G 7 22.55 13.13 -27.95
N ARG G 8 23.23 14.09 -28.53
CA ARG G 8 24.26 14.84 -27.82
C ARG G 8 23.54 15.60 -26.71
N PRO G 9 23.92 15.46 -25.44
CA PRO G 9 23.08 16.01 -24.37
C PRO G 9 22.84 17.52 -24.44
N HIS G 10 21.57 17.89 -24.32
CA HIS G 10 21.09 19.27 -24.41
C HIS G 10 21.32 19.90 -25.77
N SER G 11 21.48 19.07 -26.81
CA SER G 11 21.59 19.55 -28.18
C SER G 11 20.24 19.97 -28.73
N ARG G 12 19.16 19.57 -28.09
CA ARG G 12 17.80 19.92 -28.51
C ARG G 12 17.09 20.53 -27.31
N PRO G 13 17.50 21.74 -26.91
CA PRO G 13 17.05 22.28 -25.61
C PRO G 13 15.61 22.73 -25.56
N TYR G 14 14.79 22.33 -26.54
CA TYR G 14 13.36 22.57 -26.54
C TYR G 14 12.56 21.31 -26.20
N MET G 15 13.19 20.16 -26.13
CA MET G 15 12.45 18.96 -25.81
C MET G 15 11.85 19.06 -24.43
N ALA G 16 10.56 18.73 -24.35
CA ALA G 16 9.73 18.66 -23.16
C ALA G 16 9.33 17.22 -22.93
N TYR G 17 9.25 16.83 -21.66
CA TYR G 17 8.92 15.47 -21.25
C TYR G 17 7.65 15.51 -20.41
N LEU G 18 6.59 14.86 -20.90
CA LEU G 18 5.24 15.01 -20.35
C LEU G 18 4.84 13.78 -19.54
N GLN G 19 4.42 14.00 -18.30
CA GLN G 19 3.85 12.97 -17.43
C GLN G 19 2.42 13.33 -17.14
N ILE G 20 1.49 12.45 -17.47
CA ILE G 20 0.08 12.78 -17.65
C ILE G 20 -0.77 11.88 -16.76
N GLN G 21 -1.58 12.48 -15.91
CA GLN G 21 -2.50 11.75 -15.05
C GLN G 21 -3.83 11.60 -15.76
N SER G 22 -4.27 10.37 -15.92
CA SER G 22 -5.48 9.98 -16.60
C SER G 22 -6.43 9.27 -15.63
N PRO G 23 -7.68 9.04 -16.03
CA PRO G 23 -8.63 8.46 -15.08
C PRO G 23 -8.28 7.05 -14.66
N ALA G 24 -7.53 6.27 -15.47
CA ALA G 24 -7.30 4.84 -15.20
C ALA G 24 -5.84 4.51 -15.04
N GLY G 25 -4.95 5.44 -15.36
CA GLY G 25 -3.54 5.19 -15.18
C GLY G 25 -2.73 6.41 -15.57
N GLN G 26 -1.48 6.16 -15.93
CA GLN G 26 -0.52 7.19 -16.21
C GLN G 26 0.07 6.99 -17.59
N SER G 27 0.32 8.11 -18.27
CA SER G 27 0.88 8.15 -19.60
C SER G 27 2.18 8.96 -19.63
N ARG G 28 2.84 8.95 -20.78
CA ARG G 28 4.08 9.68 -20.96
C ARG G 28 4.22 10.07 -22.42
N CYS G 29 4.58 11.32 -22.66
CA CYS G 29 4.67 11.88 -23.99
C CYS G 29 5.86 12.80 -24.07
N GLY G 30 6.07 13.33 -25.27
CA GLY G 30 6.98 14.42 -25.50
C GLY G 30 6.25 15.64 -26.02
N GLY G 31 6.92 16.76 -25.95
CA GLY G 31 6.34 18.00 -26.44
C GLY G 31 7.56 18.84 -26.71
N PHE G 32 7.34 20.06 -27.17
CA PHE G 32 8.48 20.95 -27.39
C PHE G 32 8.11 22.37 -27.00
N LEU G 33 9.06 23.03 -26.36
CA LEU G 33 8.89 24.41 -25.93
C LEU G 33 8.83 25.36 -27.14
N VAL G 34 7.71 26.05 -27.31
CA VAL G 34 7.58 27.02 -28.39
C VAL G 34 7.68 28.48 -27.88
N ARG G 35 7.32 28.75 -26.64
CA ARG G 35 7.59 30.02 -25.99
C ARG G 35 7.98 29.68 -24.56
N GLU G 36 8.49 30.66 -23.84
CA GLU G 36 8.96 30.36 -22.49
C GLU G 36 7.86 29.87 -21.57
N ASP G 37 6.59 30.01 -21.97
CA ASP G 37 5.45 29.54 -21.19
C ASP G 37 4.60 28.50 -21.91
N PHE G 38 4.95 28.12 -23.14
CA PHE G 38 4.13 27.22 -23.93
C PHE G 38 4.90 25.99 -24.41
N VAL G 39 4.26 24.84 -24.30
CA VAL G 39 4.74 23.57 -24.81
C VAL G 39 3.70 23.09 -25.81
N LEU G 40 4.16 22.81 -27.04
CA LEU G 40 3.30 22.28 -28.09
C LEU G 40 3.41 20.76 -28.13
N THR G 41 2.27 20.09 -28.24
CA THR G 41 2.27 18.62 -28.20
C THR G 41 1.05 18.10 -28.92
N ALA G 42 0.84 16.80 -28.83
CA ALA G 42 -0.34 16.13 -29.38
C ALA G 42 -1.51 16.30 -28.42
N ALA G 43 -2.72 16.22 -28.98
CA ALA G 43 -3.93 16.34 -28.17
C ALA G 43 -4.24 15.06 -27.42
N HIS G 44 -3.91 13.90 -27.99
CA HIS G 44 -4.14 12.67 -27.25
C HIS G 44 -3.20 12.51 -26.07
N CYS G 45 -2.29 13.43 -25.83
CA CYS G 45 -1.56 13.41 -24.58
C CYS G 45 -2.30 14.11 -23.45
N TRP G 46 -3.47 14.67 -23.71
CA TRP G 46 -4.19 15.42 -22.69
C TRP G 46 -4.46 14.57 -21.45
N GLY G 47 -4.58 15.24 -20.32
CA GLY G 47 -4.85 14.58 -19.07
C GLY G 47 -5.31 15.62 -18.08
N SER G 48 -5.89 15.10 -16.99
CA SER G 48 -6.39 15.97 -15.94
C SER G 48 -5.28 16.76 -15.27
N ASN G 49 -4.07 16.23 -15.28
CA ASN G 49 -2.94 16.81 -14.57
C ASN G 49 -1.68 16.40 -15.30
N ILE G 50 -0.74 17.33 -15.52
CA ILE G 50 0.38 17.08 -16.42
C ILE G 50 1.65 17.76 -15.89
N ASN G 51 2.74 16.98 -15.75
CA ASN G 51 4.03 17.49 -15.31
C ASN G 51 4.95 17.63 -16.52
N VAL G 52 5.43 18.83 -16.80
CA VAL G 52 6.35 19.07 -17.91
C VAL G 52 7.77 19.18 -17.35
N THR G 53 8.77 18.75 -18.13
CA THR G 53 10.15 18.67 -17.65
C THR G 53 11.07 19.14 -18.76
N LEU G 54 11.54 20.37 -18.66
CA LEU G 54 12.40 20.98 -19.64
C LEU G 54 13.86 20.71 -19.30
N GLY G 55 14.72 20.77 -20.32
CA GLY G 55 16.15 20.74 -20.10
C GLY G 55 16.69 19.43 -19.58
N ALA G 56 16.05 18.31 -19.94
CA ALA G 56 16.43 17.00 -19.44
C ALA G 56 17.22 16.22 -20.49
N HIS G 57 18.08 15.33 -20.00
CA HIS G 57 18.61 14.31 -20.91
C HIS G 57 18.33 12.90 -20.38
N ASN G 58 18.82 12.57 -19.19
CA ASN G 58 18.42 11.34 -18.51
C ASN G 58 17.26 11.68 -17.59
N ILE G 59 16.02 11.45 -18.07
CA ILE G 59 14.85 11.80 -17.28
C ILE G 59 14.71 11.00 -16.01
N GLN G 60 15.46 9.90 -15.88
CA GLN G 60 15.42 9.09 -14.68
C GLN G 60 16.42 9.57 -13.65
N ARG G 61 16.93 10.78 -13.78
CA ARG G 61 17.82 11.38 -12.82
C ARG G 61 17.41 12.82 -12.60
N ARG G 62 17.68 13.33 -11.41
CA ARG G 62 17.37 14.73 -11.12
C ARG G 62 18.60 15.58 -11.48
N GLU G 63 18.75 15.80 -12.79
CA GLU G 63 19.78 16.68 -13.31
C GLU G 63 19.55 18.13 -12.88
N ASN G 64 20.64 18.83 -12.58
CA ASN G 64 20.58 20.24 -12.22
C ASN G 64 20.09 21.10 -13.37
N THR G 65 20.15 20.57 -14.59
CA THR G 65 19.74 21.32 -15.76
C THR G 65 18.23 21.29 -15.97
N GLN G 66 17.51 20.42 -15.26
CA GLN G 66 16.09 20.21 -15.49
C GLN G 66 15.26 21.28 -14.81
N GLN G 67 14.18 21.69 -15.46
CA GLN G 67 13.15 22.51 -14.83
C GLN G 67 11.83 21.76 -14.87
N HIS G 68 11.21 21.59 -13.72
CA HIS G 68 9.91 20.94 -13.64
C HIS G 68 8.84 21.97 -13.37
N ILE G 69 7.88 22.09 -14.29
CA ILE G 69 6.75 22.98 -14.15
C ILE G 69 5.50 22.22 -14.61
N THR G 70 4.34 22.60 -14.06
CA THR G 70 3.08 21.96 -14.42
C THR G 70 2.33 22.79 -15.44
N ALA G 71 1.35 22.17 -16.10
CA ALA G 71 0.49 22.87 -17.06
C ALA G 71 -0.66 23.56 -16.33
N ARG G 72 -0.65 24.89 -16.34
CA ARG G 72 -1.80 25.61 -15.80
C ARG G 72 -3.07 25.25 -16.55
N ARG G 73 -2.98 25.12 -17.87
CA ARG G 73 -4.09 24.73 -18.73
C ARG G 73 -3.56 23.81 -19.82
N ALA G 74 -4.43 22.91 -20.29
CA ALA G 74 -4.16 21.99 -21.39
C ALA G 74 -5.19 22.26 -22.48
N ILE G 75 -4.82 23.01 -23.50
CA ILE G 75 -5.76 23.51 -24.48
C ILE G 75 -5.65 22.64 -25.72
N ARG G 76 -6.64 21.76 -25.92
CA ARG G 76 -6.71 20.95 -27.13
C ARG G 76 -7.33 21.74 -28.28
N HIS G 77 -7.04 21.28 -29.48
CA HIS G 77 -7.69 21.87 -30.64
C HIS G 77 -9.18 21.59 -30.56
N PRO G 78 -10.05 22.58 -30.71
CA PRO G 78 -11.48 22.33 -30.48
C PRO G 78 -12.11 21.42 -31.53
N GLN G 79 -11.44 21.15 -32.64
CA GLN G 79 -11.93 20.17 -33.59
C GLN G 79 -11.15 18.88 -33.50
N TYR G 80 -10.57 18.59 -32.35
CA TYR G 80 -9.79 17.37 -32.18
C TYR G 80 -10.72 16.18 -32.15
N ASN G 81 -10.47 15.21 -33.02
CA ASN G 81 -11.31 14.01 -33.13
C ASN G 81 -10.53 12.81 -32.61
N GLN G 82 -10.81 12.45 -31.35
CA GLN G 82 -10.27 11.24 -30.72
C GLN G 82 -10.32 10.01 -31.63
N ARG G 83 -11.41 9.80 -32.35
CA ARG G 83 -11.62 8.51 -33.01
C ARG G 83 -10.72 8.37 -34.22
N THR G 84 -10.54 9.44 -34.98
CA THR G 84 -9.77 9.37 -36.20
C THR G 84 -8.38 9.94 -36.05
N ILE G 85 -7.96 10.28 -34.82
CA ILE G 85 -6.77 11.06 -34.50
C ILE G 85 -6.61 12.20 -35.48
N GLN G 86 -7.63 13.05 -35.56
CA GLN G 86 -7.73 14.18 -36.47
C GLN G 86 -7.60 15.47 -35.66
N ASN G 87 -6.91 16.46 -36.22
CA ASN G 87 -6.52 17.69 -35.52
C ASN G 87 -5.86 17.37 -34.16
N ASP G 88 -4.74 16.66 -34.24
CA ASP G 88 -4.09 16.09 -33.07
C ASP G 88 -3.02 17.05 -32.52
N ILE G 89 -3.46 18.22 -32.06
CA ILE G 89 -2.54 19.23 -31.56
C ILE G 89 -3.09 19.87 -30.29
N MET G 90 -2.24 20.00 -29.28
CA MET G 90 -2.62 20.58 -28.02
C MET G 90 -1.53 21.53 -27.53
N LEU G 91 -1.95 22.67 -26.98
CA LEU G 91 -1.07 23.67 -26.38
C LEU G 91 -1.16 23.59 -24.86
N LEU G 92 -0.02 23.41 -24.20
CA LEU G 92 0.05 23.53 -22.75
C LEU G 92 0.51 24.94 -22.38
N GLN G 93 -0.24 25.60 -21.50
CA GLN G 93 0.26 26.80 -20.81
C GLN G 93 0.98 26.34 -19.54
N LEU G 94 2.29 26.52 -19.52
CA LEU G 94 3.03 26.26 -18.30
C LEU G 94 2.54 27.24 -17.25
N SER G 95 2.48 26.78 -16.01
CA SER G 95 1.92 27.56 -14.93
C SER G 95 2.87 28.64 -14.43
N ARG G 96 4.08 28.69 -14.98
CA ARG G 96 5.00 29.81 -14.80
C ARG G 96 6.10 29.70 -15.84
N ARG G 97 6.67 30.84 -16.21
CA ARG G 97 7.61 30.90 -17.33
C ARG G 97 8.94 30.27 -16.97
N VAL G 98 9.54 29.57 -17.95
CA VAL G 98 10.82 28.92 -17.74
C VAL G 98 11.98 29.93 -17.77
N ARG G 99 13.07 29.55 -17.13
CA ARG G 99 14.31 30.29 -17.22
C ARG G 99 15.04 29.87 -18.49
N ARG G 100 15.11 30.76 -19.49
CA ARG G 100 15.82 30.42 -20.72
C ARG G 100 17.32 30.30 -20.49
N ASN G 101 17.93 29.36 -21.17
CA ASN G 101 19.40 29.25 -21.19
C ASN G 101 19.82 28.27 -22.27
N ARG G 102 21.07 27.81 -22.19
CA ARG G 102 21.58 26.85 -23.17
C ARG G 102 20.73 25.57 -23.16
N ASN G 103 20.25 25.18 -21.99
CA ASN G 103 19.57 23.90 -21.83
C ASN G 103 18.07 23.96 -22.04
N VAL G 104 17.46 25.13 -21.85
CA VAL G 104 16.03 25.32 -22.04
C VAL G 104 15.84 26.56 -22.88
N ASN G 105 15.33 26.42 -24.09
CA ASN G 105 14.88 27.58 -24.83
C ASN G 105 14.04 27.10 -26.01
N PRO G 106 13.18 27.96 -26.55
CA PRO G 106 12.13 27.48 -27.46
C PRO G 106 12.66 27.22 -28.87
N VAL G 107 11.81 26.55 -29.64
CA VAL G 107 12.12 26.20 -31.02
C VAL G 107 11.20 27.03 -31.92
N ALA G 108 11.66 27.29 -33.14
CA ALA G 108 10.86 28.06 -34.09
C ALA G 108 9.79 27.19 -34.74
N LEU G 109 8.59 27.76 -34.90
CA LEU G 109 7.53 27.24 -35.72
C LEU G 109 7.62 27.80 -37.12
N PRO G 110 7.15 27.07 -38.14
CA PRO G 110 7.23 27.57 -39.50
C PRO G 110 6.42 28.82 -39.67
N ARG G 111 6.87 29.68 -40.58
CA ARG G 111 6.00 30.69 -41.15
C ARG G 111 4.98 30.01 -42.07
N ALA G 112 3.98 30.78 -42.49
CA ALA G 112 2.77 30.19 -43.08
C ALA G 112 3.08 29.07 -44.08
N GLN G 113 2.30 27.99 -43.99
CA GLN G 113 2.05 27.04 -45.08
C GLN G 113 3.35 26.45 -45.65
N GLU G 114 4.03 25.68 -44.82
CA GLU G 114 5.26 24.99 -45.21
C GLU G 114 4.95 23.55 -45.66
N GLY G 115 4.83 23.43 -46.98
CA GLY G 115 4.71 22.15 -47.66
C GLY G 115 6.06 21.50 -47.77
N LEU G 116 6.07 20.19 -47.58
CA LEU G 116 7.26 19.43 -47.24
C LEU G 116 7.51 18.45 -48.38
N ARG G 117 8.49 18.76 -49.21
CA ARG G 117 8.69 17.99 -50.41
C ARG G 117 9.07 16.56 -50.02
N PRO G 118 8.58 15.54 -50.72
CA PRO G 118 8.95 14.17 -50.36
C PRO G 118 10.43 13.87 -50.53
N GLY G 119 10.92 12.91 -49.76
CA GLY G 119 12.34 12.64 -49.67
C GLY G 119 13.08 13.51 -48.67
N THR G 120 12.44 14.54 -48.13
CA THR G 120 13.11 15.43 -47.19
C THR G 120 13.48 14.68 -45.91
N LEU G 121 14.73 14.83 -45.49
CA LEU G 121 15.16 14.30 -44.22
C LEU G 121 14.77 15.26 -43.11
N CYS G 122 14.15 14.70 -42.07
CA CYS G 122 13.76 15.43 -40.88
C CYS G 122 14.19 14.64 -39.67
N THR G 123 14.28 15.31 -38.53
CA THR G 123 14.69 14.67 -37.29
C THR G 123 13.61 14.75 -36.22
N VAL G 124 13.33 13.61 -35.59
CA VAL G 124 12.40 13.51 -34.48
C VAL G 124 13.14 12.90 -33.30
N ALA G 125 12.70 13.21 -32.07
CA ALA G 125 13.36 12.76 -30.87
C ALA G 125 12.40 12.57 -29.73
N GLY G 126 12.85 11.82 -28.74
CA GLY G 126 12.07 11.71 -27.53
C GLY G 126 12.54 10.55 -26.69
N TRP G 127 11.88 10.40 -25.54
CA TRP G 127 12.24 9.38 -24.58
C TRP G 127 11.40 8.12 -24.74
N GLY G 128 10.88 7.86 -25.95
CA GLY G 128 10.00 6.73 -26.17
C GLY G 128 10.71 5.40 -26.26
N ARG G 129 9.91 4.35 -26.33
CA ARG G 129 10.40 2.99 -26.43
C ARG G 129 11.22 2.77 -27.71
N VAL G 130 12.30 1.97 -27.58
CA VAL G 130 13.17 1.61 -28.71
C VAL G 130 12.78 0.27 -29.35
N SER G 131 11.99 -0.57 -28.67
CA SER G 131 11.47 -1.81 -29.23
C SER G 131 10.27 -2.29 -28.42
N MET G 132 9.65 -3.39 -28.88
CA MET G 132 8.58 -4.04 -28.14
C MET G 132 9.05 -4.56 -26.78
N ARG G 133 10.34 -4.46 -26.46
CA ARG G 133 10.93 -4.93 -25.22
C ARG G 133 11.48 -3.81 -24.37
N ARG G 134 12.40 -3.01 -24.92
CA ARG G 134 13.18 -2.04 -24.17
C ARG G 134 12.67 -0.61 -24.38
N GLY G 135 13.13 0.28 -23.51
CA GLY G 135 12.90 1.69 -23.65
C GLY G 135 14.17 2.47 -23.43
N THR G 136 14.05 3.75 -23.05
CA THR G 136 15.22 4.56 -22.76
C THR G 136 14.98 5.50 -21.58
N ASP G 137 16.05 5.70 -20.82
CA ASP G 137 16.11 6.73 -19.81
C ASP G 137 16.64 8.04 -20.36
N THR G 138 17.35 8.01 -21.48
CA THR G 138 17.96 9.21 -22.05
C THR G 138 17.39 9.52 -23.43
N LEU G 139 17.41 10.81 -23.78
CA LEU G 139 16.90 11.27 -25.06
C LEU G 139 17.63 10.61 -26.21
N ARG G 140 16.89 10.16 -27.22
CA ARG G 140 17.48 9.63 -28.44
C ARG G 140 16.78 10.27 -29.61
N GLU G 141 17.34 10.06 -30.81
CA GLU G 141 16.81 10.70 -32.00
C GLU G 141 17.07 9.84 -33.23
N VAL G 142 16.33 10.17 -34.31
CA VAL G 142 16.38 9.41 -35.55
C VAL G 142 16.03 10.35 -36.71
N GLN G 143 16.58 10.03 -37.88
CA GLN G 143 16.33 10.77 -39.11
C GLN G 143 15.40 9.94 -40.01
N LEU G 144 14.29 10.54 -40.40
CA LEU G 144 13.26 9.89 -41.20
C LEU G 144 13.09 10.70 -42.47
N ARG G 145 12.40 10.09 -43.44
CA ARG G 145 12.27 10.64 -44.78
C ARG G 145 10.82 10.89 -45.13
N VAL G 146 10.50 12.15 -45.48
CA VAL G 146 9.12 12.52 -45.78
C VAL G 146 8.65 11.75 -47.01
N GLN G 147 7.48 11.12 -46.92
CA GLN G 147 6.98 10.26 -47.97
C GLN G 147 5.93 10.93 -48.83
N ARG G 148 5.62 10.28 -49.95
CA ARG G 148 4.53 10.68 -50.82
C ARG G 148 3.18 10.39 -50.14
N ASP G 149 2.27 11.36 -50.23
CA ASP G 149 0.97 11.24 -49.55
C ASP G 149 0.28 9.89 -49.80
N ARG G 150 0.39 9.35 -51.03
CA ARG G 150 -0.32 8.11 -51.32
C ARG G 150 0.10 7.00 -50.36
N GLN G 151 1.34 7.07 -49.83
CA GLN G 151 1.85 5.96 -49.05
C GLN G 151 1.06 5.76 -47.78
N CYS G 152 0.46 6.83 -47.27
CA CYS G 152 -0.34 6.78 -46.04
C CYS G 152 -1.82 6.59 -46.35
N LEU G 153 -2.31 7.17 -47.45
CA LEU G 153 -3.69 6.97 -47.85
C LEU G 153 -4.04 5.50 -48.09
N ARG G 154 -3.05 4.65 -48.37
CA ARG G 154 -3.33 3.22 -48.48
C ARG G 154 -3.37 2.55 -47.10
N ILE G 155 -2.58 3.04 -46.16
CA ILE G 155 -2.41 2.38 -44.88
C ILE G 155 -3.39 2.90 -43.83
N PHE G 156 -3.80 4.16 -43.95
CA PHE G 156 -4.50 4.86 -42.88
C PHE G 156 -5.75 5.51 -43.44
N GLY G 157 -6.91 5.11 -42.90
CA GLY G 157 -8.17 5.55 -43.48
C GLY G 157 -8.44 7.03 -43.30
N SER G 158 -7.96 7.62 -42.20
CA SER G 158 -8.28 9.00 -41.86
C SER G 158 -7.08 9.94 -42.02
N TYR G 159 -6.12 9.59 -42.89
CA TYR G 159 -5.01 10.51 -43.16
C TYR G 159 -5.50 11.65 -44.06
N ASP G 160 -5.30 12.89 -43.62
CA ASP G 160 -5.61 14.12 -44.38
C ASP G 160 -4.31 14.83 -44.67
N PRO G 161 -3.79 14.79 -45.90
CA PRO G 161 -2.48 15.42 -46.17
C PRO G 161 -2.49 16.92 -45.99
N ARG G 162 -3.67 17.55 -45.96
CA ARG G 162 -3.70 18.97 -45.68
C ARG G 162 -3.35 19.28 -44.22
N ARG G 163 -3.41 18.31 -43.29
CA ARG G 163 -3.18 18.56 -41.87
C ARG G 163 -2.20 17.58 -41.25
N GLN G 164 -1.61 16.70 -42.03
CA GLN G 164 -0.80 15.62 -41.51
C GLN G 164 0.35 15.37 -42.47
N ILE G 165 1.46 14.88 -41.95
CA ILE G 165 2.64 14.55 -42.75
C ILE G 165 2.83 13.03 -42.71
N CYS G 166 3.11 12.45 -43.87
CA CYS G 166 3.49 11.05 -43.99
C CYS G 166 5.01 10.96 -43.98
N VAL G 167 5.57 10.24 -43.02
CA VAL G 167 7.00 10.29 -42.73
C VAL G 167 7.53 8.90 -42.51
N GLY G 168 8.69 8.60 -43.11
CA GLY G 168 9.43 7.38 -42.79
C GLY G 168 9.41 6.31 -43.88
N ASP G 169 10.57 6.02 -44.49
CA ASP G 169 10.62 5.00 -45.55
C ASP G 169 10.15 3.66 -45.02
N ARG G 170 9.30 2.98 -45.80
CA ARG G 170 8.86 1.63 -45.46
C ARG G 170 10.05 0.68 -45.25
N ARG G 171 11.18 0.94 -45.91
CA ARG G 171 12.24 -0.06 -45.97
C ARG G 171 13.20 0.04 -44.78
N GLU G 172 13.31 1.20 -44.16
CA GLU G 172 14.19 1.38 -43.01
C GLU G 172 13.45 1.07 -41.71
N ARG G 173 14.13 0.40 -40.78
CA ARG G 173 13.60 0.19 -39.44
C ARG G 173 13.89 1.42 -38.57
N LYS G 174 13.37 2.56 -39.02
CA LYS G 174 13.49 3.84 -38.34
C LYS G 174 12.10 4.46 -38.20
N ALA G 175 11.76 4.92 -36.99
CA ALA G 175 10.45 5.51 -36.76
C ALA G 175 10.39 6.06 -35.35
N ALA G 176 9.33 6.84 -35.10
CA ALA G 176 8.92 7.24 -33.75
C ALA G 176 7.92 6.25 -33.17
N PHE G 177 7.98 6.03 -31.86
CA PHE G 177 7.29 4.90 -31.24
C PHE G 177 6.50 5.33 -30.01
N LYS G 178 6.15 4.35 -29.18
CA LYS G 178 5.42 4.56 -27.94
C LYS G 178 6.22 5.46 -27.02
N GLY G 179 5.57 6.52 -26.55
CA GLY G 179 6.19 7.49 -25.69
C GLY G 179 6.65 8.72 -26.42
N ASP G 180 6.85 8.62 -27.74
CA ASP G 180 7.35 9.71 -28.52
C ASP G 180 6.26 10.59 -29.07
N SER G 181 5.00 10.31 -28.73
CA SER G 181 3.91 11.15 -29.18
C SER G 181 4.15 12.55 -28.68
N GLY G 182 3.91 13.52 -29.55
CA GLY G 182 4.01 14.92 -29.20
C GLY G 182 5.37 15.53 -29.42
N GLY G 183 6.41 14.73 -29.63
CA GLY G 183 7.71 15.23 -29.99
C GLY G 183 7.80 15.91 -31.36
N PRO G 184 8.70 16.88 -31.48
CA PRO G 184 8.82 17.64 -32.74
C PRO G 184 9.49 16.85 -33.86
N LEU G 185 8.91 16.97 -35.06
CA LEU G 185 9.60 16.59 -36.30
C LEU G 185 10.26 17.86 -36.82
N LEU G 186 11.59 17.86 -36.84
CA LEU G 186 12.36 19.04 -37.23
C LEU G 186 13.01 18.81 -38.59
N CYS G 187 12.78 19.73 -39.52
CA CYS G 187 13.49 19.79 -40.80
C CYS G 187 14.00 21.21 -40.97
N ASN G 188 15.32 21.37 -41.10
CA ASN G 188 15.99 22.66 -41.12
C ASN G 188 15.78 23.41 -39.80
N ASN G 189 15.81 22.65 -38.70
CA ASN G 189 15.82 23.22 -37.36
C ASN G 189 14.63 24.15 -37.16
N VAL G 190 13.50 23.74 -37.73
CA VAL G 190 12.18 24.31 -37.47
C VAL G 190 11.22 23.13 -37.32
N ALA G 191 10.37 23.20 -36.29
CA ALA G 191 9.42 22.13 -35.96
C ALA G 191 8.24 22.16 -36.93
N HIS G 192 8.26 21.27 -37.94
CA HIS G 192 7.13 21.17 -38.86
C HIS G 192 6.04 20.19 -38.43
N GLY G 193 6.35 19.20 -37.59
CA GLY G 193 5.39 18.19 -37.22
C GLY G 193 5.35 17.91 -35.73
N ILE G 194 4.24 17.26 -35.33
CA ILE G 194 4.08 16.65 -34.02
C ILE G 194 3.86 15.15 -34.22
N VAL G 195 4.40 14.33 -33.33
CA VAL G 195 4.25 12.88 -33.44
C VAL G 195 2.83 12.48 -33.04
N SER G 196 2.11 11.84 -33.97
CA SER G 196 0.71 11.51 -33.75
C SER G 196 0.49 9.98 -33.71
N TYR G 197 0.61 9.28 -34.85
CA TYR G 197 0.28 7.86 -34.83
C TYR G 197 0.98 7.07 -35.93
N GLY G 198 0.94 5.76 -35.76
CA GLY G 198 1.26 4.85 -36.83
C GLY G 198 0.64 3.47 -36.64
N LYS G 199 1.20 2.48 -37.34
CA LYS G 199 0.87 1.10 -37.03
C LYS G 199 1.49 0.71 -35.70
N SER G 200 0.75 -0.07 -34.89
CA SER G 200 1.25 -0.45 -33.56
C SER G 200 2.51 -1.29 -33.60
N SER G 201 2.89 -1.88 -34.74
CA SER G 201 4.15 -2.59 -34.87
C SER G 201 5.38 -1.69 -34.99
N GLY G 202 5.20 -0.37 -35.03
CA GLY G 202 6.26 0.57 -35.30
C GLY G 202 6.62 0.74 -36.76
N VAL G 203 5.93 0.06 -37.67
CA VAL G 203 6.46 -0.06 -39.03
C VAL G 203 6.05 1.11 -39.91
N PRO G 204 7.01 1.78 -40.54
CA PRO G 204 6.71 3.04 -41.25
C PRO G 204 5.85 2.81 -42.49
N PRO G 205 5.23 3.87 -43.03
CA PRO G 205 5.22 5.25 -42.51
C PRO G 205 4.34 5.42 -41.29
N GLU G 206 4.49 6.57 -40.63
CA GLU G 206 3.62 7.02 -39.56
C GLU G 206 3.05 8.37 -39.96
N VAL G 207 2.11 8.90 -39.19
CA VAL G 207 1.51 10.18 -39.49
C VAL G 207 1.91 11.19 -38.42
N PHE G 208 2.37 12.36 -38.86
CA PHE G 208 2.66 13.49 -37.99
C PHE G 208 1.58 14.56 -38.18
N THR G 209 1.32 15.32 -37.13
CA THR G 209 0.45 16.48 -37.23
C THR G 209 1.20 17.69 -37.76
N ARG G 210 0.66 18.32 -38.80
CA ARG G 210 1.36 19.34 -39.59
C ARG G 210 1.26 20.71 -38.90
N VAL G 211 2.36 21.19 -38.31
CA VAL G 211 2.25 22.37 -37.45
C VAL G 211 1.76 23.57 -38.24
N SER G 212 2.18 23.68 -39.50
CA SER G 212 1.85 24.87 -40.27
C SER G 212 0.36 25.02 -40.50
N SER G 213 -0.41 23.93 -40.45
CA SER G 213 -1.84 23.91 -40.67
C SER G 213 -2.66 24.37 -39.47
N PHE G 214 -2.01 24.74 -38.37
CA PHE G 214 -2.69 25.26 -37.18
C PHE G 214 -2.08 26.56 -36.70
N LEU G 215 -1.18 27.15 -37.48
CA LEU G 215 -0.53 28.41 -37.12
C LEU G 215 -1.49 29.48 -36.67
N PRO G 216 -2.57 29.81 -37.39
CA PRO G 216 -3.51 30.80 -36.82
C PRO G 216 -4.02 30.40 -35.44
N TRP G 217 -4.34 29.10 -35.22
CA TRP G 217 -4.85 28.67 -33.92
C TRP G 217 -3.77 28.72 -32.86
N ILE G 218 -2.54 28.34 -33.23
CA ILE G 218 -1.41 28.45 -32.32
C ILE G 218 -1.23 29.89 -31.86
N ARG G 219 -1.28 30.84 -32.80
CA ARG G 219 -1.07 32.25 -32.44
C ARG G 219 -2.28 32.84 -31.70
N THR G 220 -3.50 32.51 -32.15
CA THR G 220 -4.70 33.00 -31.48
C THR G 220 -4.71 32.61 -30.00
N THR G 221 -4.28 31.39 -29.69
CA THR G 221 -4.27 30.93 -28.31
C THR G 221 -3.19 31.61 -27.49
N MET G 222 -1.99 31.75 -28.04
CA MET G 222 -0.88 32.27 -27.26
C MET G 222 -0.82 33.79 -27.22
N ARG G 223 -1.57 34.48 -28.08
CA ARG G 223 -1.50 35.94 -28.18
C ARG G 223 -1.71 36.67 -26.85
N THR H 3 -0.82 1.12 -7.22
CA THR H 3 0.53 0.67 -6.85
C THR H 3 1.34 -0.15 -7.92
N VAL H 4 0.73 -0.74 -8.99
CA VAL H 4 1.48 -1.20 -10.16
C VAL H 4 0.90 -0.65 -11.47
N GLN H 5 1.79 -0.34 -12.40
CA GLN H 5 1.45 0.21 -13.71
C GLN H 5 1.70 -0.83 -14.78
N VAL H 6 0.68 -1.14 -15.56
CA VAL H 6 0.66 -2.19 -16.57
C VAL H 6 0.45 -1.54 -17.93
N PRO H 7 1.39 -1.65 -18.86
CA PRO H 7 1.25 -0.93 -20.13
C PRO H 7 0.20 -1.52 -21.05
N TYR H 8 -0.21 -0.72 -22.04
CA TYR H 8 -1.24 -1.07 -23.01
C TYR H 8 -1.16 -0.20 -24.25
N THR H 9 -1.59 -0.78 -25.37
CA THR H 9 -1.72 -0.08 -26.64
C THR H 9 -3.11 -0.29 -27.19
N ILE H 10 -3.60 0.67 -27.97
CA ILE H 10 -4.91 0.57 -28.60
C ILE H 10 -4.74 0.79 -30.08
N THR H 11 -5.08 -0.21 -30.88
CA THR H 11 -5.27 -0.07 -32.32
C THR H 11 -6.76 -0.01 -32.59
N VAL H 12 -7.21 1.07 -33.23
CA VAL H 12 -8.59 1.19 -33.71
C VAL H 12 -8.51 1.52 -35.19
N ASN H 13 -9.16 0.72 -36.02
CA ASN H 13 -9.19 0.98 -37.47
C ASN H 13 -7.77 1.14 -38.02
N GLY H 14 -6.87 0.28 -37.57
CA GLY H 14 -5.53 0.22 -38.13
C GLY H 14 -4.54 1.24 -37.60
N THR H 15 -5.00 2.27 -36.89
CA THR H 15 -4.13 3.34 -36.40
C THR H 15 -3.88 3.15 -34.90
N SER H 16 -2.74 3.66 -34.44
CA SER H 16 -2.34 3.49 -33.04
C SER H 16 -1.59 4.71 -32.55
N GLN H 17 -2.04 5.26 -31.43
CA GLN H 17 -1.40 6.45 -30.89
C GLN H 17 -0.02 6.15 -30.36
N ASN H 18 0.92 7.04 -30.66
CA ASN H 18 2.29 6.84 -30.20
C ASN H 18 2.51 7.29 -28.73
N ILE H 19 1.49 7.16 -27.87
CA ILE H 19 1.58 7.52 -26.47
C ILE H 19 2.13 6.32 -25.71
N LEU H 20 2.64 6.56 -24.51
CA LEU H 20 3.04 5.52 -23.57
C LEU H 20 1.98 5.47 -22.48
N SER H 21 1.17 4.42 -22.48
CA SER H 21 -0.01 4.32 -21.62
C SER H 21 0.17 3.26 -20.55
N ASN H 22 -0.41 3.49 -19.38
CA ASN H 22 -0.42 2.49 -18.32
C ASN H 22 -1.80 2.42 -17.68
N LEU H 23 -2.17 1.22 -17.22
CA LEU H 23 -3.33 1.01 -16.38
C LEU H 23 -2.81 0.76 -14.97
N THR H 24 -3.47 1.38 -13.99
CA THR H 24 -3.04 1.21 -12.60
C THR H 24 -3.73 0.01 -11.98
N PHE H 25 -2.94 -0.95 -11.52
CA PHE H 25 -3.46 -2.10 -10.78
C PHE H 25 -2.95 -2.08 -9.35
N ASN H 26 -3.66 -2.78 -8.48
CA ASN H 26 -3.24 -2.93 -7.09
C ASN H 26 -2.31 -4.12 -6.98
N LYS H 27 -1.06 -3.85 -6.57
CA LYS H 27 -0.04 -4.90 -6.44
C LYS H 27 -0.61 -6.11 -5.73
N ASN H 28 -0.51 -7.26 -6.41
CA ASN H 28 -0.76 -8.57 -5.80
C ASN H 28 -2.25 -8.85 -5.57
N GLN H 29 -3.09 -8.53 -6.54
CA GLN H 29 -4.53 -8.59 -6.32
C GLN H 29 -5.19 -9.45 -7.38
N ASN H 30 -6.06 -10.36 -6.95
CA ASN H 30 -6.71 -11.23 -7.91
C ASN H 30 -7.87 -10.49 -8.54
N ILE H 31 -7.97 -10.60 -9.86
CA ILE H 31 -9.00 -9.94 -10.64
C ILE H 31 -9.67 -10.96 -11.55
N SER H 32 -10.74 -10.52 -12.19
CA SER H 32 -11.51 -11.35 -13.11
C SER H 32 -11.39 -10.76 -14.51
N TYR H 33 -11.96 -11.45 -15.47
CA TYR H 33 -11.82 -11.02 -16.84
C TYR H 33 -12.91 -10.07 -17.25
N LYS H 34 -13.98 -10.02 -16.47
CA LYS H 34 -14.89 -8.87 -16.49
C LYS H 34 -14.20 -7.61 -16.00
N ASP H 35 -13.63 -7.64 -14.79
CA ASP H 35 -12.83 -6.51 -14.29
C ASP H 35 -11.87 -5.99 -15.36
N LEU H 36 -11.15 -6.91 -16.00
CA LEU H 36 -10.20 -6.52 -17.01
C LEU H 36 -10.89 -6.06 -18.29
N GLU H 37 -12.09 -6.56 -18.55
CA GLU H 37 -12.79 -6.04 -19.72
C GLU H 37 -13.36 -4.66 -19.45
N GLY H 38 -13.66 -4.34 -18.18
CA GLY H 38 -14.15 -3.02 -17.86
C GLY H 38 -13.08 -1.97 -18.05
N LYS H 39 -11.82 -2.31 -17.72
CA LYS H 39 -10.71 -1.38 -17.90
C LYS H 39 -10.37 -1.18 -19.37
N VAL H 40 -10.38 -2.27 -20.16
CA VAL H 40 -10.16 -2.16 -21.59
C VAL H 40 -11.21 -1.26 -22.23
N LYS H 41 -12.48 -1.48 -21.89
CA LYS H 41 -13.55 -0.60 -22.37
C LYS H 41 -13.36 0.82 -21.86
N SER H 42 -12.88 0.95 -20.63
CA SER H 42 -12.60 2.27 -20.07
C SER H 42 -11.57 3.04 -20.90
N VAL H 43 -10.44 2.42 -21.22
CA VAL H 43 -9.37 3.16 -21.91
C VAL H 43 -9.61 3.28 -23.42
N LEU H 44 -10.27 2.31 -24.06
CA LEU H 44 -10.74 2.54 -25.43
C LEU H 44 -11.59 3.81 -25.51
N GLU H 45 -12.46 4.01 -24.52
CA GLU H 45 -13.39 5.13 -24.56
C GLU H 45 -12.68 6.46 -24.35
N SER H 46 -11.76 6.50 -23.39
CA SER H 46 -11.12 7.74 -23.01
C SER H 46 -9.96 8.08 -23.92
N ASN H 47 -9.35 7.07 -24.55
CA ASN H 47 -8.23 7.26 -25.46
C ASN H 47 -8.68 7.47 -26.89
N ARG H 48 -9.60 6.67 -27.39
CA ARG H 48 -9.92 6.68 -28.79
C ARG H 48 -11.39 6.86 -29.10
N GLY H 49 -12.25 7.03 -28.09
CA GLY H 49 -13.64 7.37 -28.33
C GLY H 49 -14.50 6.18 -28.71
N ILE H 50 -14.17 5.00 -28.21
CA ILE H 50 -14.85 3.77 -28.59
C ILE H 50 -15.83 3.41 -27.49
N THR H 51 -17.11 3.58 -27.79
CA THR H 51 -18.20 3.24 -26.88
C THR H 51 -18.79 1.88 -27.22
N ASP H 52 -19.75 1.47 -26.40
CA ASP H 52 -20.34 0.14 -26.58
C ASP H 52 -20.88 -0.06 -27.98
N VAL H 53 -21.73 0.85 -28.46
CA VAL H 53 -22.31 0.68 -29.79
C VAL H 53 -21.21 0.68 -30.83
N ASP H 54 -20.09 1.32 -30.53
CA ASP H 54 -18.93 1.19 -31.39
C ASP H 54 -18.38 -0.24 -31.37
N LEU H 55 -18.24 -0.83 -30.18
CA LEU H 55 -17.73 -2.19 -30.09
C LEU H 55 -18.68 -3.18 -30.75
N ARG H 56 -19.98 -2.95 -30.60
CA ARG H 56 -20.96 -3.85 -31.18
C ARG H 56 -20.91 -3.84 -32.70
N LEU H 57 -20.72 -2.68 -33.32
CA LEU H 57 -20.74 -2.59 -34.77
C LEU H 57 -19.37 -2.85 -35.39
N SER H 58 -18.32 -2.98 -34.59
CA SER H 58 -16.99 -3.32 -35.11
C SER H 58 -16.99 -4.72 -35.70
N LYS H 59 -16.10 -4.95 -36.68
CA LYS H 59 -16.04 -6.26 -37.31
C LYS H 59 -15.39 -7.27 -36.37
N GLN H 60 -14.32 -6.86 -35.69
CA GLN H 60 -13.69 -7.67 -34.67
C GLN H 60 -13.19 -6.75 -33.56
N ALA H 61 -13.12 -7.29 -32.36
CA ALA H 61 -12.77 -6.51 -31.19
C ALA H 61 -12.19 -7.48 -30.18
N LYS H 62 -10.90 -7.35 -29.93
CA LYS H 62 -10.20 -8.31 -29.11
C LYS H 62 -9.16 -7.59 -28.28
N TYR H 63 -8.67 -8.28 -27.26
CA TYR H 63 -7.44 -7.85 -26.61
C TYR H 63 -6.64 -9.08 -26.20
N THR H 64 -5.33 -8.89 -26.15
CA THR H 64 -4.36 -9.94 -25.83
C THR H 64 -3.67 -9.57 -24.53
N VAL H 65 -3.76 -10.43 -23.54
CA VAL H 65 -3.06 -10.24 -22.28
C VAL H 65 -1.72 -10.93 -22.39
N ASN H 66 -0.65 -10.16 -22.29
CA ASN H 66 0.70 -10.71 -22.19
C ASN H 66 1.02 -10.92 -20.71
N PHE H 67 1.35 -12.15 -20.33
CA PHE H 67 1.68 -12.46 -18.95
C PHE H 67 3.19 -12.45 -18.78
N LYS H 68 3.62 -12.37 -17.51
CA LYS H 68 5.03 -12.17 -17.23
C LYS H 68 5.87 -13.45 -17.37
N ASN H 69 5.23 -14.62 -17.39
CA ASN H 69 5.87 -15.88 -17.74
C ASN H 69 5.89 -16.16 -19.25
N GLY H 70 5.82 -15.15 -20.13
CA GLY H 70 5.94 -15.37 -21.56
C GLY H 70 4.69 -15.89 -22.28
N THR H 71 3.63 -16.27 -21.56
CA THR H 71 2.42 -16.75 -22.21
C THR H 71 1.44 -15.60 -22.45
N LYS H 72 0.42 -15.85 -23.28
CA LYS H 72 -0.52 -14.81 -23.66
C LYS H 72 -1.93 -15.39 -23.81
N LYS H 73 -2.93 -14.52 -23.66
CA LYS H 73 -4.32 -14.92 -23.78
C LYS H 73 -5.09 -13.87 -24.56
N VAL H 74 -5.74 -14.32 -25.64
CA VAL H 74 -6.47 -13.46 -26.56
C VAL H 74 -7.96 -13.55 -26.27
N ILE H 75 -8.62 -12.41 -26.17
CA ILE H 75 -9.99 -12.39 -25.67
C ILE H 75 -10.89 -11.58 -26.59
N ASP H 76 -12.02 -12.17 -26.96
CA ASP H 76 -12.93 -11.57 -27.91
C ASP H 76 -13.93 -10.71 -27.13
N LEU H 77 -13.78 -9.38 -27.24
CA LEU H 77 -14.67 -8.45 -26.55
C LEU H 77 -16.12 -8.67 -26.90
N LYS H 78 -16.39 -9.10 -28.15
CA LYS H 78 -17.75 -9.29 -28.63
C LYS H 78 -18.34 -10.61 -28.18
N SER H 79 -17.53 -11.65 -28.09
CA SER H 79 -17.92 -12.91 -27.48
C SER H 79 -18.54 -12.68 -26.12
N GLY H 80 -19.79 -13.10 -25.95
CA GLY H 80 -20.36 -12.99 -24.63
C GLY H 80 -19.55 -13.71 -23.56
N ILE H 81 -18.66 -14.62 -23.98
CA ILE H 81 -18.01 -15.57 -23.09
C ILE H 81 -16.89 -14.90 -22.31
N TYR H 82 -16.80 -15.19 -21.01
CA TYR H 82 -15.56 -15.00 -20.28
C TYR H 82 -15.38 -16.02 -19.16
N THR H 83 -14.12 -16.38 -18.97
CA THR H 83 -13.72 -17.52 -18.17
C THR H 83 -13.98 -17.28 -16.69
N ALA H 84 -14.16 -18.40 -15.95
CA ALA H 84 -14.53 -18.43 -14.53
C ALA H 84 -13.33 -18.26 -13.60
N ASN H 85 -12.23 -17.75 -14.14
CA ASN H 85 -11.00 -17.68 -13.36
C ASN H 85 -10.59 -16.37 -12.76
N LEU H 86 -9.94 -16.43 -11.60
CA LEU H 86 -9.38 -15.21 -11.06
C LEU H 86 -7.91 -15.18 -11.46
N ILE H 87 -7.46 -14.02 -11.88
CA ILE H 87 -6.11 -13.83 -12.41
C ILE H 87 -5.45 -12.72 -11.62
N ASN H 88 -4.16 -12.86 -11.40
CA ASN H 88 -3.42 -11.98 -10.49
C ASN H 88 -2.93 -10.71 -11.20
N SER H 89 -3.29 -9.55 -10.62
CA SER H 89 -2.89 -8.25 -11.18
C SER H 89 -1.39 -8.19 -11.41
N SER H 90 -0.61 -8.73 -10.48
CA SER H 90 0.85 -8.68 -10.55
C SER H 90 1.44 -9.56 -11.65
N ASP H 91 0.62 -10.37 -12.33
CA ASP H 91 1.16 -11.30 -13.31
C ASP H 91 1.09 -10.79 -14.74
N ILE H 92 0.50 -9.63 -14.95
CA ILE H 92 0.28 -9.09 -16.29
C ILE H 92 1.51 -8.29 -16.68
N LYS H 93 2.04 -8.55 -17.88
CA LYS H 93 3.18 -7.79 -18.38
C LYS H 93 2.72 -6.59 -19.19
N SER H 94 1.72 -6.80 -20.05
CA SER H 94 1.12 -5.74 -20.86
C SER H 94 -0.19 -6.25 -21.48
N ILE H 95 -0.84 -5.37 -22.23
CA ILE H 95 -2.16 -5.62 -22.80
C ILE H 95 -2.24 -4.95 -24.17
N ASN H 96 -2.76 -5.68 -25.17
CA ASN H 96 -2.84 -5.18 -26.55
C ASN H 96 -4.30 -5.17 -26.96
N ILE H 97 -4.91 -3.99 -27.00
CA ILE H 97 -6.30 -3.83 -27.43
C ILE H 97 -6.30 -3.56 -28.93
N ASN H 98 -7.16 -4.28 -29.67
CA ASN H 98 -7.21 -4.20 -31.13
C ASN H 98 -8.66 -4.20 -31.60
N VAL H 99 -9.17 -3.07 -32.08
CA VAL H 99 -10.58 -3.03 -32.50
C VAL H 99 -10.73 -2.71 -33.98
N ILE I 1 -19.84 -18.85 -5.63
CA ILE I 1 -21.16 -19.22 -6.10
C ILE I 1 -22.17 -18.16 -5.67
N VAL I 2 -22.85 -17.56 -6.64
CA VAL I 2 -23.78 -16.48 -6.36
C VAL I 2 -25.16 -17.06 -6.08
N GLY I 3 -25.78 -16.60 -4.99
CA GLY I 3 -27.13 -17.01 -4.63
C GLY I 3 -27.26 -18.41 -4.06
N GLY I 4 -26.17 -19.02 -3.62
CA GLY I 4 -26.20 -20.33 -3.00
C GLY I 4 -26.10 -20.25 -1.49
N ARG I 5 -25.70 -21.36 -0.89
CA ARG I 5 -25.70 -21.48 0.55
C ARG I 5 -24.39 -22.10 1.04
N ARG I 6 -24.13 -21.93 2.34
CA ARG I 6 -22.98 -22.56 2.96
C ARG I 6 -23.09 -24.08 2.87
N ALA I 7 -21.93 -24.74 2.78
CA ALA I 7 -21.85 -26.19 2.85
C ALA I 7 -21.48 -26.61 4.26
N ARG I 8 -22.07 -27.72 4.72
CA ARG I 8 -21.72 -28.28 6.03
C ARG I 8 -20.29 -28.81 6.01
N PRO I 9 -19.55 -28.72 7.15
CA PRO I 9 -18.07 -28.81 7.08
C PRO I 9 -17.53 -30.13 6.57
N HIS I 10 -16.61 -30.04 5.60
CA HIS I 10 -15.94 -31.19 5.01
C HIS I 10 -16.92 -32.27 4.60
N ALA I 11 -18.11 -31.82 4.17
CA ALA I 11 -19.06 -32.67 3.47
C ALA I 11 -18.56 -33.06 2.09
N TRP I 12 -17.71 -32.24 1.47
CA TRP I 12 -17.19 -32.50 0.14
C TRP I 12 -15.68 -32.69 0.22
N PRO I 13 -15.21 -33.81 0.79
CA PRO I 13 -13.78 -33.95 1.04
C PRO I 13 -12.91 -34.01 -0.21
N PHE I 14 -13.48 -34.10 -1.40
CA PHE I 14 -12.68 -34.06 -2.63
C PHE I 14 -12.42 -32.65 -3.15
N MET I 15 -13.11 -31.65 -2.59
CA MET I 15 -12.92 -30.25 -3.00
C MET I 15 -11.48 -29.81 -2.78
N VAL I 16 -10.93 -29.06 -3.75
CA VAL I 16 -9.56 -28.54 -3.69
C VAL I 16 -9.57 -27.03 -3.94
N SER I 17 -8.63 -26.34 -3.31
CA SER I 17 -8.43 -24.89 -3.46
C SER I 17 -7.03 -24.63 -4.01
N LEU I 18 -6.96 -24.11 -5.24
CA LEU I 18 -5.71 -23.61 -5.81
C LEU I 18 -5.52 -22.16 -5.39
N GLN I 19 -4.28 -21.82 -4.98
CA GLN I 19 -3.99 -20.52 -4.37
C GLN I 19 -2.65 -19.98 -4.85
N LEU I 20 -2.55 -18.65 -4.89
CA LEU I 20 -1.32 -17.96 -5.26
C LEU I 20 -0.95 -16.92 -4.20
N ARG I 21 -0.12 -15.96 -4.62
CA ARG I 21 0.25 -14.81 -3.79
C ARG I 21 -0.97 -14.15 -3.11
N GLY I 22 -2.04 -13.89 -3.86
CA GLY I 22 -3.25 -13.28 -3.36
C GLY I 22 -4.34 -14.26 -2.96
N GLY I 23 -4.05 -15.55 -2.90
CA GLY I 23 -5.00 -16.50 -2.38
C GLY I 23 -5.73 -17.28 -3.46
N HIS I 24 -6.90 -17.77 -3.08
CA HIS I 24 -7.67 -18.70 -3.90
C HIS I 24 -8.09 -18.10 -5.23
N PHE I 25 -7.86 -18.85 -6.30
CA PHE I 25 -8.15 -18.42 -7.66
C PHE I 25 -8.83 -19.47 -8.52
N CYS I 26 -8.85 -20.73 -8.10
CA CYS I 26 -9.52 -21.78 -8.85
C CYS I 26 -9.85 -22.92 -7.93
N GLY I 27 -10.92 -23.65 -8.26
CA GLY I 27 -11.20 -24.90 -7.60
C GLY I 27 -10.46 -26.03 -8.28
N ALA I 28 -10.63 -27.22 -7.71
CA ALA I 28 -10.05 -28.44 -8.26
C ALA I 28 -10.71 -29.63 -7.56
N THR I 29 -10.44 -30.83 -8.06
CA THR I 29 -11.00 -32.03 -7.48
C THR I 29 -9.90 -33.04 -7.24
N LEU I 30 -9.86 -33.59 -6.02
CA LEU I 30 -8.95 -34.66 -5.69
C LEU I 30 -9.45 -35.96 -6.32
N ILE I 31 -8.63 -36.55 -7.20
CA ILE I 31 -9.01 -37.74 -7.95
C ILE I 31 -8.10 -38.93 -7.66
N ALA I 32 -7.04 -38.75 -6.89
CA ALA I 32 -6.12 -39.81 -6.49
C ALA I 32 -5.23 -39.24 -5.40
N PRO I 33 -4.57 -40.08 -4.60
CA PRO I 33 -3.73 -39.54 -3.52
C PRO I 33 -2.68 -38.54 -3.96
N ASN I 34 -2.38 -38.43 -5.26
CA ASN I 34 -1.34 -37.51 -5.73
C ASN I 34 -1.76 -36.81 -7.02
N PHE I 35 -3.04 -36.54 -7.19
CA PHE I 35 -3.56 -35.94 -8.41
C PHE I 35 -4.79 -35.08 -8.11
N VAL I 36 -4.81 -33.87 -8.64
CA VAL I 36 -6.01 -33.04 -8.61
C VAL I 36 -6.41 -32.71 -10.04
N MET I 37 -7.70 -32.42 -10.22
CA MET I 37 -8.29 -32.16 -11.52
C MET I 37 -8.96 -30.79 -11.52
N SER I 38 -8.59 -29.95 -12.47
CA SER I 38 -9.14 -28.61 -12.59
C SER I 38 -9.32 -28.30 -14.08
N ALA I 39 -9.63 -27.05 -14.40
CA ALA I 39 -9.72 -26.61 -15.79
C ALA I 39 -8.35 -26.18 -16.29
N ALA I 40 -8.13 -26.34 -17.59
CA ALA I 40 -6.81 -26.05 -18.14
C ALA I 40 -6.52 -24.55 -18.16
N HIS I 41 -7.53 -23.74 -18.48
CA HIS I 41 -7.35 -22.30 -18.43
C HIS I 41 -7.13 -21.77 -17.01
N CYS I 42 -7.14 -22.64 -15.98
CA CYS I 42 -6.80 -22.16 -14.63
C CYS I 42 -5.29 -21.96 -14.49
N VAL I 43 -4.51 -22.76 -15.21
CA VAL I 43 -3.06 -22.73 -15.13
C VAL I 43 -2.42 -22.40 -16.48
N ALA I 44 -3.22 -22.09 -17.50
CA ALA I 44 -2.67 -21.89 -18.84
C ALA I 44 -1.66 -20.74 -18.86
N ASN I 45 -1.90 -19.70 -18.05
CA ASN I 45 -1.10 -18.47 -18.08
C ASN I 45 -0.53 -18.10 -16.72
N VAL I 46 -0.36 -19.06 -15.82
CA VAL I 46 0.27 -18.82 -14.54
C VAL I 46 1.57 -19.63 -14.46
N ASN I 47 2.38 -19.32 -13.44
CA ASN I 47 3.61 -20.06 -13.16
C ASN I 47 3.29 -21.21 -12.21
N VAL I 48 3.30 -22.44 -12.73
CA VAL I 48 2.89 -23.61 -11.97
C VAL I 48 3.81 -23.89 -10.78
N ARG I 49 5.01 -23.30 -10.77
CA ARG I 49 5.85 -23.38 -9.58
C ARG I 49 5.14 -22.91 -8.33
N ALA I 50 4.18 -22.01 -8.46
CA ALA I 50 3.70 -21.21 -7.33
C ALA I 50 2.29 -21.58 -6.86
N VAL I 51 1.68 -22.61 -7.44
CA VAL I 51 0.29 -22.92 -7.11
C VAL I 51 0.26 -23.75 -5.83
N ARG I 52 -0.45 -23.24 -4.81
CA ARG I 52 -0.69 -23.96 -3.57
C ARG I 52 -1.97 -24.79 -3.73
N VAL I 53 -1.86 -26.08 -3.43
CA VAL I 53 -2.97 -27.02 -3.51
C VAL I 53 -3.37 -27.37 -2.08
N VAL I 54 -4.53 -26.90 -1.66
CA VAL I 54 -4.97 -26.97 -0.27
C VAL I 54 -6.15 -27.93 -0.17
N LEU I 55 -5.88 -29.15 0.30
CA LEU I 55 -6.92 -30.14 0.55
C LEU I 55 -7.48 -29.93 1.95
N GLY I 56 -8.72 -30.38 2.15
CA GLY I 56 -9.33 -30.29 3.47
C GLY I 56 -9.57 -28.86 3.92
N ALA I 57 -9.96 -27.99 3.02
CA ALA I 57 -10.29 -26.62 3.39
C ALA I 57 -11.78 -26.48 3.62
N HIS I 58 -12.14 -25.44 4.38
CA HIS I 58 -13.55 -25.06 4.48
C HIS I 58 -13.74 -23.53 4.48
N ASN I 59 -13.29 -22.86 5.53
CA ASN I 59 -13.29 -21.40 5.61
C ASN I 59 -11.90 -20.95 5.18
N LEU I 60 -11.83 -20.20 4.06
CA LEU I 60 -10.55 -19.81 3.50
C LEU I 60 -9.88 -18.70 4.29
N SER I 61 -10.66 -17.88 5.00
CA SER I 61 -10.13 -16.72 5.72
C SER I 61 -9.59 -17.06 7.11
N ARG I 62 -9.92 -18.24 7.62
CA ARG I 62 -9.48 -18.71 8.93
C ARG I 62 -8.33 -19.69 8.78
N ARG I 63 -7.48 -19.76 9.80
CA ARG I 63 -6.49 -20.82 9.86
C ARG I 63 -7.22 -22.12 10.16
N GLU I 64 -6.75 -23.22 9.56
CA GLU I 64 -7.43 -24.49 9.72
C GLU I 64 -6.42 -25.60 9.96
N PRO I 65 -6.62 -26.43 11.00
CA PRO I 65 -5.67 -27.52 11.25
C PRO I 65 -5.95 -28.70 10.35
N THR I 66 -7.15 -28.71 9.75
CA THR I 66 -7.61 -29.84 8.93
C THR I 66 -6.98 -29.85 7.55
N ARG I 67 -6.37 -28.74 7.13
CA ARG I 67 -5.82 -28.59 5.79
C ARG I 67 -4.53 -29.39 5.61
N GLN I 68 -4.28 -29.77 4.35
CA GLN I 68 -2.98 -30.23 3.90
C GLN I 68 -2.63 -29.46 2.63
N VAL I 69 -1.39 -28.98 2.55
CA VAL I 69 -0.92 -28.15 1.44
C VAL I 69 0.14 -28.93 0.65
N PHE I 70 0.01 -28.91 -0.67
CA PHE I 70 0.89 -29.63 -1.58
C PHE I 70 1.17 -28.73 -2.77
N ALA I 71 2.34 -28.92 -3.37
CA ALA I 71 2.71 -28.20 -4.58
C ALA I 71 2.49 -29.08 -5.82
N VAL I 72 2.38 -28.44 -6.97
CA VAL I 72 2.20 -29.14 -8.24
C VAL I 72 3.57 -29.48 -8.81
N GLN I 73 3.65 -30.59 -9.53
CA GLN I 73 4.92 -31.20 -9.87
C GLN I 73 5.07 -31.50 -11.35
N ARG I 74 3.98 -31.88 -12.01
CA ARG I 74 3.96 -32.33 -13.39
C ARG I 74 2.53 -32.24 -13.87
N ILE I 75 2.32 -31.61 -15.03
CA ILE I 75 0.98 -31.35 -15.50
C ILE I 75 0.76 -31.95 -16.87
N PHE I 76 -0.47 -32.40 -17.09
CA PHE I 76 -0.88 -33.09 -18.31
C PHE I 76 -2.15 -32.43 -18.82
N GLU I 77 -2.20 -32.14 -20.12
CA GLU I 77 -3.40 -31.62 -20.76
C GLU I 77 -3.64 -32.44 -22.02
N ASN I 78 -4.87 -32.33 -22.55
CA ASN I 78 -5.34 -33.14 -23.67
C ASN I 78 -5.86 -32.21 -24.75
N GLY I 79 -4.94 -31.44 -25.33
CA GLY I 79 -5.21 -30.58 -26.46
C GLY I 79 -6.14 -29.41 -26.15
N TYR I 80 -5.76 -28.60 -25.16
CA TYR I 80 -6.58 -27.47 -24.75
C TYR I 80 -6.63 -26.46 -25.88
N ASP I 81 -7.84 -26.14 -26.34
CA ASP I 81 -8.09 -25.13 -27.36
C ASP I 81 -8.56 -23.85 -26.70
N PRO I 82 -7.66 -22.92 -26.32
CA PRO I 82 -8.10 -21.76 -25.54
C PRO I 82 -8.95 -20.77 -26.33
N VAL I 83 -9.03 -20.88 -27.66
CA VAL I 83 -9.88 -19.93 -28.38
C VAL I 83 -11.33 -20.39 -28.38
N ASN I 84 -11.55 -21.71 -28.44
CA ASN I 84 -12.89 -22.27 -28.42
C ASN I 84 -13.27 -22.90 -27.08
N LEU I 85 -12.36 -22.91 -26.10
CA LEU I 85 -12.63 -23.45 -24.78
C LEU I 85 -13.12 -24.88 -24.88
N LEU I 86 -12.40 -25.69 -25.65
CA LEU I 86 -12.67 -27.11 -25.84
C LEU I 86 -11.64 -27.95 -25.12
N ASN I 87 -12.08 -29.08 -24.59
CA ASN I 87 -11.21 -29.98 -23.83
C ASN I 87 -10.52 -29.19 -22.73
N ASP I 88 -11.34 -28.45 -21.99
CA ASP I 88 -10.88 -27.48 -20.99
C ASP I 88 -10.66 -28.21 -19.66
N ILE I 89 -9.70 -29.12 -19.68
CA ILE I 89 -9.42 -30.00 -18.55
C ILE I 89 -7.91 -30.11 -18.39
N VAL I 90 -7.46 -30.06 -17.14
CA VAL I 90 -6.06 -30.24 -16.77
C VAL I 90 -5.99 -31.11 -15.53
N ILE I 91 -4.94 -31.92 -15.45
CA ILE I 91 -4.68 -32.78 -14.31
C ILE I 91 -3.33 -32.37 -13.72
N LEU I 92 -3.31 -32.12 -12.41
CA LEU I 92 -2.12 -31.69 -11.70
C LEU I 92 -1.70 -32.79 -10.74
N GLN I 93 -0.44 -33.22 -10.83
CA GLN I 93 0.10 -34.25 -9.96
C GLN I 93 0.87 -33.61 -8.81
N LEU I 94 0.58 -34.05 -7.58
CA LEU I 94 1.10 -33.33 -6.42
C LEU I 94 2.49 -33.84 -6.05
N ASN I 95 3.16 -33.09 -5.17
CA ASN I 95 4.47 -33.44 -4.66
C ASN I 95 4.39 -34.29 -3.39
N GLY I 96 3.34 -35.07 -3.24
CA GLY I 96 3.25 -35.97 -2.11
C GLY I 96 2.00 -36.82 -2.19
N SER I 97 1.73 -37.48 -1.08
CA SER I 97 0.53 -38.28 -0.94
C SER I 97 -0.37 -37.64 0.12
N ALA I 98 -1.67 -37.78 -0.11
CA ALA I 98 -2.66 -37.25 0.82
C ALA I 98 -3.03 -38.27 1.87
N THR I 99 -3.39 -37.75 3.05
CA THR I 99 -3.90 -38.56 4.16
C THR I 99 -5.41 -38.67 3.97
N ILE I 100 -5.87 -39.85 3.55
CA ILE I 100 -7.29 -40.11 3.42
C ILE I 100 -7.91 -40.13 4.81
N ASN I 101 -8.95 -39.34 5.02
CA ASN I 101 -9.52 -39.20 6.37
C ASN I 101 -10.90 -38.57 6.25
N ALA I 102 -11.38 -37.97 7.34
CA ALA I 102 -12.70 -37.38 7.36
C ALA I 102 -12.77 -36.04 6.63
N ASN I 103 -11.63 -35.37 6.42
CA ASN I 103 -11.62 -34.08 5.73
C ASN I 103 -11.08 -34.16 4.31
N VAL I 104 -10.34 -35.21 3.99
CA VAL I 104 -9.73 -35.38 2.67
C VAL I 104 -10.04 -36.78 2.16
N GLN I 105 -10.78 -36.88 1.05
CA GLN I 105 -11.07 -38.15 0.41
C GLN I 105 -11.00 -37.98 -1.10
N VAL I 106 -11.04 -39.12 -1.81
CA VAL I 106 -11.01 -39.12 -3.28
C VAL I 106 -12.42 -39.38 -3.81
N ALA I 107 -12.85 -38.54 -4.77
CA ALA I 107 -14.16 -38.61 -5.40
C ALA I 107 -14.12 -39.55 -6.58
N GLN I 108 -15.30 -39.91 -7.03
CA GLN I 108 -15.47 -40.95 -8.03
C GLN I 108 -16.14 -40.39 -9.28
N LEU I 109 -15.64 -40.81 -10.44
CA LEU I 109 -15.96 -40.27 -11.75
C LEU I 109 -17.13 -41.01 -12.40
N PRO I 110 -17.76 -40.41 -13.42
CA PRO I 110 -18.80 -41.14 -14.17
C PRO I 110 -18.16 -42.13 -15.13
N ALA I 111 -18.99 -42.86 -15.87
CA ALA I 111 -18.50 -43.76 -16.89
C ALA I 111 -18.39 -43.00 -18.21
N GLN I 112 -17.45 -43.44 -19.04
CA GLN I 112 -17.11 -42.75 -20.27
C GLN I 112 -18.31 -42.62 -21.22
N GLY I 113 -18.63 -41.39 -21.59
CA GLY I 113 -19.65 -41.10 -22.58
C GLY I 113 -20.96 -40.56 -22.03
N ARG I 114 -21.21 -40.66 -20.73
CA ARG I 114 -22.55 -40.46 -20.19
C ARG I 114 -22.96 -38.99 -20.24
N ARG I 115 -24.05 -38.72 -20.94
CA ARG I 115 -24.58 -37.39 -21.15
C ARG I 115 -25.86 -37.24 -20.34
N LEU I 116 -25.96 -36.15 -19.58
CA LEU I 116 -27.13 -35.93 -18.73
C LEU I 116 -28.29 -35.31 -19.50
N GLY I 117 -29.50 -35.59 -19.07
CA GLY I 117 -30.66 -35.10 -19.79
C GLY I 117 -31.18 -33.79 -19.24
N ASN I 118 -31.88 -33.03 -20.09
CA ASN I 118 -32.38 -31.74 -19.63
C ASN I 118 -33.30 -31.90 -18.42
N GLY I 119 -32.78 -31.58 -17.24
CA GLY I 119 -33.57 -31.68 -16.04
C GLY I 119 -32.81 -32.28 -14.87
N VAL I 120 -31.67 -32.94 -15.17
CA VAL I 120 -30.96 -33.70 -14.16
C VAL I 120 -30.57 -32.79 -13.00
N GLN I 121 -30.77 -33.28 -11.78
CA GLN I 121 -30.54 -32.51 -10.56
C GLN I 121 -29.09 -32.67 -10.11
N CYS I 122 -28.44 -31.53 -9.87
CA CYS I 122 -27.00 -31.48 -9.59
C CYS I 122 -26.68 -30.41 -8.56
N LEU I 123 -25.41 -30.39 -8.17
CA LEU I 123 -24.92 -29.51 -7.12
C LEU I 123 -23.58 -28.94 -7.57
N ALA I 124 -23.52 -27.62 -7.66
CA ALA I 124 -22.26 -26.94 -7.92
C ALA I 124 -21.69 -26.44 -6.60
N MET I 125 -20.37 -26.26 -6.57
CA MET I 125 -19.68 -25.81 -5.37
C MET I 125 -18.44 -24.98 -5.73
N GLY I 126 -17.90 -24.30 -4.75
CA GLY I 126 -16.66 -23.57 -4.96
C GLY I 126 -16.63 -22.29 -4.17
N TRP I 127 -15.45 -21.68 -4.13
CA TRP I 127 -15.21 -20.49 -3.32
C TRP I 127 -15.28 -19.20 -4.13
N GLY I 128 -15.89 -19.23 -5.31
CA GLY I 128 -15.93 -18.05 -6.15
C GLY I 128 -16.77 -16.94 -5.55
N LEU I 129 -16.70 -15.78 -6.20
CA LEU I 129 -17.44 -14.57 -5.81
C LEU I 129 -18.89 -14.87 -5.44
N LEU I 130 -19.37 -14.18 -4.40
CA LEU I 130 -20.73 -14.35 -3.91
C LEU I 130 -21.75 -13.55 -4.71
N GLY I 131 -21.30 -12.53 -5.46
CA GLY I 131 -22.14 -11.74 -6.33
C GLY I 131 -21.30 -11.25 -7.49
N ARG I 132 -21.97 -10.59 -8.44
CA ARG I 132 -21.24 -9.95 -9.53
C ARG I 132 -20.28 -8.89 -9.00
N ASN I 133 -20.68 -8.21 -7.91
CA ASN I 133 -19.73 -7.42 -7.14
C ASN I 133 -19.29 -8.30 -5.98
N ARG I 134 -19.20 -7.75 -4.76
CA ARG I 134 -18.78 -8.56 -3.62
C ARG I 134 -17.45 -9.28 -3.86
N GLY I 135 -17.01 -10.09 -2.90
CA GLY I 135 -15.71 -10.71 -3.04
C GLY I 135 -15.80 -12.21 -3.09
N ILE I 136 -14.63 -12.87 -3.00
CA ILE I 136 -14.62 -14.32 -2.92
C ILE I 136 -15.24 -14.76 -1.60
N ALA I 137 -15.75 -15.99 -1.57
CA ALA I 137 -16.40 -16.50 -0.38
C ALA I 137 -15.37 -16.88 0.69
N SER I 138 -15.84 -16.92 1.92
CA SER I 138 -15.06 -17.45 3.02
C SER I 138 -15.41 -18.92 3.25
N VAL I 139 -16.69 -19.21 3.48
CA VAL I 139 -17.14 -20.58 3.68
C VAL I 139 -17.51 -21.18 2.33
N LEU I 140 -17.08 -22.43 2.12
CA LEU I 140 -17.38 -23.15 0.89
C LEU I 140 -18.88 -23.14 0.58
N GLN I 141 -19.21 -22.76 -0.65
CA GLN I 141 -20.59 -22.59 -1.11
C GLN I 141 -21.03 -23.76 -1.99
N GLU I 142 -22.35 -23.97 -2.00
CA GLU I 142 -22.96 -24.98 -2.84
C GLU I 142 -24.28 -24.43 -3.34
N LEU I 143 -24.75 -24.97 -4.46
CA LEU I 143 -25.96 -24.46 -5.09
C LEU I 143 -26.66 -25.59 -5.84
N ASN I 144 -27.96 -25.76 -5.58
CA ASN I 144 -28.74 -26.73 -6.34
C ASN I 144 -29.01 -26.16 -7.73
N VAL I 145 -28.48 -26.84 -8.74
CA VAL I 145 -28.54 -26.41 -10.13
C VAL I 145 -29.07 -27.57 -10.96
N THR I 146 -29.63 -27.23 -12.12
CA THR I 146 -30.28 -28.19 -13.00
C THR I 146 -29.52 -28.21 -14.31
N VAL I 147 -29.28 -29.41 -14.85
CA VAL I 147 -28.64 -29.53 -16.15
C VAL I 147 -29.60 -29.13 -17.25
N VAL I 148 -29.12 -28.29 -18.18
CA VAL I 148 -29.89 -27.88 -19.34
C VAL I 148 -29.15 -28.35 -20.59
N THR I 149 -29.93 -28.53 -21.66
CA THR I 149 -29.37 -28.82 -22.97
C THR I 149 -29.52 -27.66 -23.94
N SER I 150 -30.60 -26.89 -23.86
CA SER I 150 -30.79 -25.78 -24.78
C SER I 150 -29.97 -24.58 -24.35
N LEU I 151 -29.47 -23.84 -25.36
CA LEU I 151 -28.49 -22.77 -25.18
C LEU I 151 -27.17 -23.34 -24.66
N CYS I 152 -26.80 -24.54 -25.13
CA CYS I 152 -25.55 -25.16 -24.71
C CYS I 152 -24.87 -25.77 -25.92
N ARG I 153 -23.87 -26.59 -25.66
CA ARG I 153 -23.10 -27.29 -26.66
C ARG I 153 -23.02 -28.75 -26.27
N ARG I 154 -23.01 -29.63 -27.28
CA ARG I 154 -22.78 -31.04 -26.97
C ARG I 154 -21.35 -31.31 -26.51
N SER I 155 -20.51 -30.29 -26.43
CA SER I 155 -19.16 -30.41 -25.91
C SER I 155 -19.03 -29.84 -24.49
N ASN I 156 -20.15 -29.45 -23.88
CA ASN I 156 -20.18 -28.90 -22.53
C ASN I 156 -21.40 -29.40 -21.78
N VAL I 157 -21.31 -29.42 -20.46
CA VAL I 157 -22.46 -29.67 -19.60
C VAL I 157 -22.91 -28.33 -19.07
N CYS I 158 -24.16 -27.97 -19.33
CA CYS I 158 -24.65 -26.68 -18.86
C CYS I 158 -25.64 -26.84 -17.71
N THR I 159 -25.70 -25.81 -16.88
CA THR I 159 -26.49 -25.80 -15.67
C THR I 159 -27.23 -24.47 -15.55
N LEU I 160 -28.37 -24.51 -14.86
CA LEU I 160 -29.20 -23.33 -14.66
C LEU I 160 -29.78 -23.35 -13.25
N VAL I 161 -30.16 -22.18 -12.78
CA VAL I 161 -30.91 -22.03 -11.54
C VAL I 161 -32.14 -21.21 -11.89
N ARG I 162 -33.27 -21.89 -12.07
CA ARG I 162 -34.44 -21.21 -12.61
C ARG I 162 -35.18 -20.44 -11.52
N GLY I 163 -35.58 -19.20 -11.86
CA GLY I 163 -36.28 -18.30 -10.95
C GLY I 163 -35.39 -17.40 -10.14
N ARG I 164 -34.08 -17.57 -10.26
CA ARG I 164 -33.13 -16.82 -9.46
C ARG I 164 -31.89 -16.49 -10.29
N GLN I 165 -31.28 -15.36 -9.94
CA GLN I 165 -29.95 -15.06 -10.47
C GLN I 165 -29.00 -15.83 -9.59
N ALA I 166 -28.71 -17.07 -10.01
CA ALA I 166 -27.76 -17.91 -9.30
C ALA I 166 -26.95 -18.72 -10.29
N GLY I 167 -25.67 -18.89 -9.98
CA GLY I 167 -24.80 -19.75 -10.76
C GLY I 167 -23.39 -19.70 -10.18
N VAL I 168 -22.44 -20.25 -10.96
CA VAL I 168 -21.02 -20.11 -10.63
C VAL I 168 -20.54 -18.70 -10.97
N CYS I 169 -19.36 -18.36 -10.47
CA CYS I 169 -18.79 -17.02 -10.64
C CYS I 169 -17.28 -17.14 -10.63
N PHE I 170 -16.60 -15.99 -10.61
CA PHE I 170 -15.17 -15.94 -10.85
C PHE I 170 -14.42 -16.51 -9.65
N GLY I 171 -13.50 -17.42 -9.92
CA GLY I 171 -12.88 -18.23 -8.90
C GLY I 171 -13.46 -19.62 -8.82
N ASP I 172 -14.56 -19.90 -9.51
CA ASP I 172 -15.16 -21.23 -9.47
C ASP I 172 -14.71 -22.10 -10.62
N SER I 173 -14.03 -21.54 -11.62
CA SER I 173 -13.22 -22.34 -12.54
C SER I 173 -12.60 -23.50 -11.80
N GLY I 174 -12.61 -24.69 -12.44
CA GLY I 174 -12.00 -25.88 -11.88
C GLY I 174 -12.78 -26.57 -10.77
N SER I 175 -13.76 -25.91 -10.17
CA SER I 175 -14.54 -26.54 -9.12
C SER I 175 -15.47 -27.59 -9.73
N PRO I 176 -15.76 -28.68 -9.01
CA PRO I 176 -16.54 -29.77 -9.61
C PRO I 176 -18.04 -29.53 -9.62
N LEU I 177 -18.68 -30.16 -10.60
CA LEU I 177 -20.13 -30.32 -10.64
C LEU I 177 -20.46 -31.75 -10.26
N VAL I 178 -21.16 -31.92 -9.14
CA VAL I 178 -21.51 -33.24 -8.63
C VAL I 178 -22.97 -33.56 -8.99
N CYS I 179 -23.17 -34.67 -9.67
CA CYS I 179 -24.49 -35.21 -9.93
C CYS I 179 -24.50 -36.68 -9.53
N ASN I 180 -25.38 -37.02 -8.58
CA ASN I 180 -25.52 -38.38 -8.11
C ASN I 180 -24.18 -38.93 -7.63
N GLY I 181 -23.50 -38.15 -6.79
CA GLY I 181 -22.24 -38.59 -6.21
C GLY I 181 -21.13 -38.85 -7.19
N LEU I 182 -21.22 -38.31 -8.40
CA LEU I 182 -20.20 -38.43 -9.43
C LEU I 182 -19.79 -37.04 -9.91
N ILE I 183 -18.53 -36.90 -10.33
CA ILE I 183 -18.03 -35.61 -10.79
C ILE I 183 -18.27 -35.54 -12.30
N HIS I 184 -19.42 -35.01 -12.69
CA HIS I 184 -19.79 -34.97 -14.10
C HIS I 184 -19.22 -33.78 -14.85
N GLY I 185 -18.83 -32.70 -14.13
CA GLY I 185 -18.37 -31.49 -14.78
C GLY I 185 -17.18 -30.83 -14.11
N ILE I 186 -16.58 -29.90 -14.85
CA ILE I 186 -15.54 -29.01 -14.36
C ILE I 186 -15.90 -27.59 -14.82
N ALA I 187 -16.00 -26.65 -13.88
CA ALA I 187 -16.45 -25.31 -14.27
C ALA I 187 -15.46 -24.70 -15.24
N SER I 188 -15.98 -24.09 -16.31
CA SER I 188 -15.12 -23.55 -17.36
C SER I 188 -15.41 -22.09 -17.62
N PHE I 189 -16.55 -21.75 -18.23
CA PHE I 189 -16.83 -20.36 -18.54
C PHE I 189 -18.28 -20.03 -18.24
N VAL I 190 -18.56 -18.72 -18.17
CA VAL I 190 -19.94 -18.24 -18.15
C VAL I 190 -20.25 -17.42 -19.41
N ARG I 191 -21.47 -16.93 -19.51
CA ARG I 191 -21.91 -16.11 -20.64
C ARG I 191 -22.68 -14.93 -20.10
N GLY I 192 -22.36 -13.73 -20.60
CA GLY I 192 -23.10 -12.56 -20.21
C GLY I 192 -22.97 -12.22 -18.75
N GLY I 193 -22.17 -12.97 -18.01
CA GLY I 193 -21.80 -12.59 -16.66
C GLY I 193 -22.28 -13.58 -15.63
N CYS I 194 -21.82 -13.34 -14.39
CA CYS I 194 -22.19 -14.17 -13.26
C CYS I 194 -23.67 -14.03 -12.95
N ALA I 195 -24.31 -15.15 -12.60
CA ALA I 195 -25.68 -15.18 -12.14
C ALA I 195 -26.60 -14.39 -13.07
N SER I 196 -26.41 -14.60 -14.37
CA SER I 196 -27.26 -13.91 -15.34
C SER I 196 -28.71 -14.33 -15.17
N GLY I 197 -28.92 -15.63 -14.93
CA GLY I 197 -30.25 -16.19 -15.03
C GLY I 197 -30.72 -16.43 -16.44
N LEU I 198 -30.01 -15.95 -17.45
CA LEU I 198 -30.43 -16.14 -18.83
C LEU I 198 -29.62 -17.20 -19.56
N TYR I 199 -28.30 -17.12 -19.48
CA TYR I 199 -27.47 -18.08 -20.17
C TYR I 199 -26.90 -19.08 -19.18
N PRO I 200 -26.78 -20.34 -19.56
CA PRO I 200 -26.35 -21.37 -18.62
C PRO I 200 -24.86 -21.33 -18.34
N ASP I 201 -24.51 -21.80 -17.15
CA ASP I 201 -23.11 -22.08 -16.85
C ASP I 201 -22.62 -23.25 -17.70
N ALA I 202 -21.32 -23.29 -17.94
CA ALA I 202 -20.71 -24.25 -18.84
C ALA I 202 -19.59 -24.98 -18.12
N PHE I 203 -19.74 -26.30 -18.02
CA PHE I 203 -18.74 -27.17 -17.41
C PHE I 203 -18.12 -28.05 -18.48
N ALA I 204 -16.78 -28.13 -18.47
CA ALA I 204 -16.10 -29.21 -19.18
C ALA I 204 -16.75 -30.55 -18.84
N PRO I 205 -17.14 -31.36 -19.84
CA PRO I 205 -17.86 -32.60 -19.51
C PRO I 205 -16.96 -33.77 -19.18
N VAL I 206 -16.84 -34.10 -17.90
CA VAL I 206 -15.83 -35.04 -17.44
C VAL I 206 -16.05 -36.42 -18.05
N ALA I 207 -17.31 -36.82 -18.19
CA ALA I 207 -17.62 -38.12 -18.77
C ALA I 207 -17.11 -38.28 -20.21
N GLN I 208 -16.83 -37.18 -20.92
CA GLN I 208 -16.21 -37.32 -22.23
C GLN I 208 -14.70 -37.58 -22.14
N PHE I 209 -14.08 -37.33 -20.99
CA PHE I 209 -12.62 -37.41 -20.90
C PHE I 209 -12.18 -38.48 -19.91
N VAL I 210 -13.07 -39.44 -19.57
CA VAL I 210 -12.77 -40.41 -18.52
C VAL I 210 -11.56 -41.26 -18.89
N ASN I 211 -11.52 -41.80 -20.11
CA ASN I 211 -10.41 -42.67 -20.50
C ASN I 211 -9.08 -41.92 -20.38
N TRP I 212 -9.05 -40.64 -20.76
CA TRP I 212 -7.82 -39.88 -20.69
C TRP I 212 -7.44 -39.59 -19.24
N ILE I 213 -8.41 -39.26 -18.40
CA ILE I 213 -8.15 -39.13 -16.97
C ILE I 213 -7.50 -40.40 -16.45
N ASP I 214 -8.02 -41.56 -16.87
CA ASP I 214 -7.47 -42.82 -16.38
C ASP I 214 -6.05 -43.03 -16.89
N SER I 215 -5.82 -42.78 -18.18
CA SER I 215 -4.50 -43.04 -18.75
C SER I 215 -3.41 -42.20 -18.09
N ILE I 216 -3.78 -41.12 -17.41
CA ILE I 216 -2.77 -40.23 -16.85
C ILE I 216 -2.24 -40.71 -15.50
N ILE I 217 -3.09 -41.26 -14.64
CA ILE I 217 -2.60 -41.82 -13.38
C ILE I 217 -1.80 -43.08 -13.71
N GLN I 218 -0.48 -43.00 -13.57
CA GLN I 218 0.48 -44.03 -13.98
C GLN I 218 0.22 -45.36 -13.31
N ILE J 1 4.55 -26.83 -39.07
CA ILE J 1 3.95 -26.22 -40.24
C ILE J 1 3.46 -24.82 -39.86
N ILE J 2 3.82 -23.81 -40.64
CA ILE J 2 3.34 -22.45 -40.45
C ILE J 2 2.18 -22.20 -41.39
N GLY J 3 1.09 -21.67 -40.85
CA GLY J 3 -0.04 -21.31 -41.69
C GLY J 3 -0.83 -22.48 -42.20
N GLY J 4 -0.86 -23.58 -41.47
CA GLY J 4 -1.43 -24.81 -41.96
C GLY J 4 -2.65 -25.25 -41.17
N ARG J 5 -3.19 -26.39 -41.59
CA ARG J 5 -4.40 -26.94 -41.02
C ARG J 5 -4.14 -28.38 -40.62
N GLU J 6 -4.80 -28.83 -39.56
CA GLU J 6 -4.56 -30.18 -39.06
C GLU J 6 -4.99 -31.22 -40.10
N SER J 7 -4.23 -32.31 -40.23
CA SER J 7 -4.59 -33.35 -41.16
C SER J 7 -5.77 -34.17 -40.63
N ARG J 8 -6.48 -34.82 -41.54
CA ARG J 8 -7.40 -35.86 -41.11
C ARG J 8 -6.57 -37.08 -40.71
N PRO J 9 -6.92 -37.78 -39.65
CA PRO J 9 -6.05 -38.85 -39.15
C PRO J 9 -5.80 -39.96 -40.16
N HIS J 10 -4.52 -40.30 -40.31
CA HIS J 10 -4.00 -41.35 -41.18
C HIS J 10 -4.30 -41.11 -42.65
N SER J 11 -4.78 -39.90 -42.98
CA SER J 11 -4.95 -39.51 -44.37
C SER J 11 -3.62 -39.42 -45.12
N ARG J 12 -2.50 -39.30 -44.41
CA ARG J 12 -1.17 -39.25 -45.02
C ARG J 12 -0.36 -40.38 -44.43
N PRO J 13 -0.60 -41.62 -44.87
CA PRO J 13 -0.11 -42.77 -44.13
C PRO J 13 1.36 -43.08 -44.39
N TYR J 14 1.96 -42.42 -45.37
CA TYR J 14 3.38 -42.52 -45.66
C TYR J 14 4.23 -41.64 -44.73
N MET J 15 3.61 -40.79 -43.93
CA MET J 15 4.39 -39.96 -43.02
C MET J 15 5.09 -40.81 -41.97
N ALA J 16 6.31 -40.42 -41.62
CA ALA J 16 7.09 -41.01 -40.55
C ALA J 16 7.55 -39.90 -39.61
N TYR J 17 7.86 -40.29 -38.38
CA TYR J 17 8.24 -39.35 -37.33
C TYR J 17 9.54 -39.85 -36.71
N LEU J 18 10.65 -39.16 -37.03
CA LEU J 18 11.98 -39.57 -36.60
C LEU J 18 12.33 -38.91 -35.27
N GLN J 19 12.94 -39.69 -34.38
CA GLN J 19 13.50 -39.22 -33.11
C GLN J 19 15.01 -39.51 -33.12
N ILE J 20 15.82 -38.50 -32.92
CA ILE J 20 17.23 -38.57 -33.25
C ILE J 20 18.10 -38.32 -32.03
N GLN J 21 19.15 -39.12 -31.88
CA GLN J 21 20.15 -38.94 -30.84
C GLN J 21 21.33 -38.17 -31.41
N SER J 22 21.53 -36.96 -30.94
CA SER J 22 22.68 -36.15 -31.26
C SER J 22 23.73 -36.30 -30.19
N PRO J 23 24.98 -35.90 -30.46
CA PRO J 23 25.96 -35.91 -29.37
C PRO J 23 25.53 -35.13 -28.16
N ALA J 24 24.85 -33.98 -28.37
CA ALA J 24 24.55 -33.03 -27.30
C ALA J 24 23.07 -32.98 -26.92
N GLY J 25 22.20 -33.69 -27.62
CA GLY J 25 20.79 -33.66 -27.27
C GLY J 25 19.95 -34.48 -28.23
N GLN J 26 18.69 -34.09 -28.34
CA GLN J 26 17.76 -34.75 -29.23
C GLN J 26 17.38 -33.81 -30.36
N SER J 27 17.12 -34.37 -31.53
CA SER J 27 16.42 -33.68 -32.59
C SER J 27 15.14 -34.43 -32.93
N ARG J 28 14.25 -33.74 -33.62
CA ARG J 28 13.03 -34.38 -34.10
C ARG J 28 12.81 -33.91 -35.53
N CYS J 29 12.48 -34.85 -36.41
CA CYS J 29 12.33 -34.57 -37.84
C CYS J 29 11.12 -35.31 -38.37
N GLY J 30 10.76 -35.00 -39.62
CA GLY J 30 9.84 -35.79 -40.39
C GLY J 30 10.55 -36.68 -41.41
N GLY J 31 9.76 -37.51 -42.07
CA GLY J 31 10.31 -38.36 -43.10
C GLY J 31 9.16 -39.12 -43.70
N PHE J 32 9.43 -39.80 -44.81
CA PHE J 32 8.34 -40.52 -45.44
C PHE J 32 8.78 -41.92 -45.86
N LEU J 33 7.83 -42.85 -45.75
CA LEU J 33 8.03 -44.23 -46.15
C LEU J 33 7.96 -44.34 -47.68
N VAL J 34 9.05 -44.81 -48.30
CA VAL J 34 9.09 -44.99 -49.74
C VAL J 34 9.22 -46.45 -50.15
N ARG J 35 9.51 -47.35 -49.21
CA ARG J 35 9.42 -48.77 -49.46
C ARG J 35 9.12 -49.44 -48.13
N GLU J 36 8.58 -50.67 -48.18
CA GLU J 36 8.08 -51.29 -46.96
C GLU J 36 9.14 -51.49 -45.87
N ASP J 37 10.42 -51.15 -46.16
CA ASP J 37 11.48 -51.16 -45.16
C ASP J 37 12.38 -49.93 -45.23
N PHE J 38 11.96 -48.88 -45.95
CA PHE J 38 12.81 -47.71 -46.15
C PHE J 38 12.05 -46.40 -45.98
N VAL J 39 12.73 -45.44 -45.35
CA VAL J 39 12.22 -44.11 -45.08
C VAL J 39 13.17 -43.09 -45.73
N LEU J 40 12.66 -42.32 -46.66
CA LEU J 40 13.35 -41.14 -47.14
C LEU J 40 13.20 -39.98 -46.15
N THR J 41 14.29 -39.24 -45.92
CA THR J 41 14.25 -38.05 -45.09
C THR J 41 15.42 -37.17 -45.49
N ALA J 42 15.64 -36.07 -44.76
CA ALA J 42 16.74 -35.18 -45.08
C ALA J 42 18.00 -35.70 -44.44
N ALA J 43 19.14 -35.26 -44.96
CA ALA J 43 20.41 -35.77 -44.45
C ALA J 43 20.82 -35.12 -43.14
N HIS J 44 20.36 -33.90 -42.87
CA HIS J 44 20.73 -33.23 -41.64
C HIS J 44 19.93 -33.74 -40.43
N CYS J 45 18.99 -34.64 -40.66
CA CYS J 45 18.32 -35.35 -39.60
C CYS J 45 19.12 -36.54 -39.09
N TRP J 46 20.34 -36.74 -39.57
CA TRP J 46 21.11 -37.89 -39.17
C TRP J 46 21.46 -37.80 -37.69
N GLY J 47 21.66 -38.95 -37.08
CA GLY J 47 22.10 -39.05 -35.71
C GLY J 47 22.66 -40.44 -35.51
N SER J 48 23.26 -40.63 -34.34
CA SER J 48 23.85 -41.93 -34.00
C SER J 48 22.79 -43.02 -33.95
N ASN J 49 21.61 -42.70 -33.43
CA ASN J 49 20.54 -43.67 -33.26
C ASN J 49 19.20 -42.99 -33.52
N ILE J 50 18.31 -43.64 -34.29
CA ILE J 50 17.09 -43.00 -34.80
C ILE J 50 15.90 -43.94 -34.66
N ASN J 51 14.89 -43.54 -33.86
CA ASN J 51 13.65 -44.29 -33.64
C ASN J 51 12.55 -43.72 -34.55
N VAL J 52 12.01 -44.57 -35.46
CA VAL J 52 11.02 -44.18 -36.46
C VAL J 52 9.62 -44.58 -35.99
N THR J 53 8.62 -43.76 -36.31
CA THR J 53 7.24 -44.06 -35.99
C THR J 53 6.37 -43.87 -37.23
N LEU J 54 5.74 -44.96 -37.67
CA LEU J 54 4.81 -44.93 -38.79
C LEU J 54 3.37 -44.91 -38.27
N GLY J 55 2.46 -44.39 -39.09
CA GLY J 55 1.04 -44.50 -38.83
C GLY J 55 0.51 -43.63 -37.71
N ALA J 56 1.13 -42.48 -37.46
CA ALA J 56 0.71 -41.68 -36.32
C ALA J 56 -0.27 -40.57 -36.73
N HIS J 57 -0.96 -40.06 -35.73
CA HIS J 57 -1.59 -38.74 -35.84
C HIS J 57 -1.21 -37.91 -34.61
N ASN J 58 -1.57 -38.36 -33.42
CA ASN J 58 -1.09 -37.72 -32.19
C ASN J 58 0.15 -38.49 -31.75
N ILE J 59 1.34 -37.91 -31.95
CA ILE J 59 2.56 -38.65 -31.64
C ILE J 59 2.85 -38.74 -30.15
N GLN J 60 2.24 -37.89 -29.34
CA GLN J 60 2.43 -37.92 -27.89
C GLN J 60 1.42 -38.82 -27.18
N ARG J 61 0.61 -39.57 -27.92
CA ARG J 61 -0.19 -40.63 -27.33
C ARG J 61 0.16 -41.92 -28.05
N ARG J 62 0.12 -43.03 -27.32
CA ARG J 62 0.42 -44.33 -27.91
C ARG J 62 -0.84 -44.89 -28.58
N GLU J 63 -1.18 -44.27 -29.70
CA GLU J 63 -2.31 -44.70 -30.50
C GLU J 63 -2.12 -46.14 -30.94
N ASN J 64 -3.24 -46.84 -31.10
CA ASN J 64 -3.22 -48.25 -31.43
C ASN J 64 -2.64 -48.50 -32.81
N THR J 65 -2.71 -47.49 -33.69
CA THR J 65 -2.37 -47.67 -35.10
C THR J 65 -0.87 -47.62 -35.36
N GLN J 66 -0.07 -47.12 -34.41
CA GLN J 66 1.32 -46.82 -34.68
C GLN J 66 2.18 -48.07 -34.73
N GLN J 67 3.21 -48.02 -35.55
CA GLN J 67 4.31 -48.96 -35.52
C GLN J 67 5.57 -48.21 -35.13
N HIS J 68 6.24 -48.70 -34.09
CA HIS J 68 7.54 -48.19 -33.66
C HIS J 68 8.63 -49.09 -34.22
N ILE J 69 9.47 -48.52 -35.08
CA ILE J 69 10.62 -49.21 -35.66
C ILE J 69 11.82 -48.29 -35.56
N THR J 70 12.96 -48.85 -35.18
CA THR J 70 14.23 -48.15 -35.24
C THR J 70 14.84 -48.26 -36.64
N ALA J 71 15.81 -47.40 -36.90
CA ALA J 71 16.54 -47.41 -38.16
C ALA J 71 17.78 -48.29 -38.01
N ARG J 72 17.93 -49.27 -38.90
CA ARG J 72 19.05 -50.19 -38.81
C ARG J 72 20.31 -49.56 -39.39
N ARG J 73 20.17 -48.94 -40.55
CA ARG J 73 21.16 -48.10 -41.19
C ARG J 73 20.63 -46.68 -41.31
N ALA J 74 21.54 -45.71 -41.28
CA ALA J 74 21.23 -44.34 -41.66
C ALA J 74 22.22 -43.92 -42.74
N ILE J 75 21.83 -44.12 -44.00
CA ILE J 75 22.73 -43.90 -45.13
C ILE J 75 22.58 -42.44 -45.60
N ARG J 76 23.52 -41.59 -45.20
CA ARG J 76 23.58 -40.24 -45.74
C ARG J 76 24.07 -40.28 -47.17
N HIS J 77 23.66 -39.30 -47.97
CA HIS J 77 24.26 -39.16 -49.29
C HIS J 77 25.76 -38.94 -49.14
N PRO J 78 26.59 -39.67 -49.89
CA PRO J 78 28.05 -39.49 -49.72
C PRO J 78 28.53 -38.09 -50.00
N GLN J 79 27.81 -37.34 -50.83
CA GLN J 79 28.23 -36.01 -51.24
C GLN J 79 27.54 -34.92 -50.46
N TYR J 80 27.16 -35.19 -49.21
CA TYR J 80 26.30 -34.26 -48.47
C TYR J 80 27.13 -33.14 -47.87
N ASN J 81 26.73 -31.90 -48.10
CA ASN J 81 27.48 -30.78 -47.55
C ASN J 81 26.70 -30.18 -46.38
N GLN J 82 27.10 -30.60 -45.17
CA GLN J 82 26.64 -30.03 -43.91
C GLN J 82 26.62 -28.50 -43.92
N ARG J 83 27.61 -27.87 -44.56
CA ARG J 83 27.77 -26.42 -44.42
C ARG J 83 26.84 -25.64 -45.35
N THR J 84 26.62 -26.13 -46.57
CA THR J 84 25.74 -25.46 -47.51
C THR J 84 24.38 -26.13 -47.63
N ILE J 85 24.09 -27.11 -46.78
CA ILE J 85 22.86 -27.92 -46.82
C ILE J 85 22.60 -28.37 -48.24
N GLN J 86 23.61 -28.93 -48.89
CA GLN J 86 23.56 -29.39 -50.27
C GLN J 86 23.62 -30.90 -50.34
N ASN J 87 22.84 -31.49 -51.26
CA ASN J 87 22.63 -32.94 -51.34
C ASN J 87 22.11 -33.47 -50.03
N ASP J 88 21.01 -32.86 -49.59
CA ASP J 88 20.44 -33.02 -48.24
C ASP J 88 19.37 -34.11 -48.25
N ILE J 89 19.84 -35.35 -48.30
CA ILE J 89 18.96 -36.50 -48.46
C ILE J 89 19.58 -37.71 -47.76
N MET J 90 18.74 -38.57 -47.19
CA MET J 90 19.17 -39.65 -46.32
C MET J 90 18.15 -40.77 -46.36
N LEU J 91 18.64 -41.99 -46.55
CA LEU J 91 17.79 -43.17 -46.50
C LEU J 91 17.99 -43.84 -45.16
N LEU J 92 16.88 -44.12 -44.48
CA LEU J 92 16.86 -44.99 -43.31
C LEU J 92 16.34 -46.37 -43.71
N GLN J 93 17.09 -47.42 -43.38
CA GLN J 93 16.56 -48.78 -43.50
C GLN J 93 15.98 -49.19 -42.16
N LEU J 94 14.65 -49.35 -42.11
CA LEU J 94 13.98 -49.77 -40.90
C LEU J 94 14.45 -51.16 -40.46
N SER J 95 14.68 -51.32 -39.15
CA SER J 95 15.19 -52.57 -38.61
C SER J 95 14.25 -53.75 -38.80
N ARG J 96 13.02 -53.51 -39.24
CA ARG J 96 12.12 -54.61 -39.54
C ARG J 96 11.10 -54.11 -40.55
N ARG J 97 10.34 -55.04 -41.12
CA ARG J 97 9.32 -54.67 -42.10
C ARG J 97 8.05 -54.16 -41.41
N VAL J 98 7.45 -53.15 -42.02
CA VAL J 98 6.21 -52.58 -41.55
C VAL J 98 5.05 -53.50 -41.91
N ARG J 99 4.02 -53.49 -41.07
CA ARG J 99 2.73 -54.06 -41.41
C ARG J 99 2.00 -53.05 -42.29
N ARG J 100 2.11 -53.20 -43.61
CA ARG J 100 1.34 -52.40 -44.55
C ARG J 100 -0.15 -52.49 -44.23
N ASN J 101 -0.84 -51.34 -44.30
CA ASN J 101 -2.30 -51.30 -44.13
C ASN J 101 -2.89 -49.94 -44.44
N ARG J 102 -4.13 -49.69 -43.94
CA ARG J 102 -4.76 -48.38 -44.10
C ARG J 102 -3.86 -47.26 -43.63
N ASN J 103 -3.14 -47.47 -42.53
CA ASN J 103 -2.48 -46.39 -41.82
C ASN J 103 -0.99 -46.31 -42.10
N VAL J 104 -0.39 -47.36 -42.67
CA VAL J 104 1.01 -47.36 -43.04
C VAL J 104 1.11 -47.93 -44.44
N ASN J 105 1.57 -47.13 -45.38
CA ASN J 105 1.91 -47.61 -46.72
C ASN J 105 2.79 -46.57 -47.38
N PRO J 106 3.57 -46.95 -48.39
CA PRO J 106 4.52 -45.99 -48.99
C PRO J 106 3.83 -44.97 -49.87
N VAL J 107 4.63 -44.00 -50.31
CA VAL J 107 4.26 -43.04 -51.35
C VAL J 107 5.21 -43.24 -52.51
N ALA J 108 4.77 -42.87 -53.71
CA ALA J 108 5.58 -43.11 -54.88
C ALA J 108 6.58 -41.98 -55.10
N LEU J 109 7.64 -42.30 -55.79
CA LEU J 109 8.67 -41.36 -56.15
C LEU J 109 8.56 -41.04 -57.62
N PRO J 110 9.10 -39.90 -58.06
CA PRO J 110 9.03 -39.58 -59.47
C PRO J 110 9.96 -40.46 -60.29
N ARG J 111 9.86 -40.29 -61.61
CA ARG J 111 10.82 -40.91 -62.50
C ARG J 111 12.09 -40.08 -62.49
N ALA J 112 13.20 -40.71 -62.85
CA ALA J 112 14.49 -40.02 -62.80
C ALA J 112 14.42 -38.68 -63.49
N GLN J 113 14.94 -37.65 -62.81
CA GLN J 113 15.09 -36.32 -63.39
C GLN J 113 13.74 -35.67 -63.71
N GLU J 114 12.66 -36.17 -63.09
CA GLU J 114 11.32 -35.64 -63.31
C GLU J 114 11.22 -34.23 -62.74
N GLY J 115 10.91 -33.24 -63.58
CA GLY J 115 10.85 -31.87 -63.12
C GLY J 115 9.51 -31.48 -62.47
N LEU J 116 9.44 -30.22 -62.05
CA LEU J 116 8.26 -29.65 -61.40
C LEU J 116 8.09 -28.23 -61.91
N ARG J 117 6.85 -27.86 -62.26
CA ARG J 117 6.60 -26.61 -62.99
C ARG J 117 6.19 -25.47 -62.07
N PRO J 118 6.77 -24.27 -62.21
CA PRO J 118 6.37 -23.12 -61.38
C PRO J 118 4.87 -22.86 -61.41
N GLY J 119 4.34 -22.42 -60.26
CA GLY J 119 2.93 -22.24 -60.04
C GLY J 119 2.23 -23.44 -59.42
N THR J 120 2.87 -24.61 -59.47
CA THR J 120 2.23 -25.85 -59.04
C THR J 120 1.91 -25.79 -57.56
N LEU J 121 0.69 -26.20 -57.22
CA LEU J 121 0.31 -26.40 -55.83
C LEU J 121 0.82 -27.76 -55.36
N CYS J 122 1.58 -27.77 -54.29
CA CYS J 122 1.99 -29.00 -53.65
C CYS J 122 1.63 -28.95 -52.18
N THR J 123 1.67 -30.11 -51.53
CA THR J 123 1.31 -30.27 -50.13
C THR J 123 2.48 -30.83 -49.34
N VAL J 124 2.86 -30.12 -48.28
CA VAL J 124 3.93 -30.51 -47.37
C VAL J 124 3.36 -30.65 -45.97
N ALA J 125 3.82 -31.65 -45.22
CA ALA J 125 3.20 -31.99 -43.95
C ALA J 125 4.25 -32.37 -42.91
N GLY J 126 3.83 -32.29 -41.65
CA GLY J 126 4.72 -32.70 -40.58
C GLY J 126 4.13 -32.34 -39.24
N TRP J 127 4.90 -32.67 -38.19
CA TRP J 127 4.61 -32.33 -36.80
C TRP J 127 5.48 -31.20 -36.27
N GLY J 128 6.07 -30.41 -37.16
CA GLY J 128 6.94 -29.34 -36.73
C GLY J 128 6.18 -28.27 -36.01
N ARG J 129 6.92 -27.24 -35.59
CA ARG J 129 6.35 -26.05 -34.96
C ARG J 129 5.36 -25.35 -35.90
N VAL J 130 4.36 -24.71 -35.28
CA VAL J 130 3.34 -23.96 -36.02
C VAL J 130 3.60 -22.47 -36.03
N SER J 131 4.55 -21.99 -35.22
CA SER J 131 4.72 -20.58 -34.97
C SER J 131 6.04 -20.38 -34.24
N MET J 132 6.38 -19.12 -33.99
CA MET J 132 7.55 -18.82 -33.20
C MET J 132 7.43 -19.22 -31.73
N ARG J 133 6.27 -19.68 -31.27
CA ARG J 133 6.19 -20.01 -29.85
C ARG J 133 5.47 -21.31 -29.55
N ARG J 134 4.54 -21.74 -30.38
CA ARG J 134 3.78 -22.93 -30.06
C ARG J 134 3.98 -24.01 -31.11
N GLY J 135 3.54 -25.22 -30.77
CA GLY J 135 3.78 -26.37 -31.62
C GLY J 135 2.55 -27.26 -31.68
N THR J 136 2.73 -28.52 -32.05
CA THR J 136 1.57 -29.38 -32.29
C THR J 136 1.83 -30.79 -31.78
N ASP J 137 0.81 -31.38 -31.17
CA ASP J 137 0.82 -32.82 -30.91
C ASP J 137 0.50 -33.63 -32.16
N THR J 138 -0.15 -33.03 -33.15
CA THR J 138 -0.77 -33.78 -34.25
C THR J 138 -0.23 -33.38 -35.60
N LEU J 139 -0.41 -34.28 -36.57
CA LEU J 139 0.01 -34.03 -37.95
C LEU J 139 -0.75 -32.85 -38.54
N ARG J 140 0.00 -31.87 -39.03
CA ARG J 140 -0.56 -30.78 -39.79
C ARG J 140 0.05 -30.78 -41.17
N GLU J 141 -0.55 -29.98 -42.05
CA GLU J 141 -0.17 -29.89 -43.46
C GLU J 141 -0.62 -28.56 -44.01
N VAL J 142 0.05 -28.14 -45.07
CA VAL J 142 -0.22 -26.86 -45.72
C VAL J 142 0.08 -27.06 -47.20
N GLN J 143 -0.52 -26.22 -48.03
CA GLN J 143 -0.37 -26.30 -49.48
C GLN J 143 0.49 -25.13 -49.94
N LEU J 144 1.63 -25.43 -50.53
CA LEU J 144 2.54 -24.41 -50.99
C LEU J 144 2.62 -24.44 -52.50
N ARG J 145 3.27 -23.43 -53.06
CA ARG J 145 3.23 -23.11 -54.48
C ARG J 145 4.65 -23.04 -55.03
N VAL J 146 4.95 -23.85 -56.03
CA VAL J 146 6.31 -23.96 -56.51
C VAL J 146 6.71 -22.66 -57.20
N GLN J 147 7.91 -22.18 -56.90
CA GLN J 147 8.43 -20.91 -57.41
C GLN J 147 9.41 -21.14 -58.54
N ARG J 148 9.61 -20.09 -59.34
CA ARG J 148 10.66 -20.11 -60.36
C ARG J 148 12.03 -20.05 -59.68
N ASP J 149 13.02 -20.66 -60.32
CA ASP J 149 14.32 -20.79 -59.65
C ASP J 149 14.91 -19.45 -59.22
N ARG J 150 14.53 -18.36 -59.89
CA ARG J 150 15.22 -17.09 -59.65
C ARG J 150 14.96 -16.56 -58.24
N GLN J 151 13.78 -16.84 -57.67
CA GLN J 151 13.42 -16.30 -56.35
C GLN J 151 14.39 -16.76 -55.26
N CYS J 152 14.87 -18.01 -55.35
CA CYS J 152 15.84 -18.53 -54.40
C CYS J 152 17.28 -18.11 -54.73
N LEU J 153 17.63 -18.14 -56.03
CA LEU J 153 19.01 -17.86 -56.44
C LEU J 153 19.47 -16.49 -55.95
N ARG J 154 18.54 -15.53 -55.85
CA ARG J 154 18.91 -14.21 -55.36
C ARG J 154 19.15 -14.20 -53.86
N ILE J 155 18.53 -15.11 -53.12
CA ILE J 155 18.47 -15.02 -51.66
C ILE J 155 19.36 -16.06 -51.00
N PHE J 156 19.48 -17.24 -51.63
CA PHE J 156 20.18 -18.38 -51.02
C PHE J 156 21.47 -18.63 -51.77
N GLY J 157 22.59 -18.56 -51.05
CA GLY J 157 23.88 -18.58 -51.71
C GLY J 157 24.23 -19.91 -52.34
N SER J 158 23.71 -21.00 -51.81
CA SER J 158 24.02 -22.31 -52.39
C SER J 158 22.79 -23.02 -52.94
N TYR J 159 21.79 -22.27 -53.39
CA TYR J 159 20.67 -22.90 -54.07
C TYR J 159 21.17 -23.49 -55.38
N ASP J 160 20.78 -24.75 -55.68
CA ASP J 160 21.13 -25.40 -56.94
C ASP J 160 19.90 -25.95 -57.63
N PRO J 161 19.37 -25.25 -58.63
CA PRO J 161 18.12 -25.73 -59.27
C PRO J 161 18.23 -27.11 -59.90
N ARG J 162 19.44 -27.57 -60.25
CA ARG J 162 19.61 -28.93 -60.74
C ARG J 162 19.35 -29.96 -59.64
N ARG J 163 19.48 -29.59 -58.36
CA ARG J 163 19.34 -30.52 -57.25
C ARG J 163 18.22 -30.18 -56.27
N GLN J 164 17.67 -28.96 -56.31
CA GLN J 164 16.69 -28.54 -55.31
C GLN J 164 15.51 -27.84 -55.99
N ILE J 165 14.39 -27.81 -55.28
CA ILE J 165 13.18 -27.09 -55.70
C ILE J 165 13.05 -25.84 -54.85
N CYS J 166 12.54 -24.77 -55.45
CA CYS J 166 12.26 -23.54 -54.73
C CYS J 166 10.76 -23.37 -54.63
N VAL J 167 10.26 -23.26 -53.40
CA VAL J 167 8.85 -23.46 -53.08
C VAL J 167 8.41 -22.40 -52.11
N GLY J 168 7.16 -21.92 -52.27
CA GLY J 168 6.55 -21.00 -51.32
C GLY J 168 6.26 -19.59 -51.82
N ASP J 169 4.98 -19.20 -51.80
CA ASP J 169 4.58 -17.82 -52.11
C ASP J 169 5.19 -16.85 -51.10
N ARG J 170 6.00 -15.90 -51.58
CA ARG J 170 6.62 -14.93 -50.67
C ARG J 170 5.57 -14.13 -49.91
N ARG J 171 4.40 -13.93 -50.52
CA ARG J 171 3.39 -13.06 -49.94
C ARG J 171 2.62 -13.75 -48.84
N GLU J 172 2.01 -14.89 -49.16
CA GLU J 172 1.26 -15.67 -48.18
C GLU J 172 2.20 -16.27 -47.13
N ARG J 173 1.67 -16.42 -45.93
CA ARG J 173 2.46 -16.93 -44.81
C ARG J 173 2.02 -18.37 -44.58
N LYS J 174 2.53 -19.22 -45.46
CA LYS J 174 2.49 -20.67 -45.38
C LYS J 174 3.91 -21.18 -45.52
N ALA J 175 4.31 -22.11 -44.65
CA ALA J 175 5.63 -22.72 -44.81
C ALA J 175 5.78 -23.91 -43.89
N ALA J 176 6.71 -24.79 -44.26
CA ALA J 176 7.16 -25.86 -43.38
C ALA J 176 8.25 -25.32 -42.45
N PHE J 177 8.15 -25.66 -41.17
CA PHE J 177 8.94 -24.99 -40.13
C PHE J 177 9.75 -25.99 -39.30
N LYS J 178 10.14 -25.57 -38.09
CA LYS J 178 11.02 -26.36 -37.25
C LYS J 178 10.37 -27.68 -36.84
N GLY J 179 11.02 -28.79 -37.16
CA GLY J 179 10.46 -30.10 -36.92
C GLY J 179 9.93 -30.80 -38.15
N ASP J 180 9.85 -30.10 -39.28
CA ASP J 180 9.25 -30.59 -40.52
C ASP J 180 10.29 -31.10 -41.50
N SER J 181 11.57 -30.78 -41.30
CA SER J 181 12.68 -31.40 -42.02
C SER J 181 12.43 -32.86 -42.34
N GLY J 182 12.85 -33.27 -43.53
CA GLY J 182 12.68 -34.62 -44.00
C GLY J 182 11.29 -34.94 -44.48
N GLY J 183 10.36 -34.01 -44.35
CA GLY J 183 8.99 -34.24 -44.75
C GLY J 183 8.85 -34.20 -46.24
N PRO J 184 7.85 -34.90 -46.79
CA PRO J 184 7.73 -34.98 -48.24
C PRO J 184 6.97 -33.76 -48.74
N LEU J 185 7.39 -33.30 -49.92
CA LEU J 185 6.65 -32.33 -50.71
C LEU J 185 5.96 -33.11 -51.82
N LEU J 186 4.65 -33.30 -51.69
CA LEU J 186 3.88 -34.19 -52.56
C LEU J 186 3.04 -33.37 -53.52
N CYS J 187 3.07 -33.75 -54.79
CA CYS J 187 2.25 -33.16 -55.85
C CYS J 187 1.78 -34.30 -56.74
N ASN J 188 0.47 -34.49 -56.83
CA ASN J 188 -0.12 -35.68 -57.48
C ASN J 188 0.32 -36.97 -56.78
N ASN J 189 0.30 -36.94 -55.44
CA ASN J 189 0.62 -38.11 -54.64
C ASN J 189 1.96 -38.72 -55.08
N VAL J 190 2.88 -37.84 -55.47
CA VAL J 190 4.27 -38.19 -55.77
C VAL J 190 5.17 -37.26 -54.99
N ALA J 191 6.05 -37.83 -54.17
CA ALA J 191 6.95 -37.05 -53.32
C ALA J 191 8.09 -36.50 -54.19
N HIS J 192 8.02 -35.20 -54.47
CA HIS J 192 9.01 -34.59 -55.33
C HIS J 192 10.16 -33.98 -54.58
N GLY J 193 9.97 -33.67 -53.30
CA GLY J 193 10.96 -32.91 -52.56
C GLY J 193 11.03 -33.32 -51.09
N ILE J 194 12.12 -32.90 -50.45
CA ILE J 194 12.37 -33.19 -49.05
C ILE J 194 12.62 -31.88 -48.31
N VAL J 195 11.98 -31.72 -47.15
CA VAL J 195 11.99 -30.43 -46.43
C VAL J 195 13.39 -30.12 -45.93
N SER J 196 14.00 -29.07 -46.47
CA SER J 196 15.40 -28.82 -46.17
C SER J 196 15.60 -27.60 -45.28
N TYR J 197 15.60 -26.41 -45.87
CA TYR J 197 15.89 -25.22 -45.08
C TYR J 197 15.07 -24.03 -45.59
N GLY J 198 15.27 -22.90 -44.92
CA GLY J 198 14.76 -21.64 -45.38
C GLY J 198 15.41 -20.54 -44.56
N LYS J 199 14.84 -19.33 -44.63
CA LYS J 199 15.16 -18.34 -43.63
C LYS J 199 14.60 -18.79 -42.27
N SER J 200 15.28 -18.37 -41.21
CA SER J 200 14.94 -18.78 -39.84
C SER J 200 13.54 -18.34 -39.43
N SER J 201 13.03 -17.25 -40.00
CA SER J 201 11.68 -16.78 -39.72
C SER J 201 10.59 -17.63 -40.35
N GLY J 202 10.94 -18.44 -41.35
CA GLY J 202 9.94 -19.12 -42.15
C GLY J 202 9.26 -18.26 -43.17
N VAL J 203 9.79 -17.08 -43.47
CA VAL J 203 9.17 -16.25 -44.49
C VAL J 203 9.55 -16.84 -45.84
N PRO J 204 8.60 -17.28 -46.64
CA PRO J 204 8.92 -18.00 -47.90
C PRO J 204 9.78 -17.15 -48.81
N PRO J 205 10.45 -17.76 -49.81
CA PRO J 205 10.49 -19.18 -50.14
C PRO J 205 11.47 -19.98 -49.31
N GLU J 206 11.46 -21.30 -49.52
CA GLU J 206 12.38 -22.21 -48.87
C GLU J 206 12.80 -23.27 -49.88
N VAL J 207 13.90 -23.95 -49.57
CA VAL J 207 14.50 -24.91 -50.47
C VAL J 207 14.08 -26.31 -50.04
N PHE J 208 13.70 -27.12 -51.03
CA PHE J 208 13.45 -28.54 -50.87
C PHE J 208 14.44 -29.32 -51.73
N THR J 209 14.97 -30.41 -51.18
CA THR J 209 15.77 -31.29 -52.01
C THR J 209 14.88 -31.86 -53.12
N ARG J 210 15.41 -31.97 -54.33
CA ARG J 210 14.63 -32.52 -55.45
C ARG J 210 14.80 -34.04 -55.50
N VAL J 211 13.76 -34.79 -55.15
CA VAL J 211 13.91 -36.23 -55.00
C VAL J 211 14.37 -36.86 -56.30
N SER J 212 13.79 -36.42 -57.43
CA SER J 212 14.12 -37.03 -58.70
C SER J 212 15.59 -36.93 -59.05
N SER J 213 16.28 -35.91 -58.55
CA SER J 213 17.69 -35.69 -58.85
C SER J 213 18.60 -36.68 -58.15
N PHE J 214 18.05 -37.62 -57.40
CA PHE J 214 18.86 -38.61 -56.68
C PHE J 214 18.39 -40.03 -56.92
N LEU J 215 17.59 -40.27 -57.95
CA LEU J 215 16.94 -41.56 -58.08
C LEU J 215 17.91 -42.69 -58.39
N PRO J 216 18.88 -42.54 -59.30
CA PRO J 216 19.94 -43.55 -59.37
C PRO J 216 20.57 -43.92 -58.02
N TRP J 217 20.86 -42.92 -57.17
CA TRP J 217 21.40 -43.21 -55.85
C TRP J 217 20.36 -43.84 -54.94
N ILE J 218 19.08 -43.52 -55.13
CA ILE J 218 18.04 -44.03 -54.24
C ILE J 218 17.85 -45.55 -54.44
N ARG J 219 17.77 -46.01 -55.69
CA ARG J 219 17.57 -47.44 -55.93
C ARG J 219 18.82 -48.23 -55.56
N THR J 220 19.98 -47.80 -56.10
CA THR J 220 21.27 -48.42 -55.79
C THR J 220 21.45 -48.66 -54.30
N THR J 221 20.88 -47.81 -53.46
CA THR J 221 21.09 -47.92 -52.02
C THR J 221 20.15 -48.93 -51.38
N MET J 222 18.92 -49.07 -51.93
CA MET J 222 17.84 -49.79 -51.27
C MET J 222 17.87 -51.31 -51.49
N ARG J 223 18.48 -51.79 -52.56
CA ARG J 223 18.50 -53.22 -52.80
C ARG J 223 19.55 -53.56 -53.85
N THR K 3 17.87 -34.37 -19.02
CA THR K 3 16.65 -34.52 -18.23
C THR K 3 15.76 -33.24 -18.37
N VAL K 4 16.30 -32.18 -19.00
CA VAL K 4 15.50 -31.13 -19.62
C VAL K 4 16.03 -30.89 -21.02
N GLN K 5 15.14 -30.54 -21.95
CA GLN K 5 15.49 -30.27 -23.34
C GLN K 5 15.29 -28.79 -23.60
N VAL K 6 16.38 -28.08 -23.87
CA VAL K 6 16.30 -26.67 -24.22
C VAL K 6 16.47 -26.56 -25.73
N PRO K 7 15.52 -26.00 -26.47
CA PRO K 7 15.67 -25.97 -27.92
C PRO K 7 16.65 -24.90 -28.39
N TYR K 8 17.23 -25.16 -29.55
CA TYR K 8 18.12 -24.21 -30.23
C TYR K 8 17.86 -24.27 -31.73
N THR K 9 18.10 -23.13 -32.39
CA THR K 9 18.11 -23.03 -33.84
C THR K 9 19.46 -22.49 -34.26
N ILE K 10 19.94 -22.93 -35.42
CA ILE K 10 21.23 -22.50 -35.97
C ILE K 10 21.00 -21.85 -37.32
N THR K 11 21.35 -20.57 -37.44
CA THR K 11 21.37 -19.87 -38.73
C THR K 11 22.83 -19.67 -39.07
N VAL K 12 23.26 -20.27 -40.18
CA VAL K 12 24.59 -20.06 -40.74
C VAL K 12 24.45 -19.61 -42.17
N ASN K 13 25.20 -18.56 -42.55
CA ASN K 13 25.19 -18.02 -43.91
C ASN K 13 23.78 -17.69 -44.35
N GLY K 14 22.96 -17.23 -43.40
CA GLY K 14 21.60 -16.79 -43.68
C GLY K 14 20.58 -17.89 -43.96
N THR K 15 21.00 -19.14 -44.14
CA THR K 15 20.12 -20.29 -44.32
C THR K 15 20.01 -21.07 -43.01
N SER K 16 18.86 -21.68 -42.77
CA SER K 16 18.68 -22.42 -41.52
C SER K 16 17.91 -23.70 -41.77
N GLN K 17 18.32 -24.79 -41.12
CA GLN K 17 17.64 -26.06 -41.32
C GLN K 17 16.29 -26.07 -40.61
N ASN K 18 15.33 -26.79 -41.22
CA ASN K 18 14.01 -26.96 -40.61
C ASN K 18 13.97 -28.13 -39.63
N ILE K 19 14.99 -28.25 -38.78
CA ILE K 19 15.02 -29.30 -37.78
C ILE K 19 14.55 -28.74 -36.44
N LEU K 20 14.14 -29.64 -35.56
CA LEU K 20 13.75 -29.30 -34.19
C LEU K 20 14.83 -29.82 -33.24
N SER K 21 15.74 -28.92 -32.88
CA SER K 21 17.01 -29.26 -32.23
C SER K 21 17.00 -28.84 -30.77
N ASN K 22 17.42 -29.75 -29.89
CA ASN K 22 17.46 -29.49 -28.47
C ASN K 22 18.82 -29.85 -27.91
N LEU K 23 19.31 -29.02 -26.99
CA LEU K 23 20.41 -29.36 -26.10
C LEU K 23 19.83 -30.03 -24.85
N THR K 24 20.49 -31.07 -24.38
CA THR K 24 20.13 -31.70 -23.11
C THR K 24 20.93 -31.10 -21.96
N PHE K 25 20.22 -30.75 -20.90
CA PHE K 25 20.84 -30.27 -19.68
C PHE K 25 20.26 -31.05 -18.51
N ASN K 26 21.05 -31.14 -17.44
CA ASN K 26 20.57 -31.77 -16.24
C ASN K 26 19.58 -30.83 -15.55
N LYS K 27 18.40 -31.36 -15.25
CA LYS K 27 17.30 -30.59 -14.66
C LYS K 27 17.80 -29.77 -13.47
N ASN K 28 17.59 -28.45 -13.55
CA ASN K 28 17.77 -27.58 -12.39
C ASN K 28 19.26 -27.42 -12.03
N GLN K 29 20.12 -27.29 -13.03
CA GLN K 29 21.56 -27.36 -12.82
C GLN K 29 22.26 -26.05 -13.18
N ASN K 30 23.24 -25.68 -12.36
CA ASN K 30 24.01 -24.47 -12.59
C ASN K 30 25.10 -24.70 -13.61
N ILE K 31 25.08 -23.95 -14.70
CA ILE K 31 26.17 -23.94 -15.66
C ILE K 31 26.73 -22.52 -15.74
N SER K 32 27.77 -22.35 -16.55
CA SER K 32 28.39 -21.07 -16.77
C SER K 32 28.33 -20.75 -18.25
N TYR K 33 28.84 -19.57 -18.62
CA TYR K 33 28.81 -19.16 -20.01
C TYR K 33 30.00 -19.63 -20.83
N LYS K 34 30.94 -20.35 -20.20
CA LYS K 34 31.92 -21.15 -20.94
C LYS K 34 31.33 -22.48 -21.35
N ASP K 35 30.66 -23.14 -20.40
CA ASP K 35 29.95 -24.38 -20.68
C ASP K 35 28.96 -24.21 -21.82
N LEU K 36 28.29 -23.06 -21.89
CA LEU K 36 27.32 -22.79 -22.92
C LEU K 36 28.00 -22.43 -24.24
N GLU K 37 29.18 -21.82 -24.18
CA GLU K 37 29.97 -21.67 -25.40
C GLU K 37 30.33 -23.02 -25.96
N GLY K 38 30.60 -23.99 -25.07
CA GLY K 38 30.97 -25.31 -25.52
C GLY K 38 29.85 -26.01 -26.27
N LYS K 39 28.62 -25.85 -25.78
CA LYS K 39 27.49 -26.51 -26.44
C LYS K 39 27.12 -25.82 -27.74
N VAL K 40 27.19 -24.49 -27.74
CA VAL K 40 27.01 -23.73 -28.99
C VAL K 40 28.04 -24.19 -30.01
N LYS K 41 29.30 -24.29 -29.58
CA LYS K 41 30.35 -24.66 -30.51
C LYS K 41 30.23 -26.11 -30.93
N SER K 42 29.80 -26.99 -30.03
CA SER K 42 29.61 -28.40 -30.39
C SER K 42 28.47 -28.58 -31.38
N VAL K 43 27.35 -27.86 -31.20
CA VAL K 43 26.22 -28.09 -32.08
C VAL K 43 26.40 -27.39 -33.42
N LEU K 44 27.07 -26.23 -33.42
CA LEU K 44 27.46 -25.59 -34.69
C LEU K 44 28.28 -26.53 -35.54
N GLU K 45 29.12 -27.33 -34.91
CA GLU K 45 30.05 -28.19 -35.63
C GLU K 45 29.35 -29.43 -36.18
N SER K 46 28.61 -30.14 -35.32
CA SER K 46 27.95 -31.37 -35.72
C SER K 46 26.76 -31.13 -36.62
N ASN K 47 26.08 -30.00 -36.47
CA ASN K 47 24.90 -29.73 -37.29
C ASN K 47 25.23 -29.08 -38.62
N ARG K 48 26.25 -28.18 -38.66
CA ARG K 48 26.54 -27.41 -39.86
C ARG K 48 27.98 -27.47 -40.34
N GLY K 49 28.87 -28.12 -39.61
CA GLY K 49 30.26 -28.19 -40.04
C GLY K 49 31.02 -26.90 -39.84
N ILE K 50 30.69 -26.14 -38.79
CA ILE K 50 31.37 -24.89 -38.46
C ILE K 50 32.31 -25.17 -37.31
N THR K 51 33.60 -25.07 -37.57
CA THR K 51 34.66 -25.39 -36.65
C THR K 51 35.26 -24.11 -36.06
N ASP K 52 36.32 -24.25 -35.27
CA ASP K 52 36.95 -23.08 -34.67
C ASP K 52 37.53 -22.14 -35.72
N VAL K 53 38.33 -22.68 -36.64
CA VAL K 53 38.89 -21.86 -37.71
C VAL K 53 37.78 -21.16 -38.49
N ASP K 54 36.62 -21.82 -38.63
CA ASP K 54 35.50 -21.22 -39.37
C ASP K 54 34.85 -20.10 -38.57
N LEU K 55 34.59 -20.34 -37.27
CA LEU K 55 34.17 -19.27 -36.38
C LEU K 55 35.16 -18.10 -36.43
N ARG K 56 36.46 -18.38 -36.29
CA ARG K 56 37.43 -17.30 -36.30
C ARG K 56 37.48 -16.60 -37.64
N LEU K 57 37.19 -17.31 -38.71
CA LEU K 57 37.19 -16.70 -40.04
C LEU K 57 35.84 -16.11 -40.42
N SER K 58 34.82 -16.30 -39.59
CA SER K 58 33.50 -15.72 -39.87
C SER K 58 33.51 -14.24 -39.53
N LYS K 59 32.63 -13.49 -40.20
CA LYS K 59 32.57 -12.04 -40.02
C LYS K 59 32.00 -11.69 -38.64
N GLN K 60 30.89 -12.30 -38.25
CA GLN K 60 30.35 -12.10 -36.93
C GLN K 60 29.66 -13.38 -36.48
N ALA K 61 29.81 -13.72 -35.20
CA ALA K 61 29.32 -14.98 -34.65
C ALA K 61 28.73 -14.69 -33.28
N LYS K 62 27.45 -15.01 -33.11
CA LYS K 62 26.82 -14.68 -31.85
C LYS K 62 25.74 -15.71 -31.54
N TYR K 63 25.41 -15.81 -30.27
CA TYR K 63 24.20 -16.52 -29.91
C TYR K 63 23.41 -15.67 -28.92
N THR K 64 22.11 -15.91 -28.91
CA THR K 64 21.14 -15.22 -28.07
C THR K 64 20.45 -16.25 -27.17
N VAL K 65 20.68 -16.14 -25.87
CA VAL K 65 19.98 -16.97 -24.91
C VAL K 65 18.64 -16.30 -24.64
N ASN K 66 17.56 -17.04 -24.87
CA ASN K 66 16.24 -16.58 -24.53
C ASN K 66 15.86 -17.20 -23.20
N PHE K 67 15.53 -16.37 -22.22
CA PHE K 67 15.14 -16.82 -20.90
C PHE K 67 13.62 -16.79 -20.75
N LYS K 68 13.14 -17.36 -19.65
CA LYS K 68 11.70 -17.49 -19.47
C LYS K 68 11.07 -16.20 -18.94
N ASN K 69 11.77 -15.45 -18.12
CA ASN K 69 11.24 -14.13 -17.77
C ASN K 69 11.25 -13.16 -18.97
N GLY K 70 11.43 -13.65 -20.20
CA GLY K 70 11.37 -12.82 -21.37
C GLY K 70 12.63 -12.06 -21.69
N THR K 71 13.58 -11.98 -20.77
CA THR K 71 14.82 -11.29 -21.07
C THR K 71 15.66 -12.12 -22.02
N LYS K 72 16.72 -11.50 -22.54
CA LYS K 72 17.70 -12.24 -23.32
C LYS K 72 19.08 -11.69 -23.06
N LYS K 73 20.09 -12.55 -23.18
CA LYS K 73 21.49 -12.12 -23.20
C LYS K 73 22.10 -12.51 -24.54
N VAL K 74 22.78 -11.55 -25.18
CA VAL K 74 23.39 -11.72 -26.49
C VAL K 74 24.89 -11.87 -26.32
N ILE K 75 25.46 -12.95 -26.84
CA ILE K 75 26.85 -13.24 -26.56
C ILE K 75 27.65 -13.24 -27.85
N ASP K 76 28.74 -12.46 -27.87
CA ASP K 76 29.71 -12.45 -28.95
C ASP K 76 30.65 -13.62 -28.74
N LEU K 77 30.65 -14.56 -29.69
CA LEU K 77 31.55 -15.71 -29.61
C LEU K 77 33.02 -15.28 -29.78
N LYS K 78 33.28 -14.38 -30.71
CA LYS K 78 34.64 -13.96 -31.03
C LYS K 78 35.25 -13.04 -29.97
N SER K 79 34.41 -12.35 -29.20
CA SER K 79 34.86 -11.65 -28.02
C SER K 79 35.23 -12.66 -26.93
N GLY K 80 36.38 -12.45 -26.28
CA GLY K 80 36.75 -13.41 -25.26
C GLY K 80 35.93 -13.29 -23.99
N ILE K 81 35.23 -12.16 -23.82
CA ILE K 81 34.58 -11.82 -22.56
C ILE K 81 33.49 -12.81 -22.24
N TYR K 82 33.48 -13.34 -21.01
CA TYR K 82 32.25 -13.94 -20.48
C TYR K 82 32.11 -13.71 -18.98
N THR K 83 30.85 -13.75 -18.55
CA THR K 83 30.45 -13.32 -17.24
C THR K 83 30.74 -14.37 -16.18
N ALA K 84 31.14 -13.91 -14.99
CA ALA K 84 31.38 -14.79 -13.85
C ALA K 84 30.09 -15.32 -13.22
N ASN K 85 29.01 -15.45 -13.97
CA ASN K 85 27.74 -15.87 -13.39
C ASN K 85 27.31 -17.30 -13.64
N LEU K 86 26.80 -17.99 -12.62
CA LEU K 86 26.26 -19.31 -12.89
C LEU K 86 24.80 -19.11 -13.27
N ILE K 87 24.29 -19.96 -14.15
CA ILE K 87 22.96 -19.82 -14.71
C ILE K 87 22.28 -21.17 -14.63
N ASN K 88 20.95 -21.18 -14.53
CA ASN K 88 20.22 -22.41 -14.32
C ASN K 88 19.63 -22.94 -15.63
N SER K 89 19.81 -24.25 -15.86
CA SER K 89 19.43 -24.85 -17.13
C SER K 89 17.93 -24.77 -17.38
N SER K 90 17.12 -24.77 -16.33
CA SER K 90 15.67 -24.65 -16.53
C SER K 90 15.21 -23.21 -16.67
N ASP K 91 16.13 -22.23 -16.65
CA ASP K 91 15.80 -20.83 -16.89
C ASP K 91 15.93 -20.44 -18.36
N ILE K 92 16.44 -21.33 -19.20
CA ILE K 92 16.59 -21.03 -20.61
C ILE K 92 15.33 -21.50 -21.32
N LYS K 93 14.73 -20.61 -22.10
CA LYS K 93 13.62 -21.01 -22.96
C LYS K 93 14.12 -21.61 -24.26
N SER K 94 15.16 -21.01 -24.84
CA SER K 94 15.70 -21.40 -26.13
C SER K 94 17.04 -20.71 -26.37
N ILE K 95 17.69 -21.09 -27.47
CA ILE K 95 18.94 -20.50 -27.91
C ILE K 95 18.85 -20.26 -29.42
N ASN K 96 19.32 -19.09 -29.86
CA ASN K 96 19.39 -18.73 -31.27
C ASN K 96 20.85 -18.46 -31.61
N ILE K 97 21.50 -19.44 -32.23
CA ILE K 97 22.87 -19.29 -32.70
C ILE K 97 22.84 -18.74 -34.11
N ASN K 98 23.70 -17.77 -34.40
CA ASN K 98 23.70 -17.04 -35.67
C ASN K 98 25.15 -16.77 -36.04
N VAL K 99 25.59 -17.26 -37.20
CA VAL K 99 26.98 -17.03 -37.58
C VAL K 99 27.07 -16.39 -38.94
N ILE L 1 36.94 -19.31 -6.68
CA ILE L 1 38.29 -18.76 -6.83
C ILE L 1 39.27 -19.87 -7.20
N VAL L 2 39.98 -19.67 -8.30
CA VAL L 2 40.97 -20.64 -8.78
C VAL L 2 42.32 -20.22 -8.27
N GLY L 3 43.10 -21.19 -7.79
CA GLY L 3 44.44 -20.92 -7.28
C GLY L 3 44.46 -20.23 -5.93
N GLY L 4 43.32 -20.15 -5.24
CA GLY L 4 43.21 -19.51 -3.95
C GLY L 4 43.37 -20.49 -2.81
N ARG L 5 43.01 -20.03 -1.62
CA ARG L 5 43.02 -20.87 -0.43
C ARG L 5 41.66 -20.78 0.24
N ARG L 6 41.43 -21.65 1.22
CA ARG L 6 40.22 -21.57 2.02
C ARG L 6 40.40 -20.50 3.10
N ALA L 7 39.32 -19.80 3.43
CA ALA L 7 39.38 -18.62 4.27
C ALA L 7 38.97 -18.96 5.70
N ARG L 8 39.45 -18.17 6.66
CA ARG L 8 39.10 -18.43 8.05
C ARG L 8 37.63 -18.09 8.29
N PRO L 9 36.94 -18.81 9.16
CA PRO L 9 35.49 -18.61 9.30
C PRO L 9 35.11 -17.20 9.72
N HIS L 10 34.18 -16.62 8.95
CA HIS L 10 33.57 -15.31 9.23
C HIS L 10 34.61 -14.18 9.37
N ALA L 11 35.81 -14.38 8.79
CA ALA L 11 36.78 -13.30 8.72
C ALA L 11 36.26 -12.11 7.93
N TRP L 12 35.39 -12.36 6.96
CA TRP L 12 34.83 -11.32 6.12
C TRP L 12 33.33 -11.29 6.39
N PRO L 13 32.91 -10.65 7.49
CA PRO L 13 31.51 -10.77 7.91
C PRO L 13 30.49 -10.15 6.94
N PHE L 14 30.93 -9.35 5.96
CA PHE L 14 30.02 -8.74 4.99
C PHE L 14 29.72 -9.66 3.80
N MET L 15 30.40 -10.79 3.67
CA MET L 15 30.23 -11.65 2.51
C MET L 15 28.82 -12.25 2.46
N VAL L 16 28.24 -12.25 1.27
CA VAL L 16 26.88 -12.70 1.00
C VAL L 16 26.89 -13.71 -0.14
N SER L 17 25.95 -14.65 -0.09
CA SER L 17 25.74 -15.67 -1.12
C SER L 17 24.33 -15.55 -1.67
N LEU L 18 24.20 -15.02 -2.88
CA LEU L 18 22.92 -15.03 -3.58
C LEU L 18 22.71 -16.45 -4.10
N GLN L 19 21.48 -16.94 -4.00
CA GLN L 19 21.23 -18.37 -4.20
C GLN L 19 19.91 -18.61 -4.91
N LEU L 20 19.86 -19.74 -5.62
CA LEU L 20 18.63 -20.23 -6.23
C LEU L 20 18.59 -21.74 -6.10
N ARG L 21 17.74 -22.40 -6.90
CA ARG L 21 17.47 -23.83 -6.76
C ARG L 21 18.75 -24.67 -6.67
N GLY L 22 19.72 -24.38 -7.52
CA GLY L 22 21.00 -25.08 -7.56
C GLY L 22 22.05 -24.55 -6.61
N GLY L 23 21.68 -23.61 -5.75
CA GLY L 23 22.60 -23.07 -4.79
C GLY L 23 23.32 -21.85 -5.31
N HIS L 24 24.48 -21.59 -4.70
CA HIS L 24 25.27 -20.39 -4.96
C HIS L 24 25.46 -20.16 -6.44
N PHE L 25 25.23 -18.91 -6.88
CA PHE L 25 25.56 -18.50 -8.24
C PHE L 25 26.20 -17.13 -8.35
N CYS L 26 26.23 -16.36 -7.27
CA CYS L 26 26.77 -15.00 -7.29
C CYS L 26 27.06 -14.55 -5.87
N GLY L 27 28.12 -13.76 -5.73
CA GLY L 27 28.42 -13.12 -4.47
C GLY L 27 27.60 -11.85 -4.31
N ALA L 28 27.69 -11.27 -3.12
CA ALA L 28 27.07 -9.99 -2.82
C ALA L 28 27.75 -9.43 -1.58
N THR L 29 27.53 -8.14 -1.32
CA THR L 29 28.09 -7.49 -0.15
C THR L 29 26.96 -6.78 0.58
N LEU L 30 26.92 -6.97 1.91
CA LEU L 30 26.01 -6.22 2.77
C LEU L 30 26.62 -4.85 3.07
N ILE L 31 25.90 -3.78 2.71
CA ILE L 31 26.36 -2.41 2.88
C ILE L 31 25.47 -1.61 3.82
N ALA L 32 24.35 -2.18 4.25
CA ALA L 32 23.45 -1.65 5.27
C ALA L 32 22.58 -2.82 5.70
N PRO L 33 22.07 -2.85 6.94
CA PRO L 33 21.30 -4.04 7.37
C PRO L 33 20.14 -4.43 6.45
N ASN L 34 19.68 -3.56 5.55
CA ASN L 34 18.57 -3.88 4.66
C ASN L 34 18.92 -3.64 3.18
N PHE L 35 20.21 -3.64 2.85
CA PHE L 35 20.66 -3.40 1.48
C PHE L 35 21.90 -4.23 1.22
N VAL L 36 21.86 -5.05 0.17
CA VAL L 36 23.04 -5.77 -0.28
C VAL L 36 23.38 -5.27 -1.67
N MET L 37 24.67 -5.42 -2.03
CA MET L 37 25.22 -4.89 -3.26
C MET L 37 25.84 -6.01 -4.08
N SER L 38 25.45 -6.10 -5.36
CA SER L 38 25.92 -7.17 -6.23
C SER L 38 26.08 -6.64 -7.65
N ALA L 39 26.41 -7.55 -8.57
CA ALA L 39 26.63 -7.22 -9.97
C ALA L 39 25.32 -7.26 -10.73
N ALA L 40 25.21 -6.42 -11.76
CA ALA L 40 23.90 -6.21 -12.39
C ALA L 40 23.48 -7.40 -13.23
N HIS L 41 24.44 -8.15 -13.81
CA HIS L 41 24.10 -9.31 -14.64
C HIS L 41 23.75 -10.53 -13.80
N CYS L 42 24.09 -10.53 -12.51
CA CYS L 42 23.67 -11.63 -11.64
C CYS L 42 22.16 -11.77 -11.64
N VAL L 43 21.43 -10.67 -11.83
CA VAL L 43 20.00 -10.63 -11.58
C VAL L 43 19.18 -10.31 -12.82
N ALA L 44 19.81 -9.95 -13.94
CA ALA L 44 19.04 -9.44 -15.08
C ALA L 44 18.17 -10.53 -15.70
N ASN L 45 18.71 -11.74 -15.82
CA ASN L 45 18.05 -12.81 -16.53
C ASN L 45 17.49 -13.88 -15.60
N VAL L 46 17.23 -13.53 -14.35
CA VAL L 46 16.51 -14.39 -13.42
C VAL L 46 15.17 -13.74 -13.08
N ASN L 47 14.28 -14.54 -12.48
CA ASN L 47 13.11 -13.98 -11.80
C ASN L 47 13.54 -13.61 -10.38
N VAL L 48 13.70 -12.31 -10.15
CA VAL L 48 14.33 -11.80 -8.93
C VAL L 48 13.64 -12.31 -7.68
N ARG L 49 12.30 -12.49 -7.73
CA ARG L 49 11.54 -12.91 -6.57
C ARG L 49 12.10 -14.17 -5.92
N ALA L 50 12.87 -14.95 -6.66
CA ALA L 50 13.29 -16.26 -6.21
C ALA L 50 14.66 -16.29 -5.54
N VAL L 51 15.36 -15.17 -5.43
CA VAL L 51 16.75 -15.20 -4.94
C VAL L 51 16.76 -15.22 -3.42
N ARG L 52 17.39 -16.25 -2.86
CA ARG L 52 17.65 -16.33 -1.43
C ARG L 52 19.00 -15.69 -1.11
N VAL L 53 19.00 -14.78 -0.15
CA VAL L 53 20.18 -14.01 0.24
C VAL L 53 20.69 -14.58 1.56
N VAL L 54 21.80 -15.30 1.52
CA VAL L 54 22.31 -16.06 2.67
C VAL L 54 23.47 -15.29 3.27
N LEU L 55 23.21 -14.59 4.38
CA LEU L 55 24.21 -13.76 5.05
C LEU L 55 24.99 -14.56 6.09
N GLY L 56 26.27 -14.20 6.24
CA GLY L 56 27.06 -14.76 7.31
C GLY L 56 27.29 -16.25 7.19
N ALA L 57 27.72 -16.68 6.01
CA ALA L 57 28.08 -18.07 5.77
C ALA L 57 29.60 -18.21 5.67
N HIS L 58 30.04 -19.46 5.70
CA HIS L 58 31.46 -19.72 5.49
C HIS L 58 31.69 -21.01 4.71
N ASN L 59 30.99 -22.08 5.08
CA ASN L 59 31.01 -23.32 4.32
C ASN L 59 29.59 -23.56 3.80
N LEU L 60 29.42 -23.48 2.49
CA LEU L 60 28.07 -23.61 1.94
C LEU L 60 27.59 -25.06 1.90
N SER L 61 28.50 -26.03 1.98
CA SER L 61 28.11 -27.42 1.74
C SER L 61 27.55 -28.09 2.99
N ARG L 62 27.89 -27.59 4.17
CA ARG L 62 27.27 -28.04 5.41
C ARG L 62 26.14 -27.08 5.77
N ARG L 63 25.09 -27.61 6.40
CA ARG L 63 24.09 -26.75 7.01
C ARG L 63 24.76 -25.91 8.10
N GLU L 64 24.38 -24.63 8.16
CA GLU L 64 25.05 -23.70 9.08
C GLU L 64 24.05 -23.08 10.04
N PRO L 65 24.38 -22.98 11.33
CA PRO L 65 23.49 -22.29 12.27
C PRO L 65 23.67 -20.79 12.18
N THR L 66 24.91 -20.33 11.98
CA THR L 66 25.20 -18.90 11.89
C THR L 66 24.52 -18.25 10.69
N ARG L 67 23.88 -19.04 9.83
CA ARG L 67 23.24 -18.53 8.63
C ARG L 67 21.98 -17.75 8.97
N GLN L 68 21.77 -16.68 8.21
CA GLN L 68 20.61 -15.82 8.35
C GLN L 68 20.17 -15.43 6.95
N VAL L 69 18.92 -15.76 6.61
CA VAL L 69 18.43 -15.73 5.23
C VAL L 69 17.38 -14.63 5.08
N PHE L 70 17.50 -13.85 4.00
CA PHE L 70 16.54 -12.81 3.64
C PHE L 70 16.19 -12.94 2.16
N ALA L 71 15.11 -12.28 1.75
CA ALA L 71 14.68 -12.30 0.35
C ALA L 71 14.81 -10.91 -0.26
N VAL L 72 14.60 -10.85 -1.57
CA VAL L 72 14.74 -9.61 -2.34
C VAL L 72 13.37 -9.00 -2.58
N GLN L 73 13.25 -7.69 -2.34
CA GLN L 73 12.00 -6.95 -2.30
C GLN L 73 11.92 -5.86 -3.37
N ARG L 74 13.06 -5.29 -3.76
CA ARG L 74 13.13 -4.26 -4.77
C ARG L 74 14.59 -4.08 -5.13
N ILE L 75 14.85 -3.92 -6.43
CA ILE L 75 16.20 -3.79 -6.95
C ILE L 75 16.39 -2.39 -7.49
N PHE L 76 17.63 -1.92 -7.45
CA PHE L 76 18.00 -0.59 -7.90
C PHE L 76 19.22 -0.68 -8.81
N GLU L 77 19.18 0.00 -9.95
CA GLU L 77 20.27 -0.02 -10.92
C GLU L 77 20.71 1.40 -11.27
N ASN L 78 21.88 1.50 -11.92
CA ASN L 78 22.48 2.79 -12.28
C ASN L 78 22.90 2.75 -13.75
N GLY L 79 21.92 2.49 -14.61
CA GLY L 79 22.13 2.42 -16.05
C GLY L 79 23.01 1.27 -16.48
N TYR L 80 22.56 0.05 -16.17
CA TYR L 80 23.32 -1.14 -16.53
C TYR L 80 23.30 -1.34 -18.04
N ASP L 81 24.49 -1.44 -18.64
CA ASP L 81 24.64 -1.68 -20.07
C ASP L 81 25.16 -3.09 -20.30
N PRO L 82 24.30 -4.08 -20.53
CA PRO L 82 24.78 -5.47 -20.62
C PRO L 82 25.63 -5.78 -21.85
N VAL L 83 25.65 -4.93 -22.88
CA VAL L 83 26.48 -5.21 -24.06
C VAL L 83 27.91 -4.78 -23.85
N ASN L 84 28.12 -3.58 -23.32
CA ASN L 84 29.45 -3.10 -23.02
C ASN L 84 29.83 -3.28 -21.56
N LEU L 85 28.96 -3.91 -20.76
CA LEU L 85 29.29 -4.32 -19.40
C LEU L 85 29.77 -3.13 -18.57
N LEU L 86 28.95 -2.07 -18.58
CA LEU L 86 29.21 -0.81 -17.90
C LEU L 86 28.21 -0.61 -16.78
N ASN L 87 28.67 0.03 -15.71
CA ASN L 87 27.84 0.29 -14.53
C ASN L 87 27.25 -1.01 -14.02
N ASP L 88 28.12 -2.01 -13.88
CA ASP L 88 27.69 -3.35 -13.53
C ASP L 88 27.45 -3.43 -12.02
N ILE L 89 26.39 -2.78 -11.60
CA ILE L 89 26.07 -2.69 -10.18
C ILE L 89 24.56 -2.70 -10.03
N VAL L 90 24.07 -3.54 -9.12
CA VAL L 90 22.69 -3.56 -8.71
C VAL L 90 22.71 -3.58 -7.19
N ILE L 91 21.69 -2.99 -6.58
CA ILE L 91 21.52 -3.02 -5.12
C ILE L 91 20.18 -3.69 -4.84
N LEU L 92 20.21 -4.70 -3.97
CA LEU L 92 19.05 -5.49 -3.60
C LEU L 92 18.57 -5.03 -2.24
N GLN L 93 17.28 -4.75 -2.12
CA GLN L 93 16.68 -4.36 -0.85
C GLN L 93 16.02 -5.57 -0.22
N LEU L 94 16.40 -5.87 1.01
CA LEU L 94 16.00 -7.07 1.72
C LEU L 94 14.59 -6.90 2.32
N ASN L 95 13.96 -8.04 2.64
CA ASN L 95 12.68 -8.03 3.34
C ASN L 95 12.86 -7.95 4.85
N GLY L 96 13.89 -7.25 5.31
CA GLY L 96 14.20 -7.14 6.72
C GLY L 96 15.63 -6.67 6.92
N SER L 97 16.04 -6.66 8.18
CA SER L 97 17.37 -6.22 8.55
C SER L 97 18.15 -7.33 9.25
N ALA L 98 19.47 -7.30 9.06
CA ALA L 98 20.34 -8.32 9.63
C ALA L 98 20.67 -8.02 11.09
N THR L 99 20.93 -9.08 11.84
CA THR L 99 21.38 -8.97 13.22
C THR L 99 22.89 -8.88 13.21
N ILE L 100 23.42 -7.66 13.34
CA ILE L 100 24.86 -7.45 13.23
C ILE L 100 25.54 -8.02 14.46
N ASN L 101 26.62 -8.77 14.24
CA ASN L 101 27.37 -9.38 15.32
C ASN L 101 28.80 -9.65 14.84
N ALA L 102 29.43 -10.71 15.36
CA ALA L 102 30.75 -11.10 14.90
C ALA L 102 30.70 -11.88 13.60
N ASN L 103 29.54 -12.43 13.23
CA ASN L 103 29.40 -13.21 12.00
C ASN L 103 28.89 -12.41 10.81
N VAL L 104 28.00 -11.43 11.05
CA VAL L 104 27.35 -10.65 10.01
C VAL L 104 27.62 -9.18 10.29
N GLN L 105 28.30 -8.50 9.37
CA GLN L 105 28.58 -7.07 9.54
C GLN L 105 28.40 -6.33 8.22
N VAL L 106 28.43 -5.00 8.32
CA VAL L 106 28.40 -4.10 7.16
C VAL L 106 29.82 -3.71 6.80
N ALA L 107 30.16 -3.84 5.52
CA ALA L 107 31.43 -3.34 5.01
C ALA L 107 31.35 -1.84 4.84
N GLN L 108 32.54 -1.22 4.80
CA GLN L 108 32.64 0.24 4.66
C GLN L 108 33.18 0.57 3.27
N LEU L 109 32.53 1.52 2.64
CA LEU L 109 32.73 1.86 1.25
C LEU L 109 33.78 2.96 1.11
N PRO L 110 34.42 3.05 -0.04
CA PRO L 110 35.38 4.15 -0.26
C PRO L 110 34.71 5.44 -0.68
N ALA L 111 35.52 6.43 -1.00
CA ALA L 111 35.05 7.76 -1.35
C ALA L 111 34.69 7.89 -2.83
N GLN L 112 33.76 8.79 -3.13
CA GLN L 112 33.37 9.02 -4.51
C GLN L 112 34.53 9.59 -5.30
N GLY L 113 34.79 8.99 -6.47
CA GLY L 113 35.84 9.43 -7.35
C GLY L 113 37.23 8.89 -7.03
N ARG L 114 37.38 8.15 -5.93
CA ARG L 114 38.71 7.72 -5.50
C ARG L 114 39.18 6.54 -6.35
N ARG L 115 40.26 6.72 -7.09
CA ARG L 115 40.78 5.69 -7.98
C ARG L 115 41.96 4.98 -7.34
N LEU L 116 41.98 3.65 -7.46
CA LEU L 116 43.10 2.85 -6.97
C LEU L 116 44.23 2.86 -7.98
N GLY L 117 45.45 3.09 -7.50
CA GLY L 117 46.59 3.20 -8.38
C GLY L 117 47.15 1.83 -8.76
N ASN L 118 47.94 1.83 -9.84
CA ASN L 118 48.64 0.63 -10.28
C ASN L 118 49.53 0.06 -9.18
N GLY L 119 49.04 -0.94 -8.46
CA GLY L 119 49.87 -1.65 -7.50
C GLY L 119 49.19 -2.01 -6.18
N VAL L 120 48.02 -1.42 -5.94
CA VAL L 120 47.30 -1.61 -4.66
C VAL L 120 47.07 -3.09 -4.37
N GLN L 121 47.28 -3.47 -3.12
CA GLN L 121 47.05 -4.84 -2.68
C GLN L 121 45.58 -5.00 -2.31
N CYS L 122 44.94 -6.04 -2.86
CA CYS L 122 43.53 -6.31 -2.65
C CYS L 122 43.32 -7.79 -2.39
N LEU L 123 42.10 -8.12 -1.99
CA LEU L 123 41.74 -9.49 -1.61
C LEU L 123 40.37 -9.83 -2.19
N ALA L 124 40.32 -10.84 -3.05
CA ALA L 124 39.08 -11.31 -3.65
C ALA L 124 38.55 -12.53 -2.89
N MET L 125 37.26 -12.81 -3.06
CA MET L 125 36.64 -13.88 -2.29
C MET L 125 35.38 -14.36 -2.98
N GLY L 126 34.98 -15.58 -2.66
CA GLY L 126 33.76 -16.14 -3.20
C GLY L 126 33.80 -17.64 -3.21
N TRP L 127 32.65 -18.24 -3.48
CA TRP L 127 32.48 -19.67 -3.50
C TRP L 127 32.44 -20.22 -4.92
N GLY L 128 33.02 -19.49 -5.85
CA GLY L 128 32.98 -19.90 -7.24
C GLY L 128 33.76 -21.17 -7.49
N LEU L 129 33.67 -21.64 -8.74
CA LEU L 129 34.48 -22.73 -9.26
C LEU L 129 35.92 -22.68 -8.74
N LEU L 130 36.46 -23.85 -8.38
CA LEU L 130 37.83 -23.95 -7.89
C LEU L 130 38.86 -23.94 -9.02
N GLY L 131 38.44 -24.26 -10.24
CA GLY L 131 39.31 -24.18 -11.40
C GLY L 131 38.45 -24.01 -12.64
N ARG L 132 39.11 -23.98 -13.79
CA ARG L 132 38.37 -23.98 -15.05
C ARG L 132 37.50 -25.23 -15.18
N ASN L 133 37.97 -26.36 -14.67
CA ASN L 133 37.09 -27.50 -14.46
C ASN L 133 36.68 -27.52 -12.99
N ARG L 134 36.62 -28.71 -12.39
CA ARG L 134 36.30 -28.82 -10.97
C ARG L 134 34.95 -28.18 -10.64
N GLY L 135 34.60 -28.11 -9.35
CA GLY L 135 33.29 -27.58 -9.00
C GLY L 135 33.34 -26.33 -8.15
N ILE L 136 32.17 -25.83 -7.76
CA ILE L 136 32.12 -24.66 -6.89
C ILE L 136 32.87 -24.97 -5.59
N ALA L 137 33.41 -23.93 -4.97
CA ALA L 137 34.00 -24.10 -3.66
C ALA L 137 32.92 -24.46 -2.65
N SER L 138 33.36 -25.07 -1.54
CA SER L 138 32.53 -25.23 -0.35
C SER L 138 32.91 -24.19 0.70
N VAL L 139 34.17 -24.18 1.13
CA VAL L 139 34.65 -23.13 2.03
C VAL L 139 34.88 -21.87 1.23
N LEU L 140 34.53 -20.72 1.82
CA LEU L 140 34.83 -19.43 1.21
C LEU L 140 36.32 -19.33 0.92
N GLN L 141 36.64 -18.99 -0.33
CA GLN L 141 38.02 -18.82 -0.79
C GLN L 141 38.39 -17.35 -0.75
N GLU L 142 39.71 -17.11 -0.72
CA GLU L 142 40.26 -15.77 -0.79
C GLU L 142 41.58 -15.85 -1.54
N LEU L 143 42.00 -14.72 -2.11
CA LEU L 143 43.16 -14.71 -3.00
C LEU L 143 43.79 -13.32 -3.07
N ASN L 144 45.04 -13.22 -2.60
CA ASN L 144 45.77 -11.96 -2.68
C ASN L 144 45.98 -11.61 -4.15
N VAL L 145 45.39 -10.50 -4.59
CA VAL L 145 45.46 -10.06 -5.99
C VAL L 145 45.97 -8.63 -6.03
N THR L 146 46.37 -8.20 -7.22
CA THR L 146 47.03 -6.91 -7.40
C THR L 146 46.32 -6.07 -8.44
N VAL L 147 46.10 -4.79 -8.13
CA VAL L 147 45.44 -3.92 -9.09
C VAL L 147 46.35 -3.67 -10.27
N VAL L 148 45.77 -3.69 -11.48
CA VAL L 148 46.50 -3.42 -12.70
C VAL L 148 45.73 -2.37 -13.48
N THR L 149 46.45 -1.70 -14.37
CA THR L 149 45.88 -0.65 -15.20
C THR L 149 45.98 -0.96 -16.70
N SER L 150 47.08 -1.56 -17.13
CA SER L 150 47.19 -1.93 -18.53
C SER L 150 46.40 -3.21 -18.80
N LEU L 151 45.86 -3.31 -20.02
CA LEU L 151 44.93 -4.38 -20.38
C LEU L 151 43.69 -4.30 -19.51
N CYS L 152 43.16 -3.08 -19.38
CA CYS L 152 42.01 -2.87 -18.51
C CYS L 152 41.16 -1.72 -19.06
N ARG L 153 40.36 -1.11 -18.19
CA ARG L 153 39.52 0.01 -18.58
C ARG L 153 39.53 1.09 -17.52
N ARG L 154 39.33 2.33 -17.97
CA ARG L 154 39.04 3.42 -17.06
C ARG L 154 37.68 3.25 -16.39
N SER L 155 36.84 2.33 -16.85
CA SER L 155 35.51 2.14 -16.27
C SER L 155 35.37 0.80 -15.56
N ASN L 156 36.47 0.11 -15.32
CA ASN L 156 36.50 -1.11 -14.54
C ASN L 156 37.67 -1.01 -13.58
N VAL L 157 37.71 -1.92 -12.63
CA VAL L 157 38.89 -2.15 -11.78
C VAL L 157 39.36 -3.56 -12.08
N CYS L 158 40.60 -3.69 -12.54
CA CYS L 158 41.12 -5.00 -12.91
C CYS L 158 42.19 -5.44 -11.93
N THR L 159 42.27 -6.77 -11.75
CA THR L 159 43.20 -7.43 -10.84
C THR L 159 43.87 -8.61 -11.55
N LEU L 160 45.12 -8.87 -11.16
CA LEU L 160 45.96 -9.91 -11.73
C LEU L 160 46.80 -10.54 -10.63
N VAL L 161 47.17 -11.80 -10.82
CA VAL L 161 48.08 -12.48 -9.91
C VAL L 161 49.26 -12.91 -10.77
N ARG L 162 50.32 -12.11 -10.82
CA ARG L 162 51.42 -12.40 -11.74
C ARG L 162 51.98 -13.79 -11.47
N GLY L 163 52.37 -14.49 -12.52
CA GLY L 163 53.13 -15.72 -12.37
C GLY L 163 52.38 -16.97 -11.93
N ARG L 164 51.05 -16.92 -11.83
CA ARG L 164 50.27 -18.12 -11.57
C ARG L 164 48.87 -17.94 -12.15
N GLN L 165 48.25 -19.07 -12.47
CA GLN L 165 46.87 -19.11 -12.94
C GLN L 165 45.97 -19.07 -11.72
N ALA L 166 45.52 -17.87 -11.40
CA ALA L 166 44.68 -17.62 -10.25
C ALA L 166 43.77 -16.44 -10.53
N GLY L 167 42.56 -16.50 -9.99
CA GLY L 167 41.64 -15.39 -10.10
C GLY L 167 40.22 -15.81 -9.81
N VAL L 168 39.30 -14.94 -10.21
CA VAL L 168 37.87 -15.20 -10.02
C VAL L 168 37.37 -16.14 -11.11
N CYS L 169 36.34 -16.90 -10.77
CA CYS L 169 35.77 -17.92 -11.65
C CYS L 169 34.26 -17.91 -11.48
N PHE L 170 33.61 -18.91 -12.03
CA PHE L 170 32.17 -18.81 -12.24
C PHE L 170 31.43 -19.12 -10.96
N GLY L 171 30.55 -18.21 -10.58
CA GLY L 171 30.04 -18.15 -9.24
C GLY L 171 30.67 -17.07 -8.40
N ASP L 172 31.71 -16.40 -8.88
CA ASP L 172 32.28 -15.30 -8.13
C ASP L 172 31.72 -13.94 -8.52
N SER L 173 30.85 -13.86 -9.52
CA SER L 173 30.22 -12.59 -9.87
C SER L 173 29.56 -11.99 -8.64
N GLY L 174 29.58 -10.66 -8.54
CA GLY L 174 29.04 -9.97 -7.39
C GLY L 174 29.92 -9.99 -6.15
N SER L 175 31.03 -10.70 -6.16
CA SER L 175 31.86 -10.80 -4.98
C SER L 175 32.62 -9.50 -4.74
N PRO L 176 33.02 -9.24 -3.50
CA PRO L 176 33.77 -8.02 -3.23
C PRO L 176 35.27 -8.16 -3.43
N LEU L 177 35.85 -7.07 -3.87
CA LEU L 177 37.28 -6.82 -3.85
C LEU L 177 37.54 -5.79 -2.76
N VAL L 178 38.35 -6.16 -1.77
CA VAL L 178 38.66 -5.30 -0.62
C VAL L 178 40.06 -4.73 -0.82
N CYS L 179 40.18 -3.41 -0.67
CA CYS L 179 41.44 -2.68 -0.79
C CYS L 179 41.43 -1.54 0.22
N ASN L 180 42.34 -1.57 1.19
CA ASN L 180 42.40 -0.58 2.26
C ASN L 180 41.14 -0.63 3.14
N GLY L 181 40.69 -1.85 3.45
CA GLY L 181 39.47 -2.02 4.21
C GLY L 181 38.22 -1.48 3.57
N LEU L 182 38.27 -1.10 2.30
CA LEU L 182 37.10 -0.61 1.58
C LEU L 182 36.72 -1.56 0.45
N ILE L 183 35.42 -1.67 0.19
CA ILE L 183 34.95 -2.49 -0.93
C ILE L 183 35.09 -1.66 -2.19
N HIS L 184 36.13 -1.94 -2.98
CA HIS L 184 36.40 -1.14 -4.17
C HIS L 184 35.95 -1.80 -5.45
N GLY L 185 35.71 -3.10 -5.43
CA GLY L 185 35.37 -3.83 -6.64
C GLY L 185 34.28 -4.85 -6.43
N ILE L 186 33.49 -5.04 -7.48
CA ILE L 186 32.49 -6.09 -7.57
C ILE L 186 32.82 -6.93 -8.80
N ALA L 187 33.26 -8.18 -8.57
CA ALA L 187 33.68 -9.07 -9.65
C ALA L 187 32.66 -9.05 -10.77
N SER L 188 33.14 -8.72 -11.98
CA SER L 188 32.24 -8.53 -13.13
C SER L 188 32.51 -9.53 -14.23
N PHE L 189 33.70 -9.59 -14.82
CA PHE L 189 33.86 -10.54 -15.91
C PHE L 189 35.32 -10.95 -16.06
N VAL L 190 35.51 -12.08 -16.73
CA VAL L 190 36.84 -12.59 -17.05
C VAL L 190 37.02 -12.61 -18.56
N ARG L 191 38.25 -12.85 -19.00
CA ARG L 191 38.61 -12.81 -20.41
C ARG L 191 39.43 -14.05 -20.78
N GLY L 192 39.04 -14.71 -21.86
CA GLY L 192 39.80 -15.87 -22.29
C GLY L 192 39.55 -17.05 -21.40
N GLY L 193 38.90 -16.83 -20.29
CA GLY L 193 38.58 -17.87 -19.34
C GLY L 193 39.08 -17.56 -17.96
N CYS L 194 38.59 -18.37 -17.02
CA CYS L 194 39.04 -18.29 -15.63
C CYS L 194 40.54 -18.49 -15.53
N ALA L 195 41.17 -17.80 -14.58
CA ALA L 195 42.59 -17.95 -14.27
C ALA L 195 43.43 -17.92 -15.56
N SER L 196 43.06 -17.01 -16.46
CA SER L 196 43.81 -16.88 -17.72
C SER L 196 45.29 -16.72 -17.45
N GLY L 197 45.65 -15.93 -16.44
CA GLY L 197 47.03 -15.58 -16.18
C GLY L 197 47.55 -14.42 -16.98
N LEU L 198 46.94 -14.10 -18.12
CA LEU L 198 47.31 -12.95 -18.94
C LEU L 198 46.30 -11.81 -18.87
N TYR L 199 45.02 -12.13 -18.90
CA TYR L 199 44.08 -11.03 -18.87
C TYR L 199 43.54 -10.87 -17.46
N PRO L 200 43.47 -9.65 -16.94
CA PRO L 200 43.03 -9.48 -15.55
C PRO L 200 41.56 -9.78 -15.42
N ASP L 201 41.17 -10.12 -14.21
CA ASP L 201 39.76 -10.14 -13.86
C ASP L 201 39.27 -8.71 -13.73
N ALA L 202 38.00 -8.51 -14.05
CA ALA L 202 37.37 -7.20 -14.11
C ALA L 202 36.39 -7.06 -12.96
N PHE L 203 36.52 -5.96 -12.20
CA PHE L 203 35.60 -5.66 -11.12
C PHE L 203 34.89 -4.36 -11.45
N ALA L 204 33.59 -4.29 -11.12
CA ALA L 204 32.86 -3.05 -11.28
C ALA L 204 33.43 -2.06 -10.29
N PRO L 205 33.71 -0.82 -10.70
CA PRO L 205 34.42 0.09 -9.78
C PRO L 205 33.47 0.74 -8.79
N VAL L 206 33.46 0.24 -7.55
CA VAL L 206 32.58 0.78 -6.53
C VAL L 206 32.88 2.27 -6.30
N ALA L 207 34.14 2.66 -6.52
CA ALA L 207 34.56 4.02 -6.25
C ALA L 207 33.93 5.04 -7.20
N GLN L 208 33.34 4.59 -8.31
CA GLN L 208 32.68 5.51 -9.22
C GLN L 208 31.22 5.73 -8.87
N PHE L 209 30.65 4.85 -8.03
CA PHE L 209 29.21 4.83 -7.81
C PHE L 209 28.81 5.22 -6.38
N VAL L 210 29.67 5.93 -5.65
CA VAL L 210 29.40 6.17 -4.23
C VAL L 210 28.14 7.01 -4.05
N ASN L 211 28.07 8.17 -4.73
CA ASN L 211 26.89 9.03 -4.63
C ASN L 211 25.60 8.26 -4.87
N TRP L 212 25.53 7.55 -6.00
CA TRP L 212 24.34 6.81 -6.34
C TRP L 212 24.05 5.76 -5.28
N ILE L 213 25.09 5.03 -4.85
CA ILE L 213 24.92 4.06 -3.77
C ILE L 213 24.38 4.74 -2.53
N ASP L 214 24.96 5.89 -2.17
CA ASP L 214 24.50 6.63 -0.99
C ASP L 214 23.02 6.92 -1.07
N SER L 215 22.53 7.39 -2.21
CA SER L 215 21.15 7.86 -2.26
C SER L 215 20.12 6.73 -2.13
N ILE L 216 20.55 5.48 -2.10
CA ILE L 216 19.60 4.36 -2.10
C ILE L 216 19.61 3.62 -0.75
N ILE L 217 20.76 3.59 -0.08
CA ILE L 217 20.78 3.15 1.30
C ILE L 217 20.70 4.32 2.29
N GLN L 218 20.80 5.57 1.81
CA GLN L 218 20.74 6.80 2.60
C GLN L 218 22.01 7.02 3.42
#